data_2IV3
#
_entry.id   2IV3
#
_cell.length_a   51.470
_cell.length_b   74.370
_cell.length_c   90.640
_cell.angle_alpha   89.99
_cell.angle_beta   92.70
_cell.angle_gamma   100.73
#
_symmetry.space_group_name_H-M   'P 1'
#
loop_
_entity.id
_entity.type
_entity.pdbx_description
1 polymer GLYCOSYLTRANSFERASE
2 non-polymer "URIDINE-5'-DIPHOSPHATE"
3 non-polymer GLYCEROL
4 water water
#
_entity_poly.entity_id   1
_entity_poly.type   'polypeptide(L)'
_entity_poly.pdbx_seq_one_letter_code
;MRPLKVALVNIPLRVPGSDAWISVPPQGYGGIQWVVANLMDGLLELGHEVFLLGAPGSPAGRPGLTVVPAGEPEEIERWL
RTADVDVVHDHSGGVIGPAGLPPGTAFISSHHFTTRPVNPVGCTYSSRAQRAHCGGGDDAPVIPIPVDPARYRSAADQVA
KEDFLLFMGRVSPHKGALEAAAFAHACGRRLVLAGPAWEPEYFDEITRRYGSTVEPIGEVGGERRLDLLASAHAVLAMSQ
AVTGPWGGIWCEPGATVVSEAAVSGTPVVGTGNGCLAEIVPSVGEVVGYGTDFAPDEARRTLAGLPASDEVRRAAVRLWG
HVTIAERYVEQYRRLLAGATWK
;
_entity_poly.pdbx_strand_id   A,B,C,D
#
loop_
_chem_comp.id
_chem_comp.type
_chem_comp.name
_chem_comp.formula
GOL non-polymer GLYCEROL 'C3 H8 O3'
UDP RNA linking URIDINE-5'-DIPHOSPHATE 'C9 H14 N2 O12 P2'
#
# COMPACT_ATOMS: atom_id res chain seq x y z
N PRO A 3 -7.38 2.95 11.16
CA PRO A 3 -7.06 1.57 10.78
C PRO A 3 -8.32 0.71 10.70
N LEU A 4 -8.18 -0.40 9.99
CA LEU A 4 -9.31 -1.22 9.64
C LEU A 4 -9.17 -2.62 10.17
N LYS A 5 -10.32 -3.28 10.34
CA LYS A 5 -10.35 -4.71 10.51
C LYS A 5 -10.96 -5.30 9.26
N VAL A 6 -10.18 -6.13 8.61
CA VAL A 6 -10.50 -6.68 7.34
C VAL A 6 -10.64 -8.14 7.60
N ALA A 7 -11.76 -8.71 7.18
CA ALA A 7 -11.98 -10.15 7.24
C ALA A 7 -11.61 -10.53 5.86
N LEU A 8 -10.71 -11.51 5.78
CA LEU A 8 -10.17 -12.01 4.54
C LEU A 8 -10.62 -13.44 4.30
N VAL A 9 -11.44 -13.63 3.27
CA VAL A 9 -11.98 -14.95 3.02
C VAL A 9 -11.14 -15.73 2.02
N ASN A 10 -10.40 -16.71 2.54
CA ASN A 10 -9.63 -17.59 1.72
C ASN A 10 -10.64 -18.44 1.00
N ILE A 11 -10.19 -19.25 0.05
CA ILE A 11 -10.97 -20.28 -0.56
C ILE A 11 -10.96 -21.49 0.37
N PRO A 12 -12.14 -21.80 0.96
CA PRO A 12 -12.21 -22.93 1.88
C PRO A 12 -12.13 -24.31 1.20
N LEU A 13 -11.03 -25.01 1.46
CA LEU A 13 -10.73 -26.28 0.81
C LEU A 13 -10.06 -27.22 1.80
N ARG A 14 -10.49 -28.46 1.78
CA ARG A 14 -9.88 -29.45 2.65
C ARG A 14 -8.63 -29.97 1.97
N VAL A 15 -7.68 -30.39 2.80
CA VAL A 15 -6.54 -31.14 2.37
C VAL A 15 -7.09 -32.45 1.81
N PRO A 16 -6.62 -32.84 0.62
CA PRO A 16 -7.16 -34.01 -0.11
C PRO A 16 -7.10 -35.34 0.64
N GLY A 17 -8.26 -35.96 0.82
CA GLY A 17 -8.33 -37.18 1.59
C GLY A 17 -8.23 -37.01 3.09
N SER A 18 -8.21 -35.78 3.57
CA SER A 18 -8.23 -35.50 5.00
C SER A 18 -9.34 -34.52 5.35
N ASP A 19 -9.57 -34.37 6.65
CA ASP A 19 -10.64 -33.53 7.13
C ASP A 19 -10.12 -32.13 7.38
N ALA A 20 -8.82 -32.05 7.64
CA ALA A 20 -8.14 -30.79 7.91
C ALA A 20 -8.12 -29.84 6.72
N TRP A 21 -7.95 -28.57 7.03
CA TRP A 21 -8.00 -27.49 6.05
C TRP A 21 -6.62 -27.14 5.44
N ILE A 22 -6.64 -26.66 4.21
CA ILE A 22 -5.46 -26.14 3.58
C ILE A 22 -5.27 -24.75 4.19
N SER A 23 -4.06 -24.53 4.68
CA SER A 23 -3.79 -23.32 5.41
C SER A 23 -3.47 -22.15 4.49
N VAL A 24 -3.18 -21.01 5.11
CA VAL A 24 -2.68 -19.85 4.46
C VAL A 24 -1.45 -19.41 5.24
N PRO A 25 -0.28 -19.37 4.59
CA PRO A 25 -0.03 -19.81 3.21
C PRO A 25 -0.22 -21.33 3.13
N PRO A 26 -0.39 -21.89 1.92
CA PRO A 26 -0.77 -23.28 1.83
C PRO A 26 0.44 -24.21 2.06
N GLN A 27 0.27 -25.38 2.65
CA GLN A 27 1.43 -26.33 2.96
C GLN A 27 2.12 -26.77 1.65
N GLY A 28 1.38 -26.67 0.55
CA GLY A 28 1.82 -27.14 -0.74
C GLY A 28 1.24 -26.22 -1.80
N TYR A 29 0.69 -26.85 -2.84
CA TYR A 29 0.11 -26.17 -4.01
C TYR A 29 -1.10 -25.37 -3.63
N GLY A 30 -1.19 -24.14 -4.12
CA GLY A 30 -2.38 -23.32 -3.96
C GLY A 30 -1.97 -21.87 -4.02
N GLY A 31 -2.52 -21.12 -4.99
CA GLY A 31 -2.10 -19.72 -5.24
C GLY A 31 -3.04 -18.64 -4.73
N ILE A 32 -4.31 -18.98 -4.57
CA ILE A 32 -5.20 -18.11 -3.86
C ILE A 32 -4.74 -17.98 -2.41
N GLN A 33 -4.25 -19.09 -1.86
CA GLN A 33 -3.87 -19.13 -0.47
C GLN A 33 -2.60 -18.29 -0.23
N TRP A 34 -1.69 -18.25 -1.23
CA TRP A 34 -0.54 -17.34 -1.25
C TRP A 34 -0.93 -15.86 -1.50
N VAL A 35 -1.74 -15.60 -2.50
CA VAL A 35 -2.23 -14.22 -2.68
C VAL A 35 -2.63 -13.66 -1.33
N VAL A 36 -3.48 -14.42 -0.62
CA VAL A 36 -4.07 -14.03 0.67
C VAL A 36 -2.98 -13.80 1.75
N ALA A 37 -2.10 -14.80 1.91
CA ALA A 37 -0.94 -14.70 2.80
C ALA A 37 -0.11 -13.45 2.53
N ASN A 38 0.25 -13.24 1.25
CA ASN A 38 1.00 -12.05 0.80
C ASN A 38 0.23 -10.73 1.03
N LEU A 39 -1.07 -10.78 0.85
CA LEU A 39 -1.90 -9.57 1.04
C LEU A 39 -1.96 -9.27 2.56
N MET A 40 -2.20 -10.33 3.33
CA MET A 40 -2.43 -10.19 4.77
C MET A 40 -1.20 -9.52 5.39
N ASP A 41 -0.02 -10.03 5.01
CA ASP A 41 1.29 -9.42 5.30
C ASP A 41 1.26 -7.92 5.04
N GLY A 42 0.87 -7.53 3.83
CA GLY A 42 0.83 -6.12 3.48
C GLY A 42 -0.09 -5.37 4.42
N LEU A 43 -1.29 -5.90 4.60
CA LEU A 43 -2.30 -5.26 5.39
C LEU A 43 -1.89 -5.16 6.85
N LEU A 44 -1.21 -6.19 7.33
CA LEU A 44 -0.78 -6.26 8.70
C LEU A 44 0.33 -5.25 8.95
N GLU A 45 1.18 -5.07 7.93
CA GLU A 45 2.27 -4.11 7.91
C GLU A 45 1.75 -2.66 7.97
N LEU A 46 0.67 -2.39 7.22
CA LEU A 46 0.11 -1.05 7.10
C LEU A 46 -0.69 -0.66 8.34
N GLY A 47 -0.71 -1.57 9.32
CA GLY A 47 -1.40 -1.33 10.58
C GLY A 47 -2.83 -1.80 10.70
N HIS A 48 -3.32 -2.61 9.77
CA HIS A 48 -4.70 -3.09 9.86
C HIS A 48 -4.85 -4.44 10.56
N GLU A 49 -6.06 -4.69 11.02
CA GLU A 49 -6.38 -5.91 11.72
C GLU A 49 -7.00 -6.88 10.76
N VAL A 50 -6.48 -8.10 10.76
CA VAL A 50 -6.88 -9.05 9.77
C VAL A 50 -7.56 -10.17 10.49
N PHE A 51 -8.60 -10.70 9.87
CA PHE A 51 -9.33 -11.84 10.38
C PHE A 51 -9.38 -12.81 9.21
N LEU A 52 -8.75 -13.94 9.39
CA LEU A 52 -8.63 -14.91 8.34
C LEU A 52 -9.66 -16.01 8.53
N LEU A 53 -10.57 -16.05 7.55
CA LEU A 53 -11.59 -17.05 7.44
C LEU A 53 -11.33 -17.90 6.21
N GLY A 54 -11.92 -19.10 6.19
CA GLY A 54 -11.76 -20.02 5.12
C GLY A 54 -10.45 -20.77 5.22
N ALA A 55 -9.77 -20.65 6.36
CA ALA A 55 -8.47 -21.31 6.53
C ALA A 55 -8.15 -21.61 8.00
N PRO A 56 -9.03 -22.37 8.69
CA PRO A 56 -8.77 -22.63 10.11
C PRO A 56 -7.47 -23.46 10.32
N GLY A 57 -6.72 -23.18 11.36
CA GLY A 57 -5.51 -23.94 11.61
C GLY A 57 -4.20 -23.39 11.06
N SER A 58 -4.25 -22.19 10.50
CA SER A 58 -3.12 -21.54 9.85
C SER A 58 -2.22 -20.94 10.92
N PRO A 59 -0.96 -20.68 10.59
CA PRO A 59 -0.08 -19.98 11.51
C PRO A 59 -0.70 -18.70 12.05
N ALA A 60 -0.84 -18.62 13.35
CA ALA A 60 -1.45 -17.45 13.98
C ALA A 60 -0.43 -16.55 14.63
N GLY A 64 -1.18 -8.42 14.67
CA GLY A 64 -2.61 -8.23 14.60
C GLY A 64 -3.41 -9.15 13.68
N LEU A 65 -3.00 -10.41 13.55
CA LEU A 65 -3.76 -11.38 12.79
C LEU A 65 -4.71 -12.14 13.73
N THR A 66 -5.91 -12.45 13.27
CA THR A 66 -6.79 -13.42 13.93
C THR A 66 -7.26 -14.47 12.94
N VAL A 67 -6.85 -15.71 13.14
CA VAL A 67 -7.36 -16.81 12.33
C VAL A 67 -8.65 -17.40 12.88
N VAL A 68 -9.75 -17.19 12.18
CA VAL A 68 -11.05 -17.66 12.64
C VAL A 68 -11.29 -19.15 12.33
N PRO A 69 -11.76 -19.91 13.35
CA PRO A 69 -12.02 -21.36 13.19
C PRO A 69 -13.29 -21.68 12.35
N ALA A 70 -13.58 -20.88 11.34
CA ALA A 70 -14.67 -21.14 10.40
C ALA A 70 -14.07 -21.46 9.03
N GLY A 71 -14.11 -22.74 8.66
CA GLY A 71 -13.75 -23.18 7.31
C GLY A 71 -14.93 -23.47 6.39
N GLU A 72 -15.90 -24.28 6.84
CA GLU A 72 -17.15 -24.50 6.10
C GLU A 72 -17.85 -23.19 5.77
N PRO A 73 -18.30 -23.04 4.51
CA PRO A 73 -19.02 -21.84 4.07
C PRO A 73 -20.17 -21.40 4.99
N GLU A 74 -20.99 -22.35 5.48
CA GLU A 74 -22.03 -22.05 6.48
C GLU A 74 -21.37 -21.45 7.74
N GLU A 75 -20.29 -22.10 8.21
CA GLU A 75 -19.52 -21.63 9.36
C GLU A 75 -18.97 -20.21 9.15
N ILE A 76 -18.40 -19.95 7.97
CA ILE A 76 -17.88 -18.63 7.58
C ILE A 76 -18.95 -17.56 7.52
N GLU A 77 -20.07 -17.88 6.88
CA GLU A 77 -21.11 -16.88 6.68
C GLU A 77 -21.88 -16.56 7.98
N ARG A 78 -22.03 -17.53 8.85
CA ARG A 78 -22.55 -17.25 10.21
C ARG A 78 -21.63 -16.26 11.01
N TRP A 79 -20.33 -16.50 10.99
CA TRP A 79 -19.35 -15.58 11.59
C TRP A 79 -19.42 -14.15 11.00
N LEU A 80 -19.43 -14.05 9.67
CA LEU A 80 -19.63 -12.76 8.93
C LEU A 80 -20.89 -11.98 9.27
N ARG A 81 -22.00 -12.68 9.41
CA ARG A 81 -23.26 -12.08 9.83
C ARG A 81 -23.20 -11.37 11.22
N THR A 82 -22.29 -11.77 12.11
CA THR A 82 -22.23 -11.12 13.42
C THR A 82 -20.96 -10.31 13.68
N ALA A 83 -19.98 -10.31 12.77
CA ALA A 83 -18.68 -9.71 13.10
C ALA A 83 -18.70 -8.18 13.10
N ASP A 84 -17.79 -7.60 13.86
CA ASP A 84 -17.60 -6.16 13.82
C ASP A 84 -16.36 -5.90 13.03
N VAL A 85 -16.46 -6.05 11.70
CA VAL A 85 -15.39 -5.62 10.80
C VAL A 85 -15.90 -4.53 9.84
N ASP A 86 -14.96 -3.76 9.31
CA ASP A 86 -15.26 -2.71 8.40
C ASP A 86 -15.42 -3.31 7.03
N VAL A 87 -14.60 -4.33 6.74
CA VAL A 87 -14.48 -4.86 5.39
C VAL A 87 -14.45 -6.37 5.35
N VAL A 88 -15.30 -6.90 4.47
CA VAL A 88 -15.23 -8.27 4.05
C VAL A 88 -14.57 -8.34 2.66
N HIS A 89 -13.43 -9.03 2.59
CA HIS A 89 -12.72 -9.16 1.32
C HIS A 89 -12.73 -10.63 0.85
N ASP A 90 -13.56 -10.94 -0.13
CA ASP A 90 -13.67 -12.30 -0.61
C ASP A 90 -12.64 -12.67 -1.65
N HIS A 91 -11.88 -13.72 -1.36
CA HIS A 91 -11.06 -14.41 -2.35
C HIS A 91 -11.55 -15.79 -2.78
N SER A 92 -12.73 -16.21 -2.34
CA SER A 92 -13.16 -17.61 -2.60
C SER A 92 -13.96 -17.82 -3.87
N GLY A 93 -14.21 -16.74 -4.61
CA GLY A 93 -15.06 -16.84 -5.80
C GLY A 93 -16.51 -16.89 -5.39
N GLY A 94 -16.84 -16.28 -4.28
CA GLY A 94 -18.24 -16.04 -3.97
C GLY A 94 -18.88 -17.19 -3.22
N VAL A 95 -18.06 -18.05 -2.65
CA VAL A 95 -18.51 -18.95 -1.59
C VAL A 95 -19.38 -18.21 -0.57
N ILE A 96 -19.10 -16.91 -0.38
CA ILE A 96 -19.99 -16.01 0.41
C ILE A 96 -20.25 -14.72 -0.34
N GLY A 97 -21.10 -13.83 0.17
CA GLY A 97 -21.53 -12.65 -0.59
C GLY A 97 -21.98 -11.51 0.28
N PRO A 98 -22.40 -10.37 -0.32
CA PRO A 98 -22.77 -9.14 0.45
C PRO A 98 -23.93 -9.35 1.39
N ALA A 99 -24.96 -10.08 0.98
CA ALA A 99 -26.18 -10.25 1.77
C ALA A 99 -25.95 -10.87 3.15
N GLY A 100 -26.53 -10.24 4.16
CA GLY A 100 -26.46 -10.75 5.51
C GLY A 100 -25.24 -10.31 6.32
N LEU A 101 -24.50 -9.34 5.81
CA LEU A 101 -23.42 -8.70 6.58
C LEU A 101 -24.03 -7.56 7.40
N PRO A 102 -23.43 -7.25 8.56
CA PRO A 102 -24.03 -6.16 9.34
C PRO A 102 -23.93 -4.79 8.64
N PRO A 103 -24.90 -3.88 8.87
CA PRO A 103 -25.00 -2.65 8.12
C PRO A 103 -23.74 -1.82 8.20
N GLY A 104 -23.25 -1.36 7.07
CA GLY A 104 -22.03 -0.56 7.02
C GLY A 104 -20.75 -1.40 7.01
N THR A 105 -20.86 -2.71 6.81
CA THR A 105 -19.70 -3.51 6.44
C THR A 105 -19.59 -3.51 4.91
N ALA A 106 -18.41 -3.17 4.42
CA ALA A 106 -18.15 -3.06 2.99
C ALA A 106 -17.83 -4.42 2.39
N PHE A 107 -18.30 -4.65 1.16
CA PHE A 107 -17.99 -5.89 0.45
C PHE A 107 -17.08 -5.73 -0.78
N ILE A 108 -15.99 -6.46 -0.83
CA ILE A 108 -15.04 -6.41 -1.95
C ILE A 108 -14.56 -7.86 -2.16
N SER A 109 -14.31 -8.24 -3.41
CA SER A 109 -13.70 -9.54 -3.75
C SER A 109 -12.45 -9.30 -4.57
N SER A 110 -11.49 -10.20 -4.46
CA SER A 110 -10.46 -10.32 -5.49
C SER A 110 -10.81 -11.51 -6.38
N HIS A 111 -11.04 -11.27 -7.67
CA HIS A 111 -11.46 -12.35 -8.55
C HIS A 111 -10.26 -13.22 -8.97
N HIS A 112 -10.27 -14.52 -8.67
CA HIS A 112 -9.09 -15.36 -8.90
C HIS A 112 -9.33 -16.44 -9.99
N PHE A 113 -10.33 -16.16 -10.85
CA PHE A 113 -10.94 -17.21 -11.70
C PHE A 113 -11.10 -16.77 -13.12
N THR A 114 -11.24 -17.75 -14.01
CA THR A 114 -11.34 -17.54 -15.45
C THR A 114 -12.75 -17.16 -15.83
N THR A 115 -13.66 -17.38 -14.87
CA THR A 115 -15.08 -17.33 -15.16
C THR A 115 -15.64 -16.12 -14.53
N ARG A 116 -16.81 -15.72 -15.00
CA ARG A 116 -17.46 -14.55 -14.45
C ARG A 116 -17.82 -14.80 -12.97
N PRO A 117 -17.63 -13.77 -12.12
CA PRO A 117 -17.88 -13.92 -10.67
C PRO A 117 -19.35 -13.84 -10.21
N VAL A 118 -19.65 -14.60 -9.16
CA VAL A 118 -20.95 -14.54 -8.48
C VAL A 118 -21.23 -13.11 -8.09
N ASN A 119 -20.22 -12.46 -7.53
CA ASN A 119 -20.40 -11.15 -6.91
C ASN A 119 -19.71 -10.05 -7.74
N PRO A 120 -20.28 -9.74 -8.91
CA PRO A 120 -19.62 -8.77 -9.77
C PRO A 120 -19.49 -7.39 -9.14
N VAL A 121 -20.41 -7.02 -8.23
CA VAL A 121 -20.33 -5.75 -7.52
C VAL A 121 -19.19 -5.79 -6.48
N GLY A 122 -18.35 -4.74 -6.46
CA GLY A 122 -17.17 -4.71 -5.57
C GLY A 122 -16.19 -5.82 -5.91
N CYS A 123 -16.10 -6.15 -7.18
CA CYS A 123 -15.09 -7.11 -7.60
C CYS A 123 -13.91 -6.34 -8.18
N THR A 124 -12.72 -6.90 -7.91
CA THR A 124 -11.45 -6.46 -8.50
C THR A 124 -10.86 -7.66 -9.20
N TYR A 125 -10.00 -7.41 -10.19
CA TYR A 125 -9.42 -8.43 -11.05
C TYR A 125 -7.93 -8.24 -11.02
N SER A 126 -7.20 -9.35 -11.16
CA SER A 126 -5.76 -9.27 -11.06
C SER A 126 -5.16 -8.77 -12.36
N SER A 127 -5.93 -8.84 -13.45
CA SER A 127 -5.43 -8.43 -14.78
C SER A 127 -6.57 -7.93 -15.68
N ARG A 128 -6.19 -7.06 -16.60
CA ARG A 128 -7.09 -6.51 -17.60
C ARG A 128 -7.65 -7.55 -18.58
N ALA A 129 -6.90 -8.60 -18.89
CA ALA A 129 -7.41 -9.70 -19.70
C ALA A 129 -8.53 -10.42 -18.94
N GLN A 130 -8.27 -10.82 -17.71
CA GLN A 130 -9.28 -11.35 -16.78
C GLN A 130 -10.57 -10.48 -16.67
N ARG A 131 -10.40 -9.22 -16.38
CA ARG A 131 -11.56 -8.34 -16.27
C ARG A 131 -12.33 -8.29 -17.62
N ALA A 132 -11.63 -8.02 -18.70
CA ALA A 132 -12.28 -8.01 -19.99
C ALA A 132 -13.09 -9.30 -20.15
N HIS A 133 -12.39 -10.42 -19.96
CA HIS A 133 -12.84 -11.78 -20.20
C HIS A 133 -13.95 -12.21 -19.26
N CYS A 134 -13.92 -11.74 -18.02
CA CYS A 134 -15.04 -11.96 -17.07
C CYS A 134 -16.17 -10.95 -17.22
N GLY A 135 -16.08 -10.09 -18.22
CA GLY A 135 -17.09 -9.07 -18.47
C GLY A 135 -17.14 -7.97 -17.43
N GLY A 136 -16.00 -7.70 -16.76
CA GLY A 136 -15.87 -6.60 -15.79
C GLY A 136 -15.78 -5.21 -16.44
N GLY A 137 -16.56 -4.28 -15.92
CA GLY A 137 -16.57 -2.86 -16.35
C GLY A 137 -15.25 -2.12 -16.12
N ASP A 138 -15.11 -1.00 -16.84
CA ASP A 138 -13.86 -0.27 -16.93
C ASP A 138 -13.54 0.42 -15.61
N ASP A 139 -14.46 0.28 -14.68
CA ASP A 139 -14.42 0.97 -13.40
C ASP A 139 -13.98 0.02 -12.29
N ALA A 140 -13.82 -1.25 -12.66
CA ALA A 140 -13.49 -2.28 -11.70
C ALA A 140 -11.99 -2.35 -11.57
N PRO A 141 -11.48 -2.00 -10.38
CA PRO A 141 -10.04 -1.95 -10.16
C PRO A 141 -9.36 -3.23 -10.65
N VAL A 142 -8.14 -3.07 -11.19
CA VAL A 142 -7.25 -4.16 -11.55
C VAL A 142 -6.03 -4.04 -10.65
N ILE A 143 -5.68 -5.11 -9.95
CA ILE A 143 -4.71 -5.00 -8.90
C ILE A 143 -4.11 -6.40 -8.94
N PRO A 144 -2.88 -6.52 -9.45
CA PRO A 144 -2.23 -7.82 -9.67
C PRO A 144 -1.86 -8.55 -8.38
N ILE A 145 -1.39 -9.77 -8.50
CA ILE A 145 -0.92 -10.52 -7.34
C ILE A 145 0.20 -9.83 -6.51
N PRO A 146 -0.03 -9.65 -5.19
CA PRO A 146 1.05 -9.13 -4.33
C PRO A 146 2.09 -10.20 -3.98
N VAL A 147 3.31 -9.76 -3.73
CA VAL A 147 4.40 -10.63 -3.29
C VAL A 147 5.18 -10.01 -2.12
N ASP A 148 5.28 -10.77 -1.05
CA ASP A 148 6.03 -10.34 0.08
C ASP A 148 7.38 -10.98 -0.04
N PRO A 149 8.42 -10.15 -0.27
CA PRO A 149 9.77 -10.62 -0.48
C PRO A 149 10.29 -11.41 0.72
N ALA A 150 9.80 -11.06 1.91
CA ALA A 150 10.20 -11.68 3.18
C ALA A 150 9.76 -13.14 3.24
N ARG A 151 8.84 -13.51 2.36
CA ARG A 151 8.34 -14.89 2.20
C ARG A 151 9.20 -15.81 1.34
N TYR A 152 10.23 -15.24 0.70
CA TYR A 152 10.99 -15.89 -0.34
C TYR A 152 12.48 -15.75 -0.08
N ARG A 153 13.31 -16.22 -1.00
CA ARG A 153 14.74 -16.02 -0.86
C ARG A 153 15.09 -14.61 -1.22
N SER A 154 16.11 -14.09 -0.55
CA SER A 154 16.58 -12.76 -0.83
C SER A 154 17.88 -12.84 -1.64
N ALA A 155 18.47 -11.68 -1.90
CA ALA A 155 19.79 -11.64 -2.48
C ALA A 155 20.76 -12.20 -1.43
N ALA A 156 20.61 -11.70 -0.20
CA ALA A 156 21.43 -12.05 0.93
C ALA A 156 21.45 -13.56 1.20
N ASP A 157 20.35 -14.21 0.85
CA ASP A 157 20.22 -15.66 1.00
C ASP A 157 21.24 -16.42 0.17
N GLN A 158 21.75 -15.78 -0.88
CA GLN A 158 22.80 -16.33 -1.73
C GLN A 158 22.55 -17.78 -2.11
N VAL A 159 21.35 -18.06 -2.59
CA VAL A 159 21.09 -19.35 -3.22
C VAL A 159 21.83 -19.47 -4.56
N ALA A 160 22.68 -20.51 -4.64
CA ALA A 160 23.48 -20.70 -5.83
C ALA A 160 22.55 -21.09 -6.99
N LYS A 161 22.64 -20.33 -8.07
CA LYS A 161 21.82 -20.60 -9.25
C LYS A 161 22.24 -21.93 -9.83
N GLU A 162 21.27 -22.70 -10.34
CA GLU A 162 21.52 -24.01 -10.95
C GLU A 162 21.17 -23.91 -12.42
N ASP A 163 21.52 -24.96 -13.17
CA ASP A 163 21.35 -25.01 -14.63
C ASP A 163 19.90 -25.14 -15.08
N PHE A 164 19.00 -25.52 -14.16
CA PHE A 164 17.70 -26.08 -14.57
C PHE A 164 16.59 -25.07 -14.79
N LEU A 165 15.63 -25.48 -15.61
CA LEU A 165 14.42 -24.70 -15.82
C LEU A 165 13.31 -25.27 -14.95
N LEU A 166 12.35 -24.44 -14.57
CA LEU A 166 11.45 -24.84 -13.50
C LEU A 166 10.01 -24.63 -13.88
N PHE A 167 9.22 -25.68 -13.71
CA PHE A 167 7.77 -25.59 -13.78
C PHE A 167 7.24 -25.80 -12.38
N MET A 168 6.33 -24.91 -12.01
CA MET A 168 5.73 -24.99 -10.69
C MET A 168 4.24 -24.76 -10.71
N GLY A 169 3.48 -25.81 -10.95
CA GLY A 169 2.00 -25.69 -10.92
C GLY A 169 1.34 -27.04 -11.09
N ARG A 170 0.01 -27.02 -11.31
CA ARG A 170 -0.64 -28.28 -11.71
C ARG A 170 -0.23 -28.72 -13.11
N VAL A 171 0.23 -29.97 -13.19
CA VAL A 171 0.61 -30.56 -14.45
C VAL A 171 -0.67 -30.88 -15.23
N SER A 172 -1.26 -29.81 -15.73
CA SER A 172 -2.49 -29.88 -16.48
C SER A 172 -2.23 -29.21 -17.82
N PRO A 173 -3.06 -29.52 -18.83
CA PRO A 173 -2.87 -28.99 -20.17
C PRO A 173 -2.91 -27.46 -20.29
N HIS A 174 -3.85 -26.81 -19.60
CA HIS A 174 -3.99 -25.38 -19.75
C HIS A 174 -2.87 -24.61 -19.06
N LYS A 175 -2.01 -25.31 -18.31
CA LYS A 175 -0.88 -24.64 -17.63
C LYS A 175 0.33 -24.80 -18.52
N GLY A 176 0.19 -25.69 -19.49
CA GLY A 176 1.21 -25.95 -20.49
C GLY A 176 2.47 -26.62 -20.01
N ALA A 177 2.34 -27.54 -19.06
CA ALA A 177 3.49 -28.34 -18.64
C ALA A 177 4.22 -28.93 -19.86
N LEU A 178 3.45 -29.48 -20.81
CA LEU A 178 3.98 -30.16 -22.00
C LEU A 178 4.87 -29.24 -22.81
N GLU A 179 4.36 -28.01 -22.97
CA GLU A 179 4.98 -26.96 -23.78
C GLU A 179 6.26 -26.46 -23.12
N ALA A 180 6.19 -26.26 -21.80
CA ALA A 180 7.39 -26.01 -21.00
C ALA A 180 8.44 -27.12 -21.22
N ALA A 181 8.03 -28.39 -21.16
CA ALA A 181 8.97 -29.49 -21.43
C ALA A 181 9.54 -29.31 -22.83
N ALA A 182 8.69 -28.83 -23.75
CA ALA A 182 9.09 -28.61 -25.13
C ALA A 182 10.05 -27.45 -25.20
N PHE A 183 9.83 -26.44 -24.37
CA PHE A 183 10.74 -25.32 -24.37
C PHE A 183 12.11 -25.62 -23.76
N ALA A 184 12.13 -26.38 -22.67
CA ALA A 184 13.36 -26.84 -22.03
C ALA A 184 14.21 -27.69 -22.97
N HIS A 185 13.57 -28.66 -23.61
CA HIS A 185 14.23 -29.52 -24.62
C HIS A 185 14.88 -28.71 -25.75
N ALA A 186 14.19 -27.63 -26.17
CA ALA A 186 14.72 -26.76 -27.21
C ALA A 186 16.01 -26.08 -26.73
N CYS A 187 16.04 -25.65 -25.47
CA CYS A 187 17.22 -25.03 -24.88
C CYS A 187 18.31 -26.05 -24.54
N GLY A 188 17.95 -27.34 -24.48
CA GLY A 188 18.91 -28.40 -24.17
C GLY A 188 19.13 -28.57 -22.68
N ARG A 189 18.22 -27.98 -21.91
CA ARG A 189 18.22 -27.95 -20.44
C ARG A 189 17.32 -29.03 -19.85
N ARG A 190 17.29 -29.10 -18.51
CA ARG A 190 16.38 -29.99 -17.82
C ARG A 190 15.14 -29.23 -17.39
N LEU A 191 13.98 -29.89 -17.37
CA LEU A 191 12.78 -29.26 -16.80
C LEU A 191 12.43 -29.90 -15.48
N VAL A 192 12.77 -29.20 -14.39
CA VAL A 192 12.29 -29.63 -13.09
C VAL A 192 10.79 -29.37 -13.07
N LEU A 193 10.03 -30.44 -12.95
CA LEU A 193 8.58 -30.44 -13.14
C LEU A 193 7.95 -30.55 -11.78
N ALA A 194 7.81 -29.42 -11.10
CA ALA A 194 7.34 -29.48 -9.73
C ALA A 194 5.85 -29.25 -9.66
N GLY A 195 5.10 -30.13 -9.00
CA GLY A 195 3.64 -29.96 -8.97
C GLY A 195 2.81 -31.23 -8.96
N PRO A 196 1.53 -31.11 -8.57
CA PRO A 196 0.55 -32.19 -8.67
C PRO A 196 0.38 -32.66 -10.12
N ALA A 197 0.56 -33.95 -10.33
CA ALA A 197 0.23 -34.56 -11.60
C ALA A 197 -1.07 -35.30 -11.40
N TRP A 198 -2.18 -34.58 -11.51
CA TRP A 198 -3.44 -35.28 -11.30
C TRP A 198 -4.00 -36.04 -12.53
N GLU A 199 -3.44 -35.73 -13.69
CA GLU A 199 -3.91 -36.24 -14.97
C GLU A 199 -2.84 -37.13 -15.56
N PRO A 200 -3.05 -38.45 -15.48
CA PRO A 200 -2.05 -39.48 -15.84
C PRO A 200 -1.65 -39.46 -17.30
N GLU A 201 -2.63 -39.40 -18.21
CA GLU A 201 -2.34 -39.59 -19.65
C GLU A 201 -1.57 -38.41 -20.23
N TYR A 202 -1.88 -37.22 -19.73
CA TYR A 202 -1.16 -36.02 -20.12
C TYR A 202 0.24 -36.02 -19.59
N PHE A 203 0.36 -36.35 -18.32
CA PHE A 203 1.64 -36.51 -17.69
C PHE A 203 2.40 -37.64 -18.42
N ASP A 204 1.79 -38.81 -18.63
CA ASP A 204 2.42 -39.84 -19.49
C ASP A 204 2.78 -39.32 -20.88
N GLU A 205 2.01 -38.34 -21.37
CA GLU A 205 2.29 -37.77 -22.70
C GLU A 205 3.63 -37.00 -22.71
N ILE A 206 3.79 -36.09 -21.74
CA ILE A 206 5.05 -35.41 -21.41
C ILE A 206 6.24 -36.36 -21.30
N THR A 207 6.18 -37.29 -20.33
CA THR A 207 7.30 -38.23 -20.12
C THR A 207 7.66 -39.02 -21.38
N ARG A 208 6.66 -39.29 -22.24
CA ARG A 208 6.91 -40.01 -23.49
C ARG A 208 7.68 -39.18 -24.51
N ARG A 209 7.30 -37.90 -24.66
CA ARG A 209 7.88 -37.07 -25.69
C ARG A 209 9.19 -36.44 -25.23
N TYR A 210 9.29 -36.21 -23.92
CA TYR A 210 10.34 -35.39 -23.34
C TYR A 210 10.90 -36.02 -22.09
N GLY A 211 11.18 -37.31 -22.17
CA GLY A 211 11.58 -38.09 -21.01
C GLY A 211 12.97 -37.80 -20.48
N SER A 212 13.93 -37.56 -21.36
CA SER A 212 15.26 -37.17 -20.91
C SER A 212 15.35 -35.68 -20.60
N THR A 213 14.26 -34.94 -20.79
CA THR A 213 14.25 -33.52 -20.46
C THR A 213 13.65 -33.26 -19.08
N VAL A 214 12.61 -34.01 -18.71
CA VAL A 214 11.88 -33.61 -17.52
C VAL A 214 12.27 -34.47 -16.33
N GLU A 215 12.37 -33.81 -15.18
CA GLU A 215 12.51 -34.47 -13.90
C GLU A 215 11.26 -34.14 -13.11
N PRO A 216 10.35 -35.12 -13.01
CA PRO A 216 9.13 -34.90 -12.22
C PRO A 216 9.42 -35.12 -10.74
N ILE A 217 9.06 -34.14 -9.92
CA ILE A 217 9.32 -34.26 -8.48
C ILE A 217 8.02 -34.35 -7.64
N GLY A 218 6.89 -34.04 -8.27
CA GLY A 218 5.59 -34.01 -7.59
C GLY A 218 5.42 -32.70 -6.86
N GLU A 219 4.37 -32.61 -6.04
CA GLU A 219 4.06 -31.40 -5.29
C GLU A 219 5.20 -31.02 -4.35
N VAL A 220 5.43 -29.73 -4.18
CA VAL A 220 6.41 -29.26 -3.22
C VAL A 220 5.90 -28.10 -2.40
N GLY A 221 6.55 -27.93 -1.25
CA GLY A 221 6.29 -26.81 -0.37
C GLY A 221 7.51 -26.44 0.46
N GLY A 222 7.29 -25.61 1.45
CA GLY A 222 8.30 -25.25 2.44
C GLY A 222 9.61 -24.87 1.81
N GLU A 223 10.70 -25.27 2.43
CA GLU A 223 12.01 -24.84 2.00
C GLU A 223 12.39 -25.37 0.61
N ARG A 224 12.15 -26.64 0.28
CA ARG A 224 12.33 -27.04 -1.14
C ARG A 224 11.66 -26.02 -2.11
N ARG A 225 10.39 -25.72 -1.91
CA ARG A 225 9.72 -24.77 -2.84
C ARG A 225 10.53 -23.48 -3.05
N LEU A 226 10.85 -22.82 -1.93
CA LEU A 226 11.60 -21.56 -1.90
C LEU A 226 12.96 -21.61 -2.59
N ASP A 227 13.73 -22.69 -2.36
CA ASP A 227 15.04 -22.90 -2.94
C ASP A 227 14.90 -23.09 -4.43
N LEU A 228 13.84 -23.79 -4.83
CA LEU A 228 13.63 -24.15 -6.22
C LEU A 228 13.31 -22.94 -7.04
N LEU A 229 12.41 -22.12 -6.51
CA LEU A 229 12.10 -20.83 -7.05
C LEU A 229 13.39 -20.01 -7.18
N ALA A 230 14.31 -20.14 -6.23
CA ALA A 230 15.48 -19.26 -6.17
C ALA A 230 16.67 -19.74 -6.98
N SER A 231 16.80 -21.04 -7.15
CA SER A 231 17.98 -21.61 -7.78
C SER A 231 17.79 -21.90 -9.28
N ALA A 232 16.52 -21.88 -9.73
CA ALA A 232 16.19 -22.24 -11.10
C ALA A 232 16.82 -21.23 -12.04
N HIS A 233 17.19 -21.66 -13.25
CA HIS A 233 17.73 -20.72 -14.23
C HIS A 233 16.64 -19.79 -14.76
N ALA A 234 15.49 -20.37 -15.13
CA ALA A 234 14.25 -19.57 -15.32
C ALA A 234 13.03 -20.38 -14.85
N VAL A 235 11.93 -19.67 -14.65
CA VAL A 235 10.65 -20.27 -14.40
C VAL A 235 9.79 -20.27 -15.66
N LEU A 236 9.09 -21.38 -15.88
CA LEU A 236 8.28 -21.55 -17.07
C LEU A 236 6.78 -21.46 -16.80
N ALA A 237 6.17 -20.38 -17.31
CA ALA A 237 4.76 -20.06 -17.13
C ALA A 237 4.01 -20.13 -18.47
N MET A 238 3.82 -21.36 -18.97
CA MET A 238 3.37 -21.59 -20.36
C MET A 238 1.92 -21.95 -20.55
N SER A 239 1.03 -21.15 -19.95
CA SER A 239 -0.41 -21.40 -20.04
C SER A 239 -0.89 -21.34 -21.48
N GLN A 240 -1.80 -22.24 -21.85
CA GLN A 240 -2.28 -22.32 -23.22
C GLN A 240 -3.77 -21.92 -23.36
N ALA A 241 -4.09 -21.27 -24.48
CA ALA A 241 -5.42 -20.91 -24.81
C ALA A 241 -6.13 -22.18 -25.31
N VAL A 242 -6.45 -23.05 -24.36
CA VAL A 242 -7.08 -24.32 -24.63
C VAL A 242 -8.44 -24.31 -23.96
N THR A 243 -9.29 -25.18 -24.44
CA THR A 243 -10.63 -25.29 -23.96
C THR A 243 -10.64 -26.03 -22.64
N GLY A 244 -11.56 -25.69 -21.76
CA GLY A 244 -11.68 -26.49 -20.53
C GLY A 244 -12.99 -26.82 -19.82
N PRO A 245 -12.89 -27.75 -18.85
CA PRO A 245 -13.88 -28.08 -17.79
C PRO A 245 -14.49 -26.85 -17.10
N TRP A 246 -13.76 -25.77 -16.89
CA TRP A 246 -14.39 -24.54 -16.37
C TRP A 246 -15.42 -24.04 -17.37
N GLY A 247 -15.31 -24.48 -18.63
CA GLY A 247 -16.10 -23.93 -19.76
C GLY A 247 -15.56 -22.65 -20.39
N GLY A 248 -15.30 -22.70 -21.71
CA GLY A 248 -14.67 -21.60 -22.45
C GLY A 248 -13.21 -21.88 -22.74
N ILE A 249 -12.51 -20.88 -23.30
CA ILE A 249 -11.05 -20.96 -23.52
C ILE A 249 -10.31 -20.49 -22.25
N TRP A 250 -9.18 -21.13 -21.94
CA TRP A 250 -8.43 -20.77 -20.73
C TRP A 250 -7.76 -19.41 -20.88
N CYS A 251 -7.78 -18.65 -19.80
CA CYS A 251 -7.25 -17.30 -19.82
C CYS A 251 -6.72 -17.04 -18.44
N GLU A 252 -5.40 -17.02 -18.36
CA GLU A 252 -4.72 -17.05 -17.10
C GLU A 252 -5.02 -15.70 -16.42
N PRO A 253 -5.69 -15.75 -15.25
CA PRO A 253 -6.20 -14.54 -14.58
C PRO A 253 -5.15 -13.70 -13.82
N GLY A 254 -4.21 -14.36 -13.13
CA GLY A 254 -3.22 -13.62 -12.32
C GLY A 254 -1.85 -14.27 -12.20
N ALA A 255 -1.79 -15.57 -12.45
CA ALA A 255 -0.48 -16.24 -12.61
C ALA A 255 0.44 -15.99 -11.41
N THR A 256 0.08 -16.55 -10.26
CA THR A 256 0.83 -16.26 -9.04
C THR A 256 2.34 -16.60 -9.08
N VAL A 257 2.73 -17.64 -9.82
CA VAL A 257 4.14 -18.08 -9.88
C VAL A 257 5.11 -17.06 -10.48
N VAL A 258 4.61 -16.14 -11.28
CA VAL A 258 5.48 -15.14 -11.87
C VAL A 258 6.13 -14.24 -10.79
N SER A 259 5.27 -13.70 -9.92
CA SER A 259 5.69 -12.80 -8.87
C SER A 259 6.64 -13.55 -7.97
N GLU A 260 6.37 -14.83 -7.75
CA GLU A 260 7.21 -15.68 -6.89
C GLU A 260 8.59 -15.86 -7.43
N ALA A 261 8.67 -16.32 -8.67
CA ALA A 261 9.93 -16.40 -9.41
C ALA A 261 10.74 -15.10 -9.32
N ALA A 262 10.13 -13.99 -9.78
CA ALA A 262 10.78 -12.68 -9.91
C ALA A 262 11.36 -12.18 -8.58
N VAL A 263 10.54 -12.26 -7.53
CA VAL A 263 10.97 -11.82 -6.22
C VAL A 263 12.01 -12.78 -5.66
N SER A 264 12.18 -13.93 -6.29
CA SER A 264 13.20 -14.90 -5.86
C SER A 264 14.51 -14.77 -6.63
N GLY A 265 14.59 -13.72 -7.45
CA GLY A 265 15.73 -13.54 -8.37
C GLY A 265 15.69 -14.46 -9.59
N THR A 266 14.54 -15.04 -9.88
CA THR A 266 14.42 -15.90 -11.04
C THR A 266 13.54 -15.25 -12.10
N PRO A 267 14.07 -15.10 -13.34
CA PRO A 267 13.41 -14.56 -14.55
C PRO A 267 12.40 -15.57 -15.12
N VAL A 268 11.40 -15.07 -15.84
CA VAL A 268 10.35 -15.96 -16.29
C VAL A 268 10.24 -16.04 -17.81
N VAL A 269 10.23 -17.26 -18.34
CA VAL A 269 9.74 -17.50 -19.72
C VAL A 269 8.28 -18.00 -19.72
N GLY A 270 7.38 -17.20 -20.31
CA GLY A 270 5.93 -17.50 -20.38
C GLY A 270 5.28 -17.33 -21.76
N THR A 271 3.99 -17.61 -21.84
CA THR A 271 3.20 -17.34 -23.06
C THR A 271 2.55 -15.98 -22.90
N GLY A 272 1.66 -15.59 -23.82
CA GLY A 272 0.95 -14.32 -23.72
C GLY A 272 -0.48 -14.50 -23.20
N ASN A 273 -0.71 -15.66 -22.56
CA ASN A 273 -2.04 -16.14 -22.17
C ASN A 273 -2.64 -15.28 -21.06
N GLY A 274 -3.73 -14.58 -21.39
CA GLY A 274 -4.40 -13.77 -20.40
C GLY A 274 -3.44 -12.82 -19.71
N CYS A 275 -3.25 -13.00 -18.40
CA CYS A 275 -2.46 -12.05 -17.58
C CYS A 275 -0.98 -12.06 -18.01
N LEU A 276 -0.50 -13.19 -18.50
CA LEU A 276 0.90 -13.35 -18.81
C LEU A 276 1.47 -12.24 -19.67
N ALA A 277 0.74 -11.94 -20.73
CA ALA A 277 1.01 -10.80 -21.60
C ALA A 277 1.28 -9.50 -20.81
N GLU A 278 0.75 -9.41 -19.59
CA GLU A 278 0.75 -8.14 -18.85
C GLU A 278 1.92 -8.06 -17.82
N ILE A 279 2.50 -9.23 -17.49
CA ILE A 279 3.39 -9.26 -16.31
C ILE A 279 4.74 -9.88 -16.60
N VAL A 280 4.75 -10.88 -17.47
CA VAL A 280 5.92 -11.60 -17.94
C VAL A 280 7.03 -10.77 -18.61
N PRO A 281 6.67 -9.75 -19.44
CA PRO A 281 7.73 -8.94 -20.04
C PRO A 281 8.38 -7.97 -19.05
N SER A 282 7.76 -7.74 -17.91
CA SER A 282 8.40 -7.01 -16.82
C SER A 282 9.55 -7.82 -16.22
N VAL A 283 9.48 -9.14 -16.34
CA VAL A 283 10.39 -9.99 -15.62
C VAL A 283 10.98 -11.14 -16.44
N GLY A 284 10.92 -11.02 -17.78
CA GLY A 284 11.39 -12.06 -18.70
C GLY A 284 10.81 -11.93 -20.11
N GLU A 285 10.59 -13.07 -20.78
CA GLU A 285 10.12 -13.07 -22.16
C GLU A 285 8.82 -13.87 -22.42
N VAL A 286 7.92 -13.27 -23.18
CA VAL A 286 6.70 -13.91 -23.72
C VAL A 286 7.00 -14.61 -25.02
N VAL A 287 6.52 -15.85 -25.10
CA VAL A 287 6.79 -16.69 -26.28
C VAL A 287 5.47 -17.23 -26.82
N GLY A 288 5.56 -17.92 -27.95
CA GLY A 288 4.37 -18.45 -28.60
C GLY A 288 3.77 -19.68 -27.95
N TYR A 289 2.53 -19.93 -28.34
CA TYR A 289 1.75 -21.07 -27.94
C TYR A 289 2.33 -22.34 -28.60
N GLY A 290 2.06 -23.51 -28.05
CA GLY A 290 2.39 -24.75 -28.75
C GLY A 290 3.78 -25.24 -28.43
N THR A 291 4.20 -26.34 -29.07
CA THR A 291 5.48 -26.97 -28.75
C THR A 291 6.63 -26.74 -29.74
N ASP A 292 6.37 -26.00 -30.80
CA ASP A 292 7.40 -25.81 -31.84
C ASP A 292 8.36 -24.67 -31.52
N PHE A 293 9.47 -25.00 -30.85
CA PHE A 293 10.50 -24.00 -30.57
C PHE A 293 11.76 -24.38 -31.31
N ALA A 294 12.30 -23.41 -32.07
CA ALA A 294 13.61 -23.59 -32.68
C ALA A 294 14.68 -23.45 -31.60
N PRO A 295 15.54 -24.49 -31.45
CA PRO A 295 16.58 -24.58 -30.44
C PRO A 295 17.28 -23.27 -30.19
N ASP A 296 18.05 -22.82 -31.19
CA ASP A 296 18.84 -21.60 -31.05
C ASP A 296 18.03 -20.36 -30.65
N GLU A 297 16.75 -20.33 -31.02
CA GLU A 297 15.92 -19.17 -30.78
C GLU A 297 15.38 -19.14 -29.35
N ALA A 298 15.24 -20.31 -28.75
CA ALA A 298 14.75 -20.43 -27.38
C ALA A 298 15.97 -20.24 -26.49
N ARG A 299 17.10 -20.69 -27.02
CA ARG A 299 18.38 -20.54 -26.39
C ARG A 299 18.73 -19.07 -26.29
N ARG A 300 18.42 -18.31 -27.34
CA ARG A 300 18.53 -16.84 -27.38
C ARG A 300 17.69 -16.28 -26.28
N THR A 301 16.39 -16.55 -26.37
CA THR A 301 15.42 -16.17 -25.34
C THR A 301 15.95 -16.43 -23.93
N LEU A 302 16.48 -17.63 -23.69
CA LEU A 302 17.05 -17.94 -22.38
C LEU A 302 18.29 -17.16 -21.93
N ALA A 303 19.23 -16.89 -22.84
CA ALA A 303 20.40 -16.16 -22.43
C ALA A 303 20.14 -14.66 -22.39
N GLY A 304 19.07 -14.22 -23.05
CA GLY A 304 18.70 -12.80 -23.07
C GLY A 304 17.85 -12.38 -21.89
N LEU A 305 17.52 -13.32 -21.01
CA LEU A 305 16.70 -12.99 -19.85
C LEU A 305 17.46 -12.11 -18.85
N PRO A 306 16.72 -11.31 -18.05
CA PRO A 306 17.33 -10.42 -17.09
C PRO A 306 17.89 -11.14 -15.86
N ALA A 307 18.70 -10.42 -15.11
CA ALA A 307 19.40 -10.98 -13.99
C ALA A 307 18.50 -10.92 -12.77
N SER A 308 18.92 -11.68 -11.75
CA SER A 308 18.26 -11.80 -10.47
C SER A 308 17.86 -10.48 -9.90
N ASP A 309 18.85 -9.61 -9.69
CA ASP A 309 18.66 -8.23 -9.24
C ASP A 309 17.57 -7.44 -10.01
N GLU A 310 17.53 -7.64 -11.32
CA GLU A 310 16.57 -6.98 -12.20
C GLU A 310 15.12 -7.37 -11.93
N VAL A 311 14.89 -8.68 -11.83
CA VAL A 311 13.53 -9.18 -11.66
C VAL A 311 12.99 -8.89 -10.25
N ARG A 312 13.86 -9.00 -9.24
CA ARG A 312 13.52 -8.73 -7.83
C ARG A 312 13.11 -7.27 -7.58
N ARG A 313 13.87 -6.36 -8.15
CA ARG A 313 13.53 -4.94 -8.16
C ARG A 313 12.17 -4.79 -8.85
N ALA A 314 12.03 -5.49 -9.99
CA ALA A 314 10.80 -5.48 -10.77
C ALA A 314 9.56 -5.95 -10.02
N ALA A 315 9.68 -7.06 -9.29
CA ALA A 315 8.57 -7.70 -8.58
C ALA A 315 8.05 -6.78 -7.49
N VAL A 316 8.94 -6.47 -6.55
CA VAL A 316 8.71 -5.46 -5.53
C VAL A 316 8.06 -4.21 -6.14
N ARG A 317 8.72 -3.54 -7.08
CA ARG A 317 8.15 -2.33 -7.69
C ARG A 317 6.68 -2.48 -8.08
N LEU A 318 6.37 -3.53 -8.84
CA LEU A 318 5.04 -3.68 -9.40
C LEU A 318 4.04 -4.44 -8.52
N TRP A 319 4.55 -5.33 -7.67
CA TRP A 319 3.73 -6.33 -7.00
C TRP A 319 4.09 -6.43 -5.51
N GLY A 320 4.87 -5.48 -5.04
CA GLY A 320 5.18 -5.38 -3.62
C GLY A 320 3.96 -5.45 -2.70
N HIS A 321 4.02 -6.41 -1.81
CA HIS A 321 2.88 -6.65 -0.96
C HIS A 321 2.38 -5.37 -0.28
N VAL A 322 3.28 -4.47 0.13
CA VAL A 322 2.87 -3.24 0.77
C VAL A 322 2.18 -2.35 -0.23
N THR A 323 2.79 -2.19 -1.39
CA THR A 323 2.26 -1.29 -2.41
C THR A 323 0.92 -1.82 -2.93
N ILE A 324 0.82 -3.14 -3.06
CA ILE A 324 -0.43 -3.74 -3.47
C ILE A 324 -1.52 -3.75 -2.39
N ALA A 325 -1.15 -3.95 -1.12
CA ALA A 325 -2.15 -3.92 -0.05
C ALA A 325 -2.75 -2.51 0.09
N GLU A 326 -2.01 -1.52 -0.38
CA GLU A 326 -2.35 -0.15 -0.13
C GLU A 326 -3.36 0.29 -1.16
N ARG A 327 -3.22 -0.26 -2.36
CA ARG A 327 -4.19 0.01 -3.42
C ARG A 327 -5.54 -0.64 -3.08
N TYR A 328 -5.49 -1.76 -2.36
CA TYR A 328 -6.71 -2.36 -1.80
C TYR A 328 -7.33 -1.52 -0.75
N VAL A 329 -6.51 -1.00 0.15
CA VAL A 329 -7.06 -0.24 1.23
C VAL A 329 -7.74 0.95 0.55
N GLU A 330 -7.06 1.62 -0.34
CA GLU A 330 -7.68 2.68 -1.05
C GLU A 330 -9.06 2.24 -1.47
N GLN A 331 -9.19 1.00 -1.96
CA GLN A 331 -10.49 0.52 -2.47
C GLN A 331 -11.51 0.26 -1.33
N TYR A 332 -11.02 -0.30 -0.22
CA TYR A 332 -11.81 -0.43 1.00
C TYR A 332 -12.50 0.87 1.40
N ARG A 333 -11.74 1.97 1.52
CA ARG A 333 -12.23 3.28 2.01
C ARG A 333 -13.23 3.88 1.07
N ARG A 334 -13.01 3.66 -0.22
CA ARG A 334 -13.91 4.06 -1.31
C ARG A 334 -15.28 3.43 -1.11
N LEU A 335 -15.28 2.12 -0.80
CA LEU A 335 -16.53 1.41 -0.61
C LEU A 335 -17.26 1.94 0.64
N LEU A 336 -16.54 1.98 1.76
CA LEU A 336 -17.05 2.50 3.03
C LEU A 336 -17.50 3.93 2.87
N ALA A 337 -17.02 4.60 1.82
CA ALA A 337 -17.44 5.97 1.60
C ALA A 337 -18.69 6.01 0.72
N GLY A 338 -19.13 4.84 0.27
CA GLY A 338 -20.37 4.65 -0.46
C GLY A 338 -20.24 4.42 -1.96
N ALA A 339 -19.01 4.24 -2.42
CA ALA A 339 -18.74 3.98 -3.83
C ALA A 339 -19.28 2.59 -4.17
N THR A 340 -19.37 2.32 -5.47
CA THR A 340 -19.87 1.05 -6.03
C THR A 340 -19.28 0.86 -7.44
N TRP A 341 -19.45 -0.31 -8.03
CA TRP A 341 -18.95 -0.55 -9.37
C TRP A 341 -19.22 -1.99 -9.77
N LYS A 342 -19.46 -2.15 -11.07
CA LYS A 342 -19.83 -3.41 -11.72
C LYS A 342 -20.91 -4.27 -11.05
N PRO B 3 -37.60 -26.48 -42.31
CA PRO B 3 -36.65 -27.13 -41.39
C PRO B 3 -35.44 -26.25 -41.22
N LEU B 4 -34.75 -26.45 -40.11
CA LEU B 4 -33.61 -25.61 -39.82
C LEU B 4 -32.28 -26.32 -40.12
N LYS B 5 -31.31 -25.50 -40.50
CA LYS B 5 -29.93 -25.89 -40.48
C LYS B 5 -29.40 -25.35 -39.16
N VAL B 6 -28.84 -26.25 -38.37
CA VAL B 6 -28.46 -25.96 -37.02
C VAL B 6 -27.04 -26.49 -36.83
N ALA B 7 -26.09 -25.60 -36.51
CA ALA B 7 -24.74 -26.01 -36.08
C ALA B 7 -24.67 -26.33 -34.58
N LEU B 8 -24.28 -27.55 -34.23
CA LEU B 8 -24.10 -27.90 -32.81
C LEU B 8 -22.66 -27.81 -32.37
N VAL B 9 -22.34 -26.80 -31.59
CA VAL B 9 -20.94 -26.68 -31.19
C VAL B 9 -20.71 -27.46 -29.92
N ASN B 10 -20.06 -28.60 -30.05
CA ASN B 10 -19.71 -29.41 -28.91
C ASN B 10 -18.47 -28.79 -28.23
N ILE B 11 -18.30 -29.00 -26.92
CA ILE B 11 -17.07 -28.62 -26.25
C ILE B 11 -15.86 -29.29 -26.88
N PRO B 12 -14.95 -28.46 -27.48
CA PRO B 12 -13.77 -28.95 -28.19
C PRO B 12 -12.78 -29.58 -27.22
N LEU B 13 -12.51 -30.86 -27.33
CA LEU B 13 -11.76 -31.53 -26.29
C LEU B 13 -10.94 -32.72 -26.80
N ARG B 14 -9.66 -32.77 -26.44
CA ARG B 14 -8.79 -33.84 -26.92
C ARG B 14 -8.68 -34.97 -25.95
N VAL B 15 -8.84 -36.18 -26.47
CA VAL B 15 -8.53 -37.42 -25.77
C VAL B 15 -7.23 -37.21 -25.05
N PRO B 16 -7.26 -37.33 -23.70
CA PRO B 16 -6.10 -37.06 -22.88
C PRO B 16 -4.91 -37.89 -23.36
N GLY B 17 -3.78 -37.25 -23.54
CA GLY B 17 -2.62 -37.99 -24.02
C GLY B 17 -2.56 -37.99 -25.53
N SER B 18 -3.70 -37.88 -26.20
CA SER B 18 -3.70 -37.90 -27.66
C SER B 18 -3.91 -36.53 -28.29
N ASP B 19 -3.56 -36.42 -29.58
CA ASP B 19 -4.03 -35.33 -30.45
C ASP B 19 -5.31 -35.75 -31.18
N ALA B 20 -5.80 -36.97 -30.88
CA ALA B 20 -7.15 -37.40 -31.24
C ALA B 20 -8.22 -36.57 -30.53
N TRP B 21 -9.45 -36.59 -31.05
CA TRP B 21 -10.54 -35.81 -30.45
C TRP B 21 -11.48 -36.74 -29.69
N ILE B 22 -12.07 -36.20 -28.61
CA ILE B 22 -13.21 -36.80 -27.95
C ILE B 22 -14.41 -36.64 -28.89
N SER B 23 -15.15 -37.72 -29.06
CA SER B 23 -16.17 -37.81 -30.06
C SER B 23 -17.53 -37.46 -29.47
N VAL B 24 -18.48 -37.15 -30.34
CA VAL B 24 -19.88 -37.11 -29.99
C VAL B 24 -20.60 -38.25 -30.71
N PRO B 25 -21.23 -39.20 -29.95
CA PRO B 25 -21.13 -39.35 -28.49
C PRO B 25 -19.72 -39.80 -28.07
N PRO B 26 -19.41 -39.74 -26.76
CA PRO B 26 -18.03 -39.96 -26.35
C PRO B 26 -17.65 -41.39 -26.02
N GLN B 27 -16.41 -41.76 -26.33
CA GLN B 27 -15.94 -43.10 -26.08
C GLN B 27 -15.89 -43.53 -24.60
N GLY B 28 -15.99 -42.52 -23.73
CA GLY B 28 -15.89 -42.65 -22.27
C GLY B 28 -16.58 -41.49 -21.56
N TYR B 29 -16.00 -41.10 -20.42
CA TYR B 29 -16.44 -39.94 -19.65
C TYR B 29 -16.69 -38.76 -20.54
N GLY B 30 -17.81 -38.07 -20.33
CA GLY B 30 -18.16 -36.90 -21.17
C GLY B 30 -19.65 -36.55 -21.20
N GLY B 31 -20.10 -35.89 -20.15
CA GLY B 31 -21.49 -35.42 -20.02
C GLY B 31 -22.07 -34.54 -21.12
N ILE B 32 -21.34 -33.50 -21.52
CA ILE B 32 -21.82 -32.55 -22.55
C ILE B 32 -21.90 -33.18 -23.95
N GLN B 33 -20.96 -34.09 -24.23
CA GLN B 33 -20.88 -34.73 -25.51
C GLN B 33 -22.08 -35.69 -25.65
N TRP B 34 -22.63 -36.08 -24.50
CA TRP B 34 -23.81 -36.95 -24.45
C TRP B 34 -25.06 -36.14 -24.64
N VAL B 35 -25.10 -34.95 -24.02
CA VAL B 35 -26.16 -33.97 -24.28
C VAL B 35 -26.28 -33.71 -25.77
N VAL B 36 -25.19 -33.29 -26.42
CA VAL B 36 -25.22 -32.99 -27.87
C VAL B 36 -25.75 -34.19 -28.71
N ALA B 37 -25.29 -35.41 -28.39
CA ALA B 37 -25.68 -36.65 -29.05
C ALA B 37 -27.16 -37.05 -28.94
N ASN B 38 -27.76 -36.95 -27.76
CA ASN B 38 -29.23 -37.18 -27.62
C ASN B 38 -29.98 -35.95 -28.19
N LEU B 39 -29.35 -34.77 -28.12
CA LEU B 39 -29.94 -33.57 -28.75
C LEU B 39 -29.96 -33.67 -30.28
N MET B 40 -28.85 -34.11 -30.88
CA MET B 40 -28.78 -34.12 -32.33
C MET B 40 -29.71 -35.18 -32.91
N ASP B 41 -29.79 -36.33 -32.21
CA ASP B 41 -30.71 -37.43 -32.57
C ASP B 41 -32.16 -36.89 -32.61
N GLY B 42 -32.52 -36.12 -31.59
CA GLY B 42 -33.86 -35.51 -31.51
C GLY B 42 -34.08 -34.57 -32.67
N LEU B 43 -33.17 -33.62 -32.80
CA LEU B 43 -33.13 -32.68 -33.92
C LEU B 43 -33.33 -33.27 -35.30
N LEU B 44 -32.61 -34.34 -35.56
CA LEU B 44 -32.69 -35.07 -36.80
C LEU B 44 -34.00 -35.85 -36.98
N GLU B 45 -34.57 -36.35 -35.87
CA GLU B 45 -35.87 -37.02 -35.95
C GLU B 45 -36.99 -36.07 -36.28
N LEU B 46 -36.79 -34.80 -35.95
CA LEU B 46 -37.71 -33.70 -36.26
C LEU B 46 -37.46 -33.22 -37.69
N GLY B 47 -36.41 -33.82 -38.29
CA GLY B 47 -36.04 -33.56 -39.68
C GLY B 47 -35.26 -32.26 -39.88
N HIS B 48 -34.47 -31.90 -38.89
CA HIS B 48 -33.69 -30.68 -39.00
C HIS B 48 -32.33 -31.06 -39.57
N GLU B 49 -31.62 -30.10 -40.14
CA GLU B 49 -30.29 -30.42 -40.59
C GLU B 49 -29.32 -30.03 -39.46
N VAL B 50 -28.49 -30.99 -39.05
CA VAL B 50 -27.53 -30.79 -37.98
C VAL B 50 -26.11 -30.77 -38.57
N PHE B 51 -25.29 -29.85 -38.04
CA PHE B 51 -23.88 -29.75 -38.36
C PHE B 51 -23.18 -29.87 -37.03
N LEU B 52 -22.43 -30.96 -36.85
CA LEU B 52 -21.67 -31.24 -35.65
C LEU B 52 -20.29 -30.57 -35.64
N LEU B 53 -20.12 -29.57 -34.78
CA LEU B 53 -18.79 -28.98 -34.60
C LEU B 53 -18.20 -29.20 -33.21
N GLY B 54 -16.93 -28.84 -33.11
CA GLY B 54 -16.06 -29.24 -31.95
C GLY B 54 -16.02 -30.71 -31.60
N ALA B 55 -16.25 -31.60 -32.56
CA ALA B 55 -16.11 -33.06 -32.30
C ALA B 55 -15.68 -33.89 -33.51
N PRO B 56 -14.51 -33.57 -34.12
CA PRO B 56 -14.14 -34.28 -35.38
C PRO B 56 -13.96 -35.78 -35.19
N SER B 58 -15.46 -38.56 -35.76
CA SER B 58 -16.74 -38.97 -35.12
C SER B 58 -17.87 -39.43 -36.06
N PRO B 59 -18.73 -40.36 -35.56
CA PRO B 59 -19.75 -41.15 -36.32
C PRO B 59 -20.78 -40.34 -37.12
N GLY B 61 -22.58 -40.70 -40.45
CA GLY B 61 -23.36 -41.59 -41.35
C GLY B 61 -24.89 -41.42 -41.48
N ARG B 62 -25.57 -41.06 -40.37
CA ARG B 62 -27.03 -40.95 -40.36
C ARG B 62 -27.54 -39.75 -41.15
N PRO B 63 -28.69 -39.89 -41.82
CA PRO B 63 -29.19 -38.79 -42.63
C PRO B 63 -29.39 -37.48 -41.87
N GLY B 64 -28.99 -36.38 -42.50
CA GLY B 64 -29.14 -35.04 -41.93
C GLY B 64 -27.93 -34.61 -41.12
N LEU B 65 -27.06 -35.56 -40.79
CA LEU B 65 -25.91 -35.28 -39.94
C LEU B 65 -24.63 -35.00 -40.72
N THR B 66 -24.11 -33.78 -40.55
CA THR B 66 -22.77 -33.45 -41.06
C THR B 66 -21.80 -33.18 -39.91
N VAL B 67 -20.75 -33.99 -39.86
CA VAL B 67 -19.63 -33.84 -38.95
C VAL B 67 -18.57 -32.97 -39.64
N VAL B 68 -18.54 -31.70 -39.25
CA VAL B 68 -17.55 -30.77 -39.76
C VAL B 68 -16.18 -31.08 -39.12
N PRO B 69 -15.15 -31.28 -39.95
CA PRO B 69 -13.82 -31.47 -39.38
C PRO B 69 -13.25 -30.19 -38.76
N ALA B 70 -13.93 -29.65 -37.77
CA ALA B 70 -13.44 -28.47 -37.07
C ALA B 70 -13.55 -28.73 -35.57
N GLY B 71 -12.41 -28.65 -34.88
CA GLY B 71 -12.36 -28.95 -33.45
C GLY B 71 -11.66 -27.82 -32.76
N GLU B 72 -10.54 -27.37 -33.34
CA GLU B 72 -9.80 -26.23 -32.82
C GLU B 72 -10.75 -25.06 -32.81
N PRO B 73 -10.78 -24.31 -31.70
CA PRO B 73 -11.76 -23.26 -31.58
C PRO B 73 -11.72 -22.27 -32.73
N GLU B 74 -10.53 -21.94 -33.20
CA GLU B 74 -10.38 -21.00 -34.31
C GLU B 74 -10.81 -21.61 -35.66
N GLU B 75 -10.70 -22.93 -35.78
CA GLU B 75 -11.27 -23.70 -36.92
C GLU B 75 -12.80 -23.61 -36.99
N ILE B 76 -13.43 -23.64 -35.80
CA ILE B 76 -14.89 -23.50 -35.59
C ILE B 76 -15.41 -22.08 -35.90
N GLU B 77 -14.80 -21.07 -35.27
CA GLU B 77 -15.13 -19.68 -35.49
C GLU B 77 -15.01 -19.33 -36.98
N ARG B 78 -13.95 -19.82 -37.61
CA ARG B 78 -13.76 -19.61 -39.05
C ARG B 78 -14.87 -20.30 -39.83
N TRP B 79 -15.11 -21.58 -39.56
CA TRP B 79 -16.16 -22.29 -40.27
C TRP B 79 -17.51 -21.60 -40.13
N LEU B 80 -17.78 -21.12 -38.89
CA LEU B 80 -19.02 -20.40 -38.53
C LEU B 80 -19.20 -18.99 -39.11
N ARG B 81 -18.15 -18.41 -39.66
CA ARG B 81 -18.23 -17.03 -40.14
C ARG B 81 -18.83 -16.98 -41.54
N THR B 82 -18.81 -18.13 -42.20
CA THR B 82 -19.18 -18.28 -43.61
C THR B 82 -20.22 -19.38 -43.76
N ALA B 83 -20.47 -20.08 -42.68
CA ALA B 83 -21.47 -21.17 -42.62
C ALA B 83 -22.86 -20.68 -42.98
N ASP B 84 -23.61 -21.52 -43.70
CA ASP B 84 -24.94 -21.17 -44.17
C ASP B 84 -25.91 -21.95 -43.32
N VAL B 85 -26.00 -21.57 -42.04
CA VAL B 85 -26.95 -22.17 -41.08
C VAL B 85 -27.90 -21.11 -40.54
N ASP B 86 -28.93 -21.55 -39.83
CA ASP B 86 -29.88 -20.65 -39.20
C ASP B 86 -29.57 -20.49 -37.73
N VAL B 87 -29.04 -21.57 -37.10
CA VAL B 87 -28.85 -21.57 -35.64
C VAL B 87 -27.50 -22.11 -35.18
N VAL B 88 -26.78 -21.24 -34.49
CA VAL B 88 -25.59 -21.65 -33.81
C VAL B 88 -25.97 -22.00 -32.40
N HIS B 89 -25.86 -23.28 -32.08
CA HIS B 89 -26.13 -23.76 -30.76
C HIS B 89 -24.86 -24.17 -30.05
N ASP B 90 -24.39 -23.28 -29.20
CA ASP B 90 -23.18 -23.52 -28.46
C ASP B 90 -23.42 -24.31 -27.19
N HIS B 91 -22.69 -25.42 -27.10
CA HIS B 91 -22.65 -26.27 -25.93
C HIS B 91 -21.29 -26.22 -25.28
N SER B 92 -20.38 -25.47 -25.86
CA SER B 92 -18.96 -25.44 -25.44
C SER B 92 -18.67 -24.51 -24.27
N GLY B 93 -19.64 -23.64 -23.95
CA GLY B 93 -19.48 -22.73 -22.81
C GLY B 93 -18.79 -21.44 -23.17
N GLY B 94 -18.71 -21.17 -24.47
CA GLY B 94 -18.31 -19.87 -24.97
C GLY B 94 -16.94 -19.91 -25.62
N VAL B 95 -16.56 -21.11 -26.04
CA VAL B 95 -15.38 -21.30 -26.84
C VAL B 95 -15.52 -20.43 -28.08
N ILE B 96 -16.77 -20.20 -28.48
CA ILE B 96 -17.12 -19.25 -29.55
C ILE B 96 -18.35 -18.42 -29.15
N GLY B 97 -18.64 -17.33 -29.84
CA GLY B 97 -19.84 -16.56 -29.57
C GLY B 97 -20.48 -15.94 -30.79
N PRO B 98 -21.47 -15.07 -30.56
CA PRO B 98 -22.33 -14.32 -31.50
C PRO B 98 -21.66 -13.43 -32.53
N ALA B 99 -20.63 -12.71 -32.12
CA ALA B 99 -19.93 -11.78 -32.97
C ALA B 99 -19.16 -12.52 -34.07
N GLY B 100 -19.40 -12.13 -35.31
CA GLY B 100 -18.68 -12.71 -36.44
C GLY B 100 -19.54 -13.70 -37.19
N LEU B 101 -20.71 -13.99 -36.64
CA LEU B 101 -21.73 -14.79 -37.32
C LEU B 101 -22.40 -14.02 -38.48
N PRO B 102 -22.69 -14.74 -39.57
CA PRO B 102 -23.34 -14.12 -40.70
C PRO B 102 -24.68 -13.55 -40.28
N PRO B 103 -25.09 -12.43 -40.89
CA PRO B 103 -26.34 -11.75 -40.49
C PRO B 103 -27.57 -12.65 -40.61
N GLY B 104 -28.42 -12.61 -39.59
CA GLY B 104 -29.62 -13.45 -39.51
C GLY B 104 -29.36 -14.88 -39.06
N THR B 105 -28.17 -15.16 -38.54
CA THR B 105 -27.95 -16.45 -37.91
C THR B 105 -28.28 -16.23 -36.44
N ALA B 106 -29.14 -17.07 -35.89
CA ALA B 106 -29.51 -16.93 -34.49
C ALA B 106 -28.51 -17.61 -33.58
N PHE B 107 -28.20 -16.96 -32.46
CA PHE B 107 -27.26 -17.53 -31.49
C PHE B 107 -27.98 -18.04 -30.25
N ILE B 108 -27.62 -19.28 -29.83
CA ILE B 108 -28.21 -19.91 -28.67
C ILE B 108 -27.15 -20.73 -27.97
N SER B 109 -27.25 -20.78 -26.64
CA SER B 109 -26.40 -21.68 -25.91
C SER B 109 -27.18 -22.64 -24.95
N SER B 110 -26.59 -23.79 -24.65
CA SER B 110 -27.04 -24.57 -23.50
C SER B 110 -25.93 -24.55 -22.49
N HIS B 111 -26.24 -24.03 -21.30
CA HIS B 111 -25.21 -23.85 -20.28
C HIS B 111 -24.94 -25.08 -19.39
N HIS B 112 -23.78 -25.73 -19.50
CA HIS B 112 -23.48 -26.94 -18.72
C HIS B 112 -22.52 -26.79 -17.52
N PHE B 113 -22.30 -25.59 -17.02
CA PHE B 113 -21.31 -25.34 -15.96
C PHE B 113 -21.91 -24.66 -14.76
N THR B 114 -21.24 -24.84 -13.62
CA THR B 114 -21.54 -24.13 -12.36
C THR B 114 -21.24 -22.64 -12.34
N THR B 115 -20.39 -22.18 -13.27
CA THR B 115 -20.00 -20.76 -13.35
C THR B 115 -20.95 -19.96 -14.25
N ARG B 116 -20.98 -18.64 -14.11
CA ARG B 116 -21.74 -17.78 -15.03
C ARG B 116 -21.11 -17.86 -16.45
N PRO B 117 -21.97 -18.02 -17.49
CA PRO B 117 -21.59 -18.18 -18.90
C PRO B 117 -20.93 -16.98 -19.54
N VAL B 118 -19.93 -17.30 -20.36
CA VAL B 118 -19.32 -16.31 -21.28
C VAL B 118 -20.43 -15.52 -22.03
N ASN B 119 -21.45 -16.22 -22.54
CA ASN B 119 -22.50 -15.60 -23.38
C ASN B 119 -23.90 -15.72 -22.78
N PRO B 120 -24.25 -14.78 -21.85
CA PRO B 120 -25.57 -14.88 -21.20
C PRO B 120 -26.77 -14.57 -22.13
N VAL B 121 -26.56 -13.78 -23.18
CA VAL B 121 -27.61 -13.50 -24.14
C VAL B 121 -27.93 -14.73 -25.00
N GLY B 122 -29.22 -15.03 -25.10
CA GLY B 122 -29.71 -16.29 -25.64
C GLY B 122 -29.18 -17.56 -24.96
N CYS B 123 -28.99 -17.54 -23.64
CA CYS B 123 -28.52 -18.74 -22.90
C CYS B 123 -29.70 -19.48 -22.27
N THR B 124 -29.60 -20.81 -22.25
CA THR B 124 -30.57 -21.68 -21.63
C THR B 124 -29.85 -22.55 -20.58
N TYR B 125 -30.62 -22.97 -19.57
CA TYR B 125 -30.07 -23.66 -18.43
C TYR B 125 -30.78 -24.98 -18.21
N SER B 126 -30.01 -25.97 -17.72
CA SER B 126 -30.50 -27.32 -17.47
C SER B 126 -31.55 -27.35 -16.33
N SER B 127 -31.48 -26.37 -15.43
CA SER B 127 -32.37 -26.33 -14.27
C SER B 127 -32.61 -24.92 -13.78
N ARG B 128 -33.68 -24.74 -13.00
CA ARG B 128 -33.95 -23.46 -12.35
C ARG B 128 -32.90 -23.16 -11.28
N ALA B 129 -32.31 -24.20 -10.67
CA ALA B 129 -31.25 -24.03 -9.65
C ALA B 129 -29.98 -23.46 -10.27
N GLN B 130 -29.62 -24.01 -11.43
CA GLN B 130 -28.55 -23.48 -12.25
C GLN B 130 -28.77 -22.04 -12.71
N ARG B 131 -29.88 -21.80 -13.44
CA ARG B 131 -30.18 -20.46 -13.89
C ARG B 131 -29.94 -19.48 -12.73
N ALA B 132 -30.56 -19.74 -11.59
CA ALA B 132 -30.41 -18.89 -10.41
C ALA B 132 -28.94 -18.69 -10.00
N HIS B 133 -28.21 -19.78 -9.86
CA HIS B 133 -26.82 -19.72 -9.42
CA HIS B 133 -26.81 -19.81 -9.45
C HIS B 133 -25.87 -19.06 -10.40
N CYS B 134 -26.20 -19.06 -11.69
CA CYS B 134 -25.38 -18.43 -12.73
C CYS B 134 -25.83 -17.03 -13.02
N GLY B 135 -26.91 -16.58 -12.39
CA GLY B 135 -27.38 -15.22 -12.60
C GLY B 135 -28.30 -15.06 -13.77
N GLY B 136 -28.80 -16.17 -14.30
CA GLY B 136 -29.79 -16.09 -15.38
C GLY B 136 -31.12 -15.45 -14.99
N GLY B 137 -31.58 -14.53 -15.82
CA GLY B 137 -32.82 -13.78 -15.60
C GLY B 137 -34.05 -14.65 -15.79
N ASP B 138 -35.22 -14.07 -15.49
CA ASP B 138 -36.44 -14.85 -15.31
C ASP B 138 -37.00 -15.40 -16.60
N ASP B 139 -36.81 -14.66 -17.70
CA ASP B 139 -37.30 -15.11 -19.00
C ASP B 139 -36.30 -16.01 -19.73
N ALA B 140 -35.26 -16.48 -19.02
CA ALA B 140 -34.25 -17.27 -19.67
C ALA B 140 -34.74 -18.72 -19.63
N PRO B 141 -34.80 -19.41 -20.80
CA PRO B 141 -35.56 -20.64 -20.72
C PRO B 141 -34.74 -21.70 -19.98
N VAL B 142 -35.42 -22.53 -19.18
CA VAL B 142 -34.83 -23.70 -18.52
C VAL B 142 -35.24 -24.94 -19.29
N ILE B 143 -34.27 -25.60 -19.90
CA ILE B 143 -34.51 -26.83 -20.64
C ILE B 143 -33.52 -27.92 -20.24
N PRO B 144 -34.01 -28.95 -19.54
CA PRO B 144 -33.41 -30.18 -18.99
C PRO B 144 -32.51 -30.94 -19.96
N ILE B 145 -31.65 -31.83 -19.45
CA ILE B 145 -30.88 -32.72 -20.33
C ILE B 145 -31.86 -33.67 -21.05
N PRO B 146 -31.73 -33.80 -22.38
CA PRO B 146 -32.54 -34.73 -23.19
C PRO B 146 -31.96 -36.13 -23.25
N VAL B 147 -32.81 -37.13 -23.49
CA VAL B 147 -32.33 -38.50 -23.57
C VAL B 147 -33.07 -39.34 -24.62
N ASP B 148 -32.26 -39.86 -25.52
CA ASP B 148 -32.68 -40.74 -26.57
C ASP B 148 -32.66 -42.17 -26.05
N PRO B 149 -33.83 -42.78 -25.92
CA PRO B 149 -33.91 -44.13 -25.40
C PRO B 149 -33.19 -45.13 -26.27
N ALA B 150 -33.06 -44.82 -27.57
CA ALA B 150 -32.30 -45.67 -28.51
C ALA B 150 -30.79 -45.84 -28.21
N ARG B 151 -30.21 -44.87 -27.51
CA ARG B 151 -28.80 -44.91 -27.11
C ARG B 151 -28.53 -45.84 -25.94
N TYR B 152 -29.61 -46.32 -25.33
CA TYR B 152 -29.56 -46.95 -24.03
C TYR B 152 -30.32 -48.25 -24.14
N ARG B 153 -30.15 -49.09 -23.12
CA ARG B 153 -30.76 -50.41 -23.11
C ARG B 153 -32.23 -50.21 -22.91
N SER B 154 -33.04 -50.98 -23.66
CA SER B 154 -34.49 -50.90 -23.54
C SER B 154 -35.02 -52.10 -22.79
N ALA B 155 -36.32 -52.12 -22.56
CA ALA B 155 -36.97 -53.25 -21.94
C ALA B 155 -36.72 -54.51 -22.80
N ALA B 156 -36.90 -54.36 -24.09
CA ALA B 156 -36.61 -55.41 -25.06
C ALA B 156 -35.17 -55.95 -25.02
N ASP B 157 -34.25 -55.27 -24.32
CA ASP B 157 -32.83 -55.66 -24.36
C ASP B 157 -32.53 -56.81 -23.39
N GLN B 158 -33.43 -57.01 -22.43
CA GLN B 158 -33.46 -58.19 -21.58
C GLN B 158 -32.28 -58.22 -20.64
N VAL B 159 -31.81 -57.03 -20.26
CA VAL B 159 -30.75 -56.98 -19.28
C VAL B 159 -31.39 -57.07 -17.88
N ALA B 160 -30.99 -58.11 -17.14
CA ALA B 160 -31.54 -58.38 -15.82
C ALA B 160 -30.88 -57.50 -14.80
N LYS B 161 -31.67 -57.10 -13.81
CA LYS B 161 -31.20 -56.33 -12.65
C LYS B 161 -30.27 -57.15 -11.79
N GLU B 162 -29.32 -56.46 -11.17
CA GLU B 162 -28.47 -57.08 -10.13
C GLU B 162 -28.50 -56.25 -8.86
N ASP B 163 -27.69 -56.70 -7.91
CA ASP B 163 -27.66 -56.20 -6.52
C ASP B 163 -26.93 -54.90 -6.22
N PHE B 164 -26.04 -54.46 -7.09
CA PHE B 164 -25.15 -53.34 -6.72
C PHE B 164 -25.81 -51.98 -6.92
N LEU B 165 -25.32 -50.97 -6.21
CA LEU B 165 -25.59 -49.56 -6.56
C LEU B 165 -24.44 -49.07 -7.41
N LEU B 166 -24.72 -48.09 -8.25
CA LEU B 166 -23.76 -47.63 -9.25
C LEU B 166 -23.50 -46.16 -9.13
N PHE B 167 -22.22 -45.82 -9.17
CA PHE B 167 -21.78 -44.44 -9.35
C PHE B 167 -21.09 -44.41 -10.68
N MET B 168 -21.56 -43.47 -11.49
CA MET B 168 -20.96 -43.19 -12.78
C MET B 168 -20.62 -41.73 -12.96
N GLY B 169 -19.35 -41.39 -12.92
CA GLY B 169 -18.96 -39.97 -13.01
C GLY B 169 -17.53 -39.78 -12.58
N ARG B 170 -17.03 -38.57 -12.53
CA ARG B 170 -15.66 -38.42 -12.03
C ARG B 170 -15.62 -38.67 -10.54
N VAL B 171 -14.67 -39.49 -10.10
CA VAL B 171 -14.50 -39.73 -8.68
C VAL B 171 -13.87 -38.50 -7.99
N SER B 172 -14.73 -37.51 -7.74
CA SER B 172 -14.35 -36.23 -7.21
C SER B 172 -15.35 -35.78 -6.15
N PRO B 173 -14.85 -35.02 -5.14
CA PRO B 173 -15.64 -34.65 -3.96
C PRO B 173 -17.00 -33.98 -4.24
N HIS B 174 -17.09 -33.21 -5.33
CA HIS B 174 -18.33 -32.52 -5.66
C HIS B 174 -19.30 -33.52 -6.29
N LYS B 175 -18.77 -34.57 -6.90
CA LYS B 175 -19.58 -35.70 -7.40
C LYS B 175 -20.06 -36.69 -6.32
N GLY B 176 -19.52 -36.57 -5.10
CA GLY B 176 -20.01 -37.36 -4.00
C GLY B 176 -19.74 -38.85 -4.02
N ALA B 177 -18.66 -39.30 -4.66
CA ALA B 177 -18.30 -40.74 -4.65
C ALA B 177 -18.24 -41.34 -3.25
N LEU B 178 -17.61 -40.64 -2.31
CA LEU B 178 -17.51 -41.10 -0.91
C LEU B 178 -18.89 -41.22 -0.27
N GLU B 179 -19.74 -40.25 -0.53
CA GLU B 179 -21.10 -40.33 -0.09
C GLU B 179 -21.94 -41.47 -0.72
N ALA B 180 -21.69 -41.76 -2.00
CA ALA B 180 -22.25 -42.93 -2.67
C ALA B 180 -21.86 -44.20 -1.93
N ALA B 181 -20.56 -44.31 -1.64
CA ALA B 181 -20.01 -45.42 -0.87
C ALA B 181 -20.63 -45.48 0.52
N ALA B 182 -20.99 -44.33 1.07
CA ALA B 182 -21.54 -44.35 2.42
C ALA B 182 -23.00 -44.78 2.35
N PHE B 183 -23.69 -44.39 1.29
CA PHE B 183 -25.07 -44.85 1.11
C PHE B 183 -25.10 -46.35 0.84
N ALA B 184 -24.44 -46.78 -0.25
CA ALA B 184 -24.34 -48.21 -0.53
C ALA B 184 -24.00 -49.08 0.70
N HIS B 185 -23.05 -48.67 1.53
CA HIS B 185 -22.70 -49.41 2.77
C HIS B 185 -23.85 -49.45 3.82
N ALA B 186 -24.61 -48.36 3.90
CA ALA B 186 -25.81 -48.22 4.74
C ALA B 186 -26.96 -49.18 4.38
N CYS B 187 -27.10 -49.43 3.08
CA CYS B 187 -27.97 -50.43 2.51
C CYS B 187 -27.38 -51.87 2.53
N GLY B 188 -26.11 -52.01 2.92
CA GLY B 188 -25.44 -53.33 2.83
C GLY B 188 -25.26 -53.80 1.39
N ARG B 189 -25.07 -52.88 0.46
CA ARG B 189 -25.00 -53.22 -0.94
C ARG B 189 -23.68 -52.75 -1.48
N ARG B 190 -23.18 -53.46 -2.51
CA ARG B 190 -21.94 -53.11 -3.23
C ARG B 190 -22.17 -51.80 -3.96
N LEU B 191 -21.16 -50.94 -3.98
CA LEU B 191 -21.10 -49.88 -4.97
C LEU B 191 -20.04 -50.23 -6.02
N VAL B 192 -20.46 -50.40 -7.27
CA VAL B 192 -19.56 -50.28 -8.40
C VAL B 192 -19.26 -48.79 -8.63
N LEU B 193 -17.98 -48.48 -8.66
CA LEU B 193 -17.48 -47.10 -8.78
C LEU B 193 -16.93 -46.93 -10.18
N ALA B 194 -17.80 -46.64 -11.12
CA ALA B 194 -17.38 -46.45 -12.49
C ALA B 194 -17.08 -44.99 -12.65
N GLY B 195 -15.87 -44.70 -13.14
CA GLY B 195 -15.50 -43.32 -13.44
C GLY B 195 -14.00 -43.10 -13.40
N PRO B 196 -13.52 -42.00 -14.03
CA PRO B 196 -12.12 -41.61 -13.90
C PRO B 196 -11.80 -41.21 -12.45
N ALA B 197 -10.76 -41.82 -11.91
CA ALA B 197 -10.24 -41.50 -10.56
C ALA B 197 -8.87 -40.87 -10.70
N TRP B 198 -8.85 -39.54 -10.63
CA TRP B 198 -7.67 -38.73 -10.95
C TRP B 198 -7.13 -38.07 -9.69
N GLU B 199 -7.95 -38.07 -8.65
CA GLU B 199 -7.58 -37.47 -7.37
C GLU B 199 -7.29 -38.58 -6.38
N PRO B 200 -6.00 -38.95 -6.25
CA PRO B 200 -5.55 -40.17 -5.57
C PRO B 200 -5.93 -40.26 -4.09
N GLU B 201 -5.67 -39.18 -3.36
CA GLU B 201 -5.96 -39.10 -1.94
C GLU B 201 -7.45 -39.36 -1.62
N TYR B 202 -8.36 -38.70 -2.35
CA TYR B 202 -9.81 -38.88 -2.18
C TYR B 202 -10.28 -40.29 -2.53
N PHE B 203 -9.69 -40.85 -3.59
CA PHE B 203 -9.90 -42.24 -3.98
C PHE B 203 -9.46 -43.14 -2.84
N ASP B 204 -8.27 -42.89 -2.31
CA ASP B 204 -7.71 -43.79 -1.30
C ASP B 204 -8.49 -43.74 -0.02
N GLU B 205 -9.21 -42.64 0.19
CA GLU B 205 -9.92 -42.41 1.43
C GLU B 205 -11.28 -43.07 1.35
N ILE B 206 -11.86 -43.05 0.15
CA ILE B 206 -13.02 -43.87 -0.18
C ILE B 206 -12.73 -45.34 0.17
N THR B 207 -11.70 -45.92 -0.46
CA THR B 207 -11.35 -47.32 -0.22
C THR B 207 -10.92 -47.60 1.21
N ARG B 208 -10.06 -46.74 1.77
CA ARG B 208 -9.77 -46.83 3.19
C ARG B 208 -11.06 -46.88 4.03
N ARG B 209 -12.03 -46.00 3.75
CA ARG B 209 -13.25 -45.96 4.54
C ARG B 209 -14.37 -46.97 4.17
N TYR B 210 -14.49 -47.31 2.90
CA TYR B 210 -15.60 -48.16 2.43
C TYR B 210 -15.08 -49.18 1.46
N GLY B 211 -13.87 -49.61 1.71
CA GLY B 211 -13.18 -50.58 0.86
C GLY B 211 -13.93 -51.84 0.51
N SER B 212 -14.75 -52.33 1.44
CA SER B 212 -15.49 -53.61 1.29
C SER B 212 -16.84 -53.45 0.59
N THR B 213 -17.23 -52.19 0.40
CA THR B 213 -18.45 -51.85 -0.28
C THR B 213 -18.17 -51.60 -1.75
N VAL B 214 -17.13 -50.81 -1.99
CA VAL B 214 -16.92 -50.29 -3.31
C VAL B 214 -16.04 -51.18 -4.18
N GLU B 215 -16.48 -51.34 -5.42
CA GLU B 215 -15.68 -51.97 -6.45
C GLU B 215 -15.25 -50.93 -7.50
N PRO B 216 -13.97 -50.49 -7.42
CA PRO B 216 -13.51 -49.50 -8.42
C PRO B 216 -13.23 -50.19 -9.74
N ILE B 217 -13.80 -49.66 -10.83
CA ILE B 217 -13.66 -50.27 -12.17
C ILE B 217 -12.99 -49.37 -13.21
N GLY B 218 -12.74 -48.11 -12.83
CA GLY B 218 -12.14 -47.10 -13.71
C GLY B 218 -13.17 -46.52 -14.64
N GLU B 219 -12.78 -45.53 -15.44
CA GLU B 219 -13.59 -45.02 -16.54
C GLU B 219 -14.15 -46.16 -17.41
N VAL B 220 -15.44 -46.07 -17.69
CA VAL B 220 -16.13 -47.01 -18.57
C VAL B 220 -16.77 -46.35 -19.78
N GLY B 221 -17.05 -47.21 -20.77
CA GLY B 221 -17.42 -46.84 -22.14
C GLY B 221 -18.23 -47.92 -22.83
N GLY B 222 -18.67 -47.65 -24.05
CA GLY B 222 -19.54 -48.53 -24.82
C GLY B 222 -20.51 -49.47 -24.08
N GLU B 223 -20.51 -50.72 -24.53
CA GLU B 223 -21.43 -51.76 -24.02
C GLU B 223 -21.42 -51.92 -22.49
N ARG B 224 -20.24 -51.95 -21.90
CA ARG B 224 -20.13 -52.01 -20.44
C ARG B 224 -20.93 -50.89 -19.77
N ARG B 225 -20.77 -49.66 -20.27
CA ARG B 225 -21.47 -48.50 -19.69
C ARG B 225 -22.99 -48.71 -19.68
N LEU B 226 -23.52 -49.20 -20.80
CA LEU B 226 -24.96 -49.38 -20.96
C LEU B 226 -25.47 -50.56 -20.12
N ASP B 227 -24.72 -51.67 -20.14
CA ASP B 227 -25.04 -52.82 -19.32
C ASP B 227 -25.00 -52.40 -17.84
N LEU B 228 -24.00 -51.61 -17.43
CA LEU B 228 -23.96 -51.13 -16.04
C LEU B 228 -25.12 -50.23 -15.64
N LEU B 229 -25.49 -49.28 -16.49
CA LEU B 229 -26.62 -48.43 -16.22
C LEU B 229 -27.89 -49.30 -16.12
N ALA B 230 -28.00 -50.30 -16.99
CA ALA B 230 -29.26 -51.06 -17.13
C ALA B 230 -29.49 -52.00 -15.94
N SER B 231 -28.40 -52.61 -15.47
CA SER B 231 -28.44 -53.70 -14.53
C SER B 231 -28.42 -53.19 -13.08
N ALA B 232 -27.84 -52.03 -12.85
CA ALA B 232 -27.72 -51.56 -11.48
C ALA B 232 -29.09 -51.50 -10.81
N HIS B 233 -29.13 -51.76 -9.51
CA HIS B 233 -30.36 -51.59 -8.71
C HIS B 233 -30.84 -50.11 -8.68
N ALA B 234 -29.96 -49.22 -8.24
CA ALA B 234 -30.11 -47.77 -8.25
C ALA B 234 -28.79 -47.17 -8.74
N VAL B 235 -28.90 -46.01 -9.41
CA VAL B 235 -27.77 -45.10 -9.63
C VAL B 235 -27.74 -43.98 -8.58
N LEU B 236 -26.57 -43.84 -7.96
CA LEU B 236 -26.34 -42.82 -6.93
C LEU B 236 -25.77 -41.51 -7.51
N ALA B 237 -26.49 -40.42 -7.35
CA ALA B 237 -26.03 -39.13 -7.86
C ALA B 237 -25.93 -38.13 -6.72
N MET B 238 -24.80 -38.13 -6.05
CA MET B 238 -24.62 -37.59 -4.69
C MET B 238 -23.74 -36.36 -4.60
N SER B 239 -23.94 -35.42 -5.50
CA SER B 239 -23.09 -34.25 -5.57
C SER B 239 -23.29 -33.44 -4.32
N GLN B 240 -22.26 -32.70 -3.92
CA GLN B 240 -22.21 -32.06 -2.60
C GLN B 240 -21.91 -30.57 -2.76
N ALA B 241 -22.49 -29.76 -1.89
CA ALA B 241 -22.22 -28.35 -1.98
C ALA B 241 -20.83 -28.18 -1.38
N VAL B 242 -19.80 -28.47 -2.17
CA VAL B 242 -18.44 -28.17 -1.77
C VAL B 242 -17.82 -27.07 -2.66
N THR B 243 -16.67 -26.56 -2.24
CA THR B 243 -15.94 -25.55 -3.00
C THR B 243 -15.16 -26.24 -4.09
N GLY B 248 -17.22 -20.98 -6.70
CA GLY B 248 -18.28 -21.97 -6.47
C GLY B 248 -17.99 -22.52 -5.09
N ILE B 249 -18.96 -22.55 -4.16
CA ILE B 249 -20.02 -23.59 -4.08
C ILE B 249 -20.58 -24.35 -5.25
N TRP B 250 -20.33 -25.66 -5.22
CA TRP B 250 -20.78 -26.58 -6.26
C TRP B 250 -22.31 -26.69 -6.33
N CYS B 251 -22.89 -26.28 -7.46
CA CYS B 251 -24.33 -26.48 -7.75
C CYS B 251 -24.38 -27.34 -9.02
N GLU B 252 -24.85 -28.59 -8.91
CA GLU B 252 -25.00 -29.45 -10.10
C GLU B 252 -25.86 -28.79 -11.17
N PRO B 253 -25.29 -28.57 -12.37
CA PRO B 253 -26.08 -27.96 -13.46
C PRO B 253 -27.22 -28.82 -14.06
N GLY B 254 -26.95 -30.04 -14.53
CA GLY B 254 -27.98 -30.81 -15.29
C GLY B 254 -28.06 -32.30 -15.06
N ALA B 255 -26.97 -32.83 -14.50
CA ALA B 255 -26.87 -34.18 -13.99
C ALA B 255 -27.21 -35.17 -15.08
N THR B 256 -26.21 -35.41 -15.93
CA THR B 256 -26.41 -36.18 -17.11
C THR B 256 -26.80 -37.64 -16.80
N VAL B 257 -26.13 -38.24 -15.82
CA VAL B 257 -26.40 -39.65 -15.48
C VAL B 257 -27.86 -39.93 -14.97
N VAL B 258 -28.62 -38.91 -14.59
CA VAL B 258 -30.00 -39.12 -14.10
C VAL B 258 -30.99 -39.52 -15.24
N SER B 259 -30.79 -38.97 -16.42
CA SER B 259 -31.61 -39.36 -17.56
C SER B 259 -31.14 -40.69 -18.07
N GLU B 260 -29.82 -40.90 -18.09
CA GLU B 260 -29.26 -42.20 -18.52
C GLU B 260 -29.74 -43.37 -17.67
N ALA B 261 -29.64 -43.22 -16.36
CA ALA B 261 -30.07 -44.29 -15.42
C ALA B 261 -31.55 -44.50 -15.62
N ALA B 262 -32.33 -43.41 -15.54
CA ALA B 262 -33.78 -43.51 -15.69
C ALA B 262 -34.17 -44.09 -17.05
N VAL B 263 -33.52 -43.66 -18.12
CA VAL B 263 -33.89 -44.20 -19.38
C VAL B 263 -33.48 -45.68 -19.53
N SER B 264 -32.51 -46.14 -18.73
CA SER B 264 -32.05 -47.55 -18.74
C SER B 264 -32.87 -48.37 -17.74
N GLY B 265 -33.96 -47.78 -17.27
CA GLY B 265 -34.84 -48.48 -16.33
C GLY B 265 -34.18 -48.60 -14.97
N THR B 266 -33.46 -47.56 -14.55
CA THR B 266 -32.81 -47.56 -13.25
C THR B 266 -33.17 -46.27 -12.51
N PRO B 267 -33.67 -46.42 -11.26
CA PRO B 267 -34.09 -45.27 -10.48
C PRO B 267 -32.89 -44.64 -9.76
N VAL B 268 -33.08 -43.47 -9.19
CA VAL B 268 -31.93 -42.73 -8.70
C VAL B 268 -32.11 -42.38 -7.25
N VAL B 269 -31.04 -42.55 -6.47
CA VAL B 269 -30.85 -41.85 -5.20
C VAL B 269 -29.79 -40.74 -5.49
N GLY B 270 -30.18 -39.50 -5.26
CA GLY B 270 -29.31 -38.36 -5.34
C GLY B 270 -29.59 -37.37 -4.20
N THR B 271 -28.87 -36.27 -4.22
CA THR B 271 -29.05 -35.19 -3.23
C THR B 271 -29.97 -34.12 -3.79
N GLY B 272 -30.09 -33.00 -3.08
CA GLY B 272 -30.94 -31.90 -3.54
C GLY B 272 -30.08 -30.86 -4.24
N ASN B 273 -28.84 -31.28 -4.59
CA ASN B 273 -27.78 -30.36 -5.07
C ASN B 273 -28.06 -29.79 -6.44
N GLY B 274 -28.21 -28.47 -6.46
CA GLY B 274 -28.46 -27.75 -7.69
C GLY B 274 -29.59 -28.42 -8.42
N CYS B 275 -29.29 -29.03 -9.57
CA CYS B 275 -30.38 -29.55 -10.38
C CYS B 275 -30.99 -30.84 -9.84
N LEU B 276 -30.23 -31.64 -9.11
CA LEU B 276 -30.81 -32.85 -8.52
C LEU B 276 -32.13 -32.63 -7.76
N ALA B 277 -32.29 -31.50 -7.09
CA ALA B 277 -33.56 -31.24 -6.36
C ALA B 277 -34.79 -31.28 -7.28
N GLU B 278 -34.57 -31.00 -8.56
CA GLU B 278 -35.67 -30.76 -9.50
C GLU B 278 -36.04 -32.00 -10.31
N ILE B 279 -35.05 -32.85 -10.52
CA ILE B 279 -35.21 -33.96 -11.41
C ILE B 279 -35.21 -35.29 -10.69
N VAL B 280 -34.43 -35.42 -9.63
CA VAL B 280 -34.29 -36.70 -8.91
C VAL B 280 -35.65 -37.29 -8.44
N PRO B 281 -36.51 -36.45 -7.80
CA PRO B 281 -37.83 -36.91 -7.35
C PRO B 281 -38.71 -37.55 -8.46
N SER B 282 -38.46 -37.18 -9.71
CA SER B 282 -39.24 -37.78 -10.81
C SER B 282 -38.91 -39.28 -11.05
N VAL B 283 -37.78 -39.76 -10.50
CA VAL B 283 -37.21 -41.07 -10.84
C VAL B 283 -36.53 -41.69 -9.63
N GLY B 284 -36.84 -41.20 -8.44
CA GLY B 284 -36.21 -41.68 -7.22
C GLY B 284 -36.42 -40.72 -6.07
N GLU B 285 -35.47 -40.70 -5.14
CA GLU B 285 -35.58 -39.89 -3.94
C GLU B 285 -34.29 -39.16 -3.62
N VAL B 286 -34.49 -37.95 -3.09
CA VAL B 286 -33.44 -37.06 -2.64
C VAL B 286 -33.08 -37.38 -1.18
N VAL B 287 -31.80 -37.53 -0.92
CA VAL B 287 -31.32 -37.69 0.46
C VAL B 287 -30.51 -36.47 0.89
N GLY B 288 -30.11 -36.44 2.16
CA GLY B 288 -29.31 -35.35 2.68
C GLY B 288 -27.85 -35.42 2.27
N TYR B 289 -27.16 -34.32 2.57
CA TYR B 289 -25.73 -34.23 2.34
C TYR B 289 -24.95 -35.09 3.36
N GLY B 290 -23.71 -35.44 3.01
CA GLY B 290 -22.79 -36.09 3.95
C GLY B 290 -22.77 -37.60 3.90
N THR B 291 -22.21 -38.24 4.91
CA THR B 291 -22.03 -39.70 4.87
C THR B 291 -22.76 -40.43 6.03
N ASP B 292 -23.51 -39.67 6.83
CA ASP B 292 -24.13 -40.14 8.08
C ASP B 292 -25.49 -40.77 7.77
N PHE B 293 -25.51 -41.87 7.02
CA PHE B 293 -26.75 -42.48 6.59
C PHE B 293 -27.07 -43.60 7.55
N ALA B 294 -28.16 -43.44 8.29
CA ALA B 294 -28.69 -44.53 9.11
C ALA B 294 -29.19 -45.66 8.20
N PRO B 295 -28.72 -46.91 8.44
CA PRO B 295 -29.00 -48.08 7.60
C PRO B 295 -30.47 -48.37 7.24
N ASP B 296 -31.37 -48.37 8.21
CA ASP B 296 -32.74 -48.76 7.93
C ASP B 296 -33.55 -47.73 7.15
N GLU B 297 -33.33 -46.44 7.44
CA GLU B 297 -33.84 -45.34 6.60
C GLU B 297 -33.28 -45.42 5.17
N ALA B 298 -32.12 -46.07 5.03
CA ALA B 298 -31.44 -46.10 3.75
C ALA B 298 -32.01 -47.21 2.91
N ARG B 299 -31.94 -48.42 3.43
CA ARG B 299 -32.69 -49.57 2.92
C ARG B 299 -34.18 -49.27 2.68
N ARG B 300 -34.73 -48.36 3.48
CA ARG B 300 -36.11 -47.92 3.29
C ARG B 300 -36.20 -46.95 2.11
N THR B 301 -35.22 -46.06 1.98
CA THR B 301 -35.11 -45.22 0.79
C THR B 301 -34.94 -46.04 -0.48
N LEU B 302 -34.14 -47.11 -0.44
CA LEU B 302 -34.03 -48.00 -1.59
C LEU B 302 -35.36 -48.59 -2.03
N ALA B 303 -36.14 -49.06 -1.06
CA ALA B 303 -37.28 -49.90 -1.37
C ALA B 303 -38.56 -49.15 -1.74
N GLY B 304 -38.50 -47.83 -1.73
CA GLY B 304 -39.53 -46.97 -2.29
C GLY B 304 -39.08 -46.28 -3.57
N LEU B 305 -38.05 -46.83 -4.23
CA LEU B 305 -37.74 -46.33 -5.57
C LEU B 305 -38.65 -46.98 -6.62
N PRO B 306 -39.11 -46.17 -7.61
CA PRO B 306 -39.93 -46.72 -8.68
C PRO B 306 -39.28 -47.92 -9.38
N ALA B 307 -40.08 -48.58 -10.22
CA ALA B 307 -39.61 -49.75 -10.95
C ALA B 307 -39.05 -49.29 -12.28
N SER B 308 -38.36 -50.20 -12.99
CA SER B 308 -37.76 -49.95 -14.29
C SER B 308 -38.73 -49.26 -15.21
N ASP B 309 -39.96 -49.77 -15.24
CA ASP B 309 -41.01 -49.31 -16.14
C ASP B 309 -41.40 -47.86 -15.85
N GLU B 310 -41.57 -47.50 -14.59
CA GLU B 310 -42.00 -46.14 -14.24
C GLU B 310 -40.94 -45.05 -14.46
N VAL B 311 -39.68 -45.35 -14.14
CA VAL B 311 -38.58 -44.38 -14.40
C VAL B 311 -38.27 -44.28 -15.90
N ARG B 312 -38.47 -45.38 -16.61
CA ARG B 312 -38.17 -45.38 -18.04
C ARG B 312 -39.19 -44.50 -18.75
N ARG B 313 -40.44 -44.56 -18.28
CA ARG B 313 -41.53 -43.70 -18.76
C ARG B 313 -41.40 -42.24 -18.27
N ALA B 314 -41.02 -42.04 -17.02
CA ALA B 314 -40.77 -40.65 -16.58
C ALA B 314 -39.63 -40.01 -17.42
N ALA B 315 -38.55 -40.77 -17.65
CA ALA B 315 -37.40 -40.23 -18.46
C ALA B 315 -37.91 -39.64 -19.78
N VAL B 316 -38.44 -40.49 -20.65
CA VAL B 316 -39.06 -40.11 -21.92
C VAL B 316 -40.14 -39.03 -21.81
N ARG B 317 -41.08 -39.15 -20.87
CA ARG B 317 -42.12 -38.09 -20.66
C ARG B 317 -41.52 -36.68 -20.44
N LEU B 318 -40.41 -36.66 -19.72
CA LEU B 318 -39.91 -35.42 -19.15
C LEU B 318 -38.69 -34.91 -19.88
N TRP B 319 -37.91 -35.86 -20.39
CA TRP B 319 -36.62 -35.53 -20.93
C TRP B 319 -36.35 -36.19 -22.28
N GLY B 320 -37.38 -36.83 -22.83
CA GLY B 320 -37.28 -37.50 -24.12
C GLY B 320 -36.62 -36.66 -25.17
N HIS B 321 -35.74 -37.30 -25.93
CA HIS B 321 -34.89 -36.59 -26.90
C HIS B 321 -35.66 -35.78 -27.93
N VAL B 322 -36.83 -36.28 -28.34
CA VAL B 322 -37.68 -35.58 -29.35
C VAL B 322 -38.40 -34.39 -28.71
N THR B 323 -38.92 -34.64 -27.51
CA THR B 323 -39.67 -33.66 -26.76
C THR B 323 -38.75 -32.51 -26.47
N ILE B 324 -37.60 -32.83 -25.87
CA ILE B 324 -36.65 -31.78 -25.48
C ILE B 324 -36.12 -31.01 -26.69
N ALA B 325 -35.85 -31.71 -27.80
CA ALA B 325 -35.31 -31.04 -28.99
C ALA B 325 -36.35 -30.12 -29.62
N GLU B 326 -37.62 -30.40 -29.35
CA GLU B 326 -38.73 -29.62 -29.85
C GLU B 326 -38.83 -28.37 -28.99
N ARG B 327 -38.37 -28.50 -27.75
CA ARG B 327 -38.42 -27.34 -26.89
C ARG B 327 -37.34 -26.35 -27.30
N TYR B 328 -36.19 -26.91 -27.71
CA TYR B 328 -35.13 -26.09 -28.31
C TYR B 328 -35.48 -25.45 -29.65
N VAL B 329 -36.14 -26.20 -30.55
CA VAL B 329 -36.45 -25.58 -31.87
C VAL B 329 -37.42 -24.42 -31.72
N GLU B 330 -38.20 -24.40 -30.65
CA GLU B 330 -39.17 -23.33 -30.41
C GLU B 330 -38.42 -22.10 -29.98
N GLN B 331 -37.32 -22.32 -29.24
CA GLN B 331 -36.43 -21.23 -28.88
C GLN B 331 -35.70 -20.68 -30.09
N TYR B 332 -35.15 -21.60 -30.91
CA TYR B 332 -34.38 -21.21 -32.09
C TYR B 332 -35.20 -20.20 -32.92
N ARG B 333 -36.51 -20.43 -32.94
CA ARG B 333 -37.47 -19.72 -33.75
C ARG B 333 -37.90 -18.43 -33.10
N ARG B 334 -37.93 -18.41 -31.77
CA ARG B 334 -38.10 -17.14 -31.04
C ARG B 334 -36.91 -16.23 -31.37
N LEU B 335 -35.71 -16.78 -31.23
CA LEU B 335 -34.47 -16.10 -31.61
C LEU B 335 -34.52 -15.58 -33.04
N LEU B 336 -34.85 -16.45 -33.99
CA LEU B 336 -34.84 -16.04 -35.39
C LEU B 336 -35.93 -15.00 -35.64
N ALA B 337 -36.94 -15.00 -34.76
CA ALA B 337 -38.08 -14.09 -34.90
C ALA B 337 -37.75 -12.71 -34.35
N GLY B 338 -36.61 -12.58 -33.66
CA GLY B 338 -36.20 -11.30 -33.11
C GLY B 338 -36.30 -11.27 -31.59
N ALA B 339 -36.45 -12.46 -31.02
CA ALA B 339 -36.59 -12.61 -29.59
C ALA B 339 -35.25 -12.66 -28.90
N THR B 340 -35.20 -12.07 -27.71
CA THR B 340 -33.98 -12.03 -26.92
C THR B 340 -34.28 -11.97 -25.42
N TRP B 341 -33.23 -11.79 -24.61
CA TRP B 341 -33.10 -12.34 -23.25
C TRP B 341 -31.70 -12.94 -23.13
N LYS B 342 -31.20 -13.09 -21.92
CA LYS B 342 -31.29 -12.05 -20.91
C LYS B 342 -29.89 -11.55 -20.57
N PRO C 3 22.88 7.45 -18.84
CA PRO C 3 22.42 8.55 -18.00
C PRO C 3 21.66 8.03 -16.77
N LEU C 4 21.27 8.92 -15.87
CA LEU C 4 20.56 8.46 -14.71
C LEU C 4 19.15 9.03 -14.67
N LYS C 5 18.26 8.32 -14.01
CA LYS C 5 16.98 8.90 -13.69
C LYS C 5 17.08 9.23 -12.22
N VAL C 6 16.83 10.48 -11.90
CA VAL C 6 17.11 11.01 -10.60
C VAL C 6 15.85 11.69 -10.10
N ALA C 7 15.39 11.31 -8.90
CA ALA C 7 14.25 12.00 -8.35
C ALA C 7 14.71 13.07 -7.36
N LEU C 8 14.37 14.33 -7.65
CA LEU C 8 14.69 15.45 -6.76
C LEU C 8 13.49 15.75 -5.90
N VAL C 9 13.68 15.59 -4.60
CA VAL C 9 12.59 15.85 -3.67
C VAL C 9 12.83 17.23 -3.04
N ASN C 10 11.99 18.17 -3.49
CA ASN C 10 11.92 19.53 -2.95
C ASN C 10 11.29 19.47 -1.56
N ILE C 11 11.54 20.48 -0.74
CA ILE C 11 10.79 20.65 0.49
C ILE C 11 9.38 21.00 0.07
N PRO C 12 8.40 20.12 0.39
CA PRO C 12 7.02 20.37 0.00
C PRO C 12 6.31 21.25 1.01
N LEU C 13 5.93 22.44 0.54
CA LEU C 13 5.32 23.47 1.35
C LEU C 13 4.21 24.24 0.61
N ARG C 14 3.18 24.62 1.34
CA ARG C 14 2.16 25.41 0.71
C ARG C 14 2.42 26.89 0.80
N VAL C 15 2.13 27.58 -0.29
CA VAL C 15 1.99 29.03 -0.31
C VAL C 15 1.24 29.40 0.97
N PRO C 16 1.79 30.31 1.80
CA PRO C 16 1.11 30.55 3.08
C PRO C 16 -0.27 31.12 2.82
N GLY C 17 -1.28 30.60 3.50
CA GLY C 17 -2.65 31.02 3.29
C GLY C 17 -3.37 30.28 2.18
N SER C 18 -2.65 29.47 1.39
CA SER C 18 -3.20 28.90 0.15
C SER C 18 -3.13 27.37 0.04
N ASP C 19 -3.92 26.82 -0.90
CA ASP C 19 -3.84 25.40 -1.35
C ASP C 19 -2.65 25.12 -2.29
N ALA C 20 -2.25 26.17 -3.03
CA ALA C 20 -1.16 26.17 -4.00
C ALA C 20 0.17 25.83 -3.37
N TRP C 21 0.96 25.04 -4.08
CA TRP C 21 2.29 24.68 -3.63
C TRP C 21 3.34 25.73 -4.03
N ILE C 22 4.38 25.83 -3.21
CA ILE C 22 5.51 26.65 -3.57
C ILE C 22 6.26 25.93 -4.72
N SER C 23 6.54 26.69 -5.77
CA SER C 23 7.14 26.14 -6.94
C SER C 23 8.65 26.09 -6.81
N VAL C 24 9.25 25.41 -7.79
CA VAL C 24 10.67 25.33 -7.98
C VAL C 24 10.90 25.83 -9.39
N PRO C 25 11.63 26.96 -9.56
CA PRO C 25 12.06 27.97 -8.58
C PRO C 25 10.85 28.57 -7.90
N PRO C 26 11.03 29.17 -6.70
CA PRO C 26 9.90 29.67 -5.91
C PRO C 26 9.47 31.02 -6.42
N GLN C 27 8.24 31.39 -6.10
CA GLN C 27 7.64 32.64 -6.58
C GLN C 27 8.35 33.85 -5.92
N GLY C 28 8.68 33.73 -4.63
CA GLY C 28 9.35 34.77 -3.85
C GLY C 28 10.33 34.04 -2.96
N TYR C 29 10.32 34.30 -1.65
CA TYR C 29 11.24 33.67 -0.70
C TYR C 29 11.26 32.13 -0.71
N GLY C 30 12.45 31.53 -0.79
CA GLY C 30 12.60 30.09 -0.58
C GLY C 30 13.93 29.66 -1.14
N GLY C 31 14.83 29.19 -0.27
CA GLY C 31 16.21 28.88 -0.63
C GLY C 31 16.48 27.51 -1.18
N ILE C 32 15.82 26.53 -0.59
CA ILE C 32 15.93 25.16 -1.04
C ILE C 32 15.36 25.04 -2.45
N GLN C 33 14.29 25.76 -2.74
CA GLN C 33 13.59 25.58 -4.01
C GLN C 33 14.47 26.13 -5.14
N TRP C 34 15.28 27.12 -4.80
CA TRP C 34 16.26 27.65 -5.71
C TRP C 34 17.44 26.73 -5.89
N VAL C 35 17.90 26.10 -4.81
CA VAL C 35 19.01 25.15 -4.91
C VAL C 35 18.65 24.08 -5.92
N VAL C 36 17.44 23.53 -5.76
CA VAL C 36 16.91 22.43 -6.56
C VAL C 36 16.79 22.87 -8.04
N ALA C 37 16.25 24.08 -8.26
CA ALA C 37 16.07 24.63 -9.59
C ALA C 37 17.42 24.77 -10.27
N ASN C 38 18.38 25.36 -9.56
CA ASN C 38 19.75 25.47 -10.04
C ASN C 38 20.46 24.12 -10.28
N LEU C 39 20.26 23.13 -9.39
CA LEU C 39 20.85 21.76 -9.56
C LEU C 39 20.11 21.02 -10.68
N MET C 40 18.79 21.05 -10.63
CA MET C 40 17.99 20.46 -11.69
C MET C 40 18.60 20.91 -13.05
N ASP C 41 18.70 22.21 -13.30
CA ASP C 41 19.34 22.72 -14.53
C ASP C 41 20.63 21.97 -14.85
N GLY C 42 21.52 21.85 -13.87
CA GLY C 42 22.82 21.27 -14.11
C GLY C 42 22.75 19.83 -14.57
N LEU C 43 21.85 19.09 -13.91
CA LEU C 43 21.59 17.69 -14.15
C LEU C 43 20.94 17.40 -15.49
N LEU C 44 20.01 18.25 -15.91
CA LEU C 44 19.41 18.15 -17.23
C LEU C 44 20.44 18.49 -18.28
N GLU C 45 21.31 19.47 -17.97
CA GLU C 45 22.37 19.93 -18.85
C GLU C 45 23.42 18.82 -19.06
N LEU C 46 23.61 17.98 -18.04
CA LEU C 46 24.51 16.83 -18.11
C LEU C 46 23.94 15.61 -18.85
N GLY C 47 22.63 15.60 -19.06
CA GLY C 47 21.99 14.60 -19.90
C GLY C 47 21.21 13.59 -19.12
N HIS C 48 20.82 14.00 -17.91
CA HIS C 48 20.07 13.17 -16.97
C HIS C 48 18.60 13.50 -17.01
N GLU C 49 17.79 12.55 -16.57
CA GLU C 49 16.34 12.69 -16.49
C GLU C 49 15.99 13.03 -15.07
N VAL C 50 15.35 14.18 -14.91
CA VAL C 50 14.97 14.63 -13.61
C VAL C 50 13.48 14.53 -13.41
N PHE C 51 13.09 13.97 -12.26
CA PHE C 51 11.70 13.98 -11.83
C PHE C 51 11.55 14.85 -10.55
N LEU C 52 10.73 15.89 -10.64
CA LEU C 52 10.51 16.85 -9.52
C LEU C 52 9.30 16.60 -8.59
N LEU C 53 9.59 16.22 -7.35
CA LEU C 53 8.59 16.04 -6.32
C LEU C 53 8.69 17.12 -5.25
N GLY C 54 7.61 17.30 -4.51
CA GLY C 54 7.53 18.35 -3.51
C GLY C 54 7.27 19.73 -4.09
N ALA C 55 6.96 19.82 -5.38
CA ALA C 55 6.57 21.10 -6.01
C ALA C 55 5.68 20.90 -7.24
N PRO C 56 4.44 20.41 -7.04
CA PRO C 56 3.52 20.31 -8.16
C PRO C 56 3.15 21.70 -8.71
N GLY C 57 2.98 21.77 -10.03
CA GLY C 57 2.66 23.02 -10.70
C GLY C 57 3.88 23.82 -11.15
N SER C 58 5.08 23.31 -10.87
CA SER C 58 6.33 23.95 -11.28
C SER C 58 6.49 23.97 -12.79
N PRO C 59 7.24 24.96 -13.34
CA PRO C 59 7.44 24.91 -14.79
C PRO C 59 8.09 23.59 -15.19
N ALA C 60 7.48 22.92 -16.19
CA ALA C 60 7.80 21.52 -16.52
C ALA C 60 8.14 21.22 -18.01
N GLY C 61 8.01 22.23 -18.86
CA GLY C 61 8.23 22.04 -20.30
C GLY C 61 9.65 21.85 -20.81
N ARG C 62 10.57 21.65 -19.88
CA ARG C 62 11.97 21.47 -20.20
C ARG C 62 12.18 19.97 -20.44
N PRO C 63 12.74 19.59 -21.60
CA PRO C 63 12.86 18.14 -21.88
C PRO C 63 13.83 17.53 -20.92
N GLY C 64 13.63 16.25 -20.63
CA GLY C 64 14.34 15.59 -19.56
C GLY C 64 13.62 15.76 -18.24
N LEU C 65 12.76 16.77 -18.14
CA LEU C 65 12.15 17.14 -16.87
C LEU C 65 10.68 16.76 -16.79
N THR C 66 10.36 15.95 -15.77
CA THR C 66 8.97 15.58 -15.41
C THR C 66 8.65 16.14 -14.04
N VAL C 67 7.71 17.08 -13.99
CA VAL C 67 7.18 17.53 -12.70
C VAL C 67 6.03 16.64 -12.24
N VAL C 68 6.27 15.90 -11.16
CA VAL C 68 5.34 14.92 -10.67
C VAL C 68 4.25 15.56 -9.81
N PRO C 69 2.97 15.22 -10.03
CA PRO C 69 2.01 15.88 -9.15
C PRO C 69 1.91 15.19 -7.78
N ALA C 70 2.97 15.20 -7.01
CA ALA C 70 2.90 14.73 -5.64
C ALA C 70 3.41 15.83 -4.77
N GLY C 71 2.57 16.24 -3.83
CA GLY C 71 2.95 17.36 -2.95
C GLY C 71 3.07 16.94 -1.50
N GLU C 72 2.02 16.29 -0.97
CA GLU C 72 2.07 15.83 0.42
C GLU C 72 3.10 14.73 0.52
N PRO C 73 3.84 14.67 1.67
CA PRO C 73 4.88 13.67 1.88
C PRO C 73 4.39 12.27 1.58
N GLU C 74 3.14 12.00 1.95
CA GLU C 74 2.51 10.71 1.72
C GLU C 74 2.42 10.38 0.24
N GLU C 75 2.01 11.36 -0.57
CA GLU C 75 1.95 11.17 -2.03
C GLU C 75 3.35 11.08 -2.64
N ILE C 76 4.27 11.91 -2.16
CA ILE C 76 5.68 11.76 -2.54
C ILE C 76 6.15 10.33 -2.25
N GLU C 77 5.82 9.81 -1.08
CA GLU C 77 6.41 8.54 -0.63
C GLU C 77 5.78 7.34 -1.33
N ARG C 78 4.49 7.45 -1.60
CA ARG C 78 3.75 6.46 -2.42
C ARG C 78 4.23 6.35 -3.91
N TRP C 79 4.47 7.49 -4.56
CA TRP C 79 5.10 7.56 -5.88
C TRP C 79 6.51 6.95 -5.92
N LEU C 80 7.28 7.25 -4.87
CA LEU C 80 8.69 6.84 -4.79
C LEU C 80 8.87 5.33 -4.68
N ARG C 81 7.89 4.72 -4.04
CA ARG C 81 7.91 3.31 -3.71
C ARG C 81 7.72 2.44 -4.96
N THR C 82 7.08 2.99 -5.98
CA THR C 82 6.90 2.28 -7.27
C THR C 82 7.74 2.84 -8.44
N ALA C 83 8.43 3.95 -8.25
CA ALA C 83 9.22 4.57 -9.32
C ALA C 83 10.33 3.68 -9.88
N ASP C 84 10.77 4.01 -11.08
CA ASP C 84 11.89 3.38 -11.74
C ASP C 84 12.99 4.43 -11.96
N VAL C 85 13.52 4.97 -10.86
CA VAL C 85 14.70 5.83 -10.92
C VAL C 85 15.93 5.16 -10.29
N ASP C 86 17.11 5.63 -10.66
CA ASP C 86 18.35 5.14 -10.08
C ASP C 86 18.64 5.71 -8.71
N VAL C 87 18.21 6.96 -8.50
CA VAL C 87 18.59 7.78 -7.36
C VAL C 87 17.44 8.67 -6.95
N VAL C 88 17.13 8.64 -5.65
CA VAL C 88 16.28 9.62 -5.02
C VAL C 88 17.26 10.50 -4.27
N HIS C 89 17.08 11.81 -4.42
CA HIS C 89 17.95 12.85 -3.87
C HIS C 89 17.08 13.83 -3.09
N ASP C 90 17.17 13.73 -1.78
CA ASP C 90 16.26 14.45 -0.92
C ASP C 90 16.78 15.85 -0.54
N HIS C 91 15.93 16.87 -0.67
CA HIS C 91 16.20 18.24 -0.20
C HIS C 91 15.16 18.71 0.83
N SER C 92 14.19 17.87 1.16
CA SER C 92 13.02 18.25 1.96
C SER C 92 13.32 18.32 3.44
N GLY C 93 14.43 17.69 3.81
CA GLY C 93 14.90 17.67 5.19
C GLY C 93 14.61 16.37 5.91
N GLY C 94 14.10 15.39 5.17
CA GLY C 94 13.84 14.10 5.73
C GLY C 94 12.38 13.76 5.73
N VAL C 95 11.62 14.49 4.89
CA VAL C 95 10.18 14.32 4.74
C VAL C 95 9.89 12.93 4.20
N ILE C 96 10.85 12.46 3.41
CA ILE C 96 10.86 11.08 2.98
C ILE C 96 12.23 10.50 3.33
N GLY C 97 12.40 9.19 3.15
CA GLY C 97 13.61 8.48 3.59
C GLY C 97 13.85 7.32 2.65
N PRO C 98 14.81 6.45 2.97
CA PRO C 98 15.20 5.38 2.02
C PRO C 98 14.41 4.10 2.15
N ALA C 99 13.63 3.98 3.20
CA ALA C 99 12.87 2.77 3.43
C ALA C 99 11.70 2.67 2.45
N GLY C 100 11.56 1.52 1.80
CA GLY C 100 10.43 1.33 0.88
C GLY C 100 10.66 1.96 -0.48
N LEU C 101 11.90 2.37 -0.72
CA LEU C 101 12.40 2.62 -2.06
C LEU C 101 12.65 1.25 -2.68
N PRO C 102 12.46 1.13 -4.01
CA PRO C 102 12.64 -0.21 -4.57
C PRO C 102 14.10 -0.63 -4.61
N PRO C 103 14.36 -1.93 -4.63
CA PRO C 103 15.73 -2.45 -4.64
C PRO C 103 16.59 -1.84 -5.75
N GLY C 104 17.85 -1.55 -5.43
CA GLY C 104 18.71 -0.82 -6.32
C GLY C 104 18.47 0.67 -6.52
N THR C 105 17.51 1.29 -5.85
CA THR C 105 17.39 2.76 -5.87
C THR C 105 18.34 3.33 -4.80
N ALA C 106 19.13 4.32 -5.19
CA ALA C 106 20.09 4.99 -4.31
C ALA C 106 19.44 6.15 -3.59
N PHE C 107 19.82 6.33 -2.32
CA PHE C 107 19.35 7.45 -1.51
C PHE C 107 20.44 8.40 -1.06
N ILE C 108 20.22 9.67 -1.39
CA ILE C 108 21.12 10.76 -1.10
C ILE C 108 20.31 12.00 -0.69
N SER C 109 20.88 12.81 0.17
CA SER C 109 20.18 13.98 0.66
C SER C 109 21.11 15.15 0.47
N SER C 110 20.58 16.37 0.39
CA SER C 110 21.40 17.54 0.57
C SER C 110 20.88 18.22 1.82
N HIS C 111 21.72 18.49 2.80
CA HIS C 111 21.16 18.99 4.06
C HIS C 111 21.19 20.49 4.06
N HIS C 112 20.04 21.11 4.34
CA HIS C 112 19.86 22.53 4.17
C HIS C 112 19.49 23.19 5.49
N PHE C 113 19.83 22.56 6.60
CA PHE C 113 19.44 23.12 7.89
C PHE C 113 20.56 23.12 8.93
N THR C 114 20.37 24.03 9.89
CA THR C 114 21.19 24.21 11.07
C THR C 114 21.10 22.96 11.98
N THR C 115 19.98 22.23 11.85
CA THR C 115 19.63 21.12 12.75
C THR C 115 20.27 19.83 12.24
N ARG C 116 20.14 18.71 12.95
CA ARG C 116 20.77 17.47 12.45
C ARG C 116 19.80 16.69 11.56
N PRO C 117 20.28 16.19 10.38
CA PRO C 117 19.56 15.32 9.44
C PRO C 117 18.74 14.18 10.04
N VAL C 118 17.58 13.96 9.45
CA VAL C 118 16.78 12.79 9.74
C VAL C 118 17.44 11.56 9.12
N ASN C 119 18.03 11.69 7.94
CA ASN C 119 18.74 10.56 7.30
C ASN C 119 20.23 10.88 7.10
N PRO C 120 21.06 10.66 8.13
CA PRO C 120 22.49 11.01 8.01
C PRO C 120 23.26 10.14 7.00
N VAL C 121 22.81 8.90 6.79
CA VAL C 121 23.51 7.99 5.93
C VAL C 121 23.28 8.46 4.53
N GLY C 122 24.35 8.76 3.79
CA GLY C 122 24.28 9.21 2.39
C GLY C 122 23.83 10.66 2.34
N CYS C 123 24.10 11.39 3.41
CA CYS C 123 23.83 12.82 3.45
C CYS C 123 25.11 13.65 3.09
N THR C 124 24.90 14.72 2.34
CA THR C 124 25.96 15.62 1.96
C THR C 124 25.67 17.00 2.49
N TYR C 125 26.73 17.78 2.74
CA TYR C 125 26.61 19.15 3.37
C TYR C 125 27.05 20.32 2.48
N SER C 126 26.41 21.47 2.64
CA SER C 126 26.71 22.61 1.75
C SER C 126 28.02 23.28 2.18
N SER C 127 28.47 22.99 3.41
CA SER C 127 29.72 23.51 3.91
C SER C 127 30.37 22.62 4.97
N ARG C 128 31.68 22.75 5.13
CA ARG C 128 32.44 22.03 6.17
C ARG C 128 31.96 22.33 7.58
N ALA C 129 31.43 23.55 7.75
CA ALA C 129 31.15 24.11 9.06
C ALA C 129 29.74 23.72 9.44
N GLN C 130 28.90 23.49 8.43
CA GLN C 130 27.60 22.84 8.62
C GLN C 130 27.78 21.33 8.82
N ARG C 131 28.64 20.71 8.04
CA ARG C 131 28.94 19.32 8.26
C ARG C 131 29.28 19.03 9.74
N ALA C 132 30.25 19.74 10.31
CA ALA C 132 30.62 19.59 11.73
C ALA C 132 29.53 19.97 12.75
N HIS C 133 28.75 21.01 12.47
CA HIS C 133 27.69 21.49 13.35
C HIS C 133 26.59 20.42 13.44
N CYS C 134 26.43 19.65 12.37
CA CYS C 134 25.35 18.65 12.29
C CYS C 134 25.85 17.26 12.67
N GLY C 135 27.11 17.17 13.06
CA GLY C 135 27.69 15.91 13.50
C GLY C 135 27.85 14.93 12.37
N GLY C 136 27.97 15.45 11.14
CA GLY C 136 28.33 14.61 9.99
C GLY C 136 29.74 14.03 10.08
N GLY C 137 29.91 12.88 9.44
CA GLY C 137 31.20 12.21 9.43
C GLY C 137 32.23 12.84 8.49
N ASP C 138 33.45 12.37 8.64
CA ASP C 138 34.59 12.94 7.92
C ASP C 138 34.63 12.52 6.46
N ASP C 139 33.84 11.50 6.11
CA ASP C 139 33.68 11.03 4.74
C ASP C 139 32.46 11.69 4.08
N ALA C 140 31.60 12.27 4.90
CA ALA C 140 30.39 12.98 4.39
C ALA C 140 30.76 14.09 3.42
N PRO C 141 30.45 13.93 2.10
CA PRO C 141 31.00 14.88 1.12
C PRO C 141 30.44 16.25 1.41
N VAL C 142 31.16 17.27 0.99
CA VAL C 142 30.74 18.66 1.21
C VAL C 142 30.63 19.32 -0.17
N ILE C 143 29.40 19.66 -0.54
CA ILE C 143 29.15 20.18 -1.87
C ILE C 143 28.31 21.44 -1.76
N PRO C 144 28.87 22.60 -2.12
CA PRO C 144 28.17 23.90 -1.85
C PRO C 144 26.97 24.21 -2.75
N ILE C 145 26.23 25.27 -2.43
CA ILE C 145 25.06 25.67 -3.26
C ILE C 145 25.46 26.01 -4.70
N PRO C 146 24.78 25.39 -5.70
CA PRO C 146 24.98 25.57 -7.13
C PRO C 146 24.23 26.81 -7.59
N VAL C 147 24.80 27.52 -8.55
CA VAL C 147 24.03 28.59 -9.13
C VAL C 147 24.19 28.46 -10.63
N ASP C 148 23.09 28.66 -11.33
CA ASP C 148 23.07 28.58 -12.76
C ASP C 148 23.01 29.99 -13.25
N PRO C 149 24.08 30.44 -13.90
CA PRO C 149 24.17 31.80 -14.36
C PRO C 149 22.99 32.23 -15.25
N ALA C 150 22.36 31.27 -15.94
CA ALA C 150 21.25 31.57 -16.87
C ALA C 150 19.98 32.07 -16.17
N ARG C 151 19.95 31.90 -14.85
CA ARG C 151 18.78 32.20 -14.03
C ARG C 151 18.93 33.59 -13.52
N TYR C 152 20.13 34.12 -13.73
CA TYR C 152 20.51 35.43 -13.20
C TYR C 152 20.93 36.41 -14.28
N ARG C 153 21.14 37.64 -13.90
CA ARG C 153 21.52 38.67 -14.84
C ARG C 153 22.97 38.48 -15.19
N SER C 154 23.29 38.64 -16.48
CA SER C 154 24.62 38.39 -17.01
C SER C 154 25.40 39.67 -17.24
N ALA C 155 26.65 39.54 -17.66
CA ALA C 155 27.46 40.69 -18.06
C ALA C 155 26.82 41.40 -19.25
N ALA C 156 26.44 40.63 -20.27
CA ALA C 156 25.67 41.14 -21.41
C ALA C 156 24.40 41.92 -21.08
N ASP C 157 23.83 41.72 -19.89
CA ASP C 157 22.59 42.40 -19.48
C ASP C 157 22.85 43.85 -19.12
N GLN C 158 24.11 44.17 -18.80
CA GLN C 158 24.54 45.52 -18.38
C GLN C 158 23.52 46.32 -17.51
N VAL C 159 22.93 45.64 -16.55
CA VAL C 159 22.13 46.30 -15.52
C VAL C 159 23.02 47.33 -14.85
N ALA C 160 22.44 48.51 -14.63
CA ALA C 160 23.12 49.62 -14.04
C ALA C 160 23.11 49.51 -12.53
N LYS C 161 24.29 49.66 -11.96
CA LYS C 161 24.49 49.65 -10.52
C LYS C 161 23.89 50.88 -9.87
N GLU C 162 23.31 50.69 -8.69
CA GLU C 162 22.86 51.77 -7.85
C GLU C 162 23.74 51.86 -6.61
N ASP C 163 23.44 52.87 -5.81
CA ASP C 163 24.19 53.15 -4.62
C ASP C 163 23.76 52.34 -3.41
N PHE C 164 22.62 51.66 -3.52
CA PHE C 164 22.04 51.00 -2.35
C PHE C 164 22.77 49.68 -2.03
N LEU C 165 22.73 49.31 -0.76
CA LEU C 165 23.09 47.96 -0.29
C LEU C 165 21.81 47.15 -0.08
N LEU C 166 21.97 45.85 -0.26
CA LEU C 166 20.85 44.93 -0.42
C LEU C 166 20.88 43.81 0.60
N PHE C 167 19.74 43.65 1.27
CA PHE C 167 19.48 42.54 2.13
C PHE C 167 18.40 41.76 1.43
N MET C 168 18.65 40.45 1.25
CA MET C 168 17.72 39.58 0.54
C MET C 168 17.41 38.35 1.40
N GLY C 169 16.43 38.42 2.29
CA GLY C 169 16.19 37.28 3.18
C GLY C 169 15.05 37.43 4.17
N ARG C 170 14.82 36.40 4.98
CA ARG C 170 13.87 36.52 6.10
C ARG C 170 14.39 37.58 7.09
N VAL C 171 13.65 38.68 7.25
CA VAL C 171 13.97 39.68 8.25
C VAL C 171 13.82 39.07 9.64
N SER C 172 14.87 38.39 10.09
CA SER C 172 14.89 37.56 11.29
C SER C 172 16.26 37.60 11.98
N PRO C 173 16.30 37.69 13.32
CA PRO C 173 17.53 38.04 14.05
C PRO C 173 18.78 37.26 13.63
N HIS C 174 18.62 36.01 13.19
CA HIS C 174 19.73 35.15 12.85
C HIS C 174 20.23 35.41 11.43
N LYS C 175 19.41 36.07 10.61
CA LYS C 175 19.86 36.53 9.28
C LYS C 175 20.48 37.92 9.38
N GLY C 176 20.43 38.50 10.58
CA GLY C 176 21.13 39.78 10.89
C GLY C 176 20.72 40.93 10.03
N ALA C 177 19.43 41.06 9.82
CA ALA C 177 18.89 42.23 9.12
C ALA C 177 19.29 43.52 9.82
N LEU C 178 19.38 43.47 11.13
CA LEU C 178 19.65 44.65 11.94
C LEU C 178 21.10 45.11 11.82
N GLU C 179 21.99 44.13 11.83
CA GLU C 179 23.39 44.28 11.70
C GLU C 179 23.75 44.71 10.30
N ALA C 180 23.00 44.23 9.30
CA ALA C 180 23.14 44.73 7.93
C ALA C 180 22.79 46.22 7.89
N ALA C 181 21.73 46.60 8.61
CA ALA C 181 21.30 47.98 8.67
C ALA C 181 22.31 48.83 9.44
N ALA C 182 22.95 48.25 10.44
CA ALA C 182 23.95 48.98 11.21
C ALA C 182 25.16 49.19 10.34
N PHE C 183 25.28 48.37 9.29
CA PHE C 183 26.45 48.44 8.40
C PHE C 183 26.29 49.42 7.25
N ALA C 184 25.12 49.42 6.63
CA ALA C 184 24.82 50.39 5.58
C ALA C 184 24.91 51.78 6.20
N HIS C 185 24.47 51.87 7.43
CA HIS C 185 24.46 53.13 8.15
C HIS C 185 25.89 53.63 8.45
N ALA C 186 26.80 52.69 8.68
CA ALA C 186 28.20 53.01 8.90
C ALA C 186 28.91 53.49 7.61
N CYS C 187 28.44 53.01 6.47
CA CYS C 187 28.96 53.40 5.16
C CYS C 187 28.16 54.55 4.55
N GLY C 188 27.10 55.01 5.22
CA GLY C 188 26.32 56.18 4.75
C GLY C 188 25.44 55.81 3.56
N ARG C 189 24.97 54.58 3.58
CA ARG C 189 24.34 54.00 2.42
C ARG C 189 22.89 53.62 2.71
N ARG C 190 22.03 53.69 1.70
CA ARG C 190 20.70 53.10 1.86
C ARG C 190 20.77 51.58 1.90
N LEU C 191 19.92 50.99 2.74
CA LEU C 191 19.64 49.58 2.76
C LEU C 191 18.24 49.26 2.31
N VAL C 192 18.16 48.60 1.15
CA VAL C 192 16.98 47.96 0.66
C VAL C 192 16.82 46.65 1.42
N LEU C 193 15.90 46.64 2.39
CA LEU C 193 15.50 45.48 3.14
C LEU C 193 14.45 44.72 2.36
N ALA C 194 14.90 43.69 1.62
CA ALA C 194 14.03 42.78 0.89
C ALA C 194 13.83 41.44 1.58
N GLY C 195 12.58 41.02 1.64
CA GLY C 195 12.25 39.80 2.34
C GLY C 195 10.97 39.90 3.16
N PRO C 196 10.41 38.72 3.52
CA PRO C 196 9.30 38.66 4.49
C PRO C 196 9.78 39.11 5.86
N ALA C 197 9.07 40.07 6.44
CA ALA C 197 9.35 40.54 7.81
C ALA C 197 8.23 40.05 8.69
N TRP C 198 8.35 38.84 9.21
CA TRP C 198 7.19 38.29 9.95
C TRP C 198 7.21 38.54 11.43
N GLU C 199 8.29 39.13 11.90
CA GLU C 199 8.53 39.35 13.31
C GLU C 199 8.54 40.84 13.56
N PRO C 200 7.43 41.35 14.12
CA PRO C 200 7.18 42.78 14.10
C PRO C 200 8.07 43.58 15.08
N GLU C 201 8.33 43.04 16.27
CA GLU C 201 9.16 43.70 17.28
C GLU C 201 10.56 43.94 16.74
N TYR C 202 11.09 42.93 16.04
CA TYR C 202 12.43 42.99 15.48
C TYR C 202 12.47 44.01 14.34
N PHE C 203 11.45 44.01 13.49
CA PHE C 203 11.37 44.94 12.38
C PHE C 203 11.17 46.37 12.89
N ASP C 204 10.38 46.52 13.94
CA ASP C 204 10.23 47.82 14.58
C ASP C 204 11.54 48.32 15.26
N GLU C 205 12.45 47.40 15.55
CA GLU C 205 13.66 47.77 16.23
C GLU C 205 14.60 48.35 15.20
N ILE C 206 14.77 47.58 14.13
CA ILE C 206 15.42 48.03 12.92
C ILE C 206 14.96 49.46 12.53
N THR C 207 13.66 49.70 12.40
CA THR C 207 13.25 51.02 11.91
C THR C 207 13.40 52.14 12.95
N ARG C 208 13.19 51.83 14.23
CA ARG C 208 13.53 52.77 15.32
C ARG C 208 15.01 53.15 15.34
N ARG C 209 15.90 52.17 15.19
CA ARG C 209 17.34 52.44 15.27
C ARG C 209 17.99 52.93 13.97
N TYR C 210 17.53 52.44 12.83
CA TYR C 210 18.18 52.77 11.54
C TYR C 210 17.13 53.04 10.51
N GLY C 211 16.13 53.82 10.88
CA GLY C 211 14.97 54.07 10.02
C GLY C 211 15.30 54.91 8.82
N SER C 212 16.33 55.73 8.96
CA SER C 212 16.73 56.67 7.90
C SER C 212 17.69 56.02 6.91
N THR C 213 18.11 54.80 7.22
CA THR C 213 18.95 53.99 6.35
C THR C 213 18.15 52.94 5.57
N VAL C 214 17.13 52.34 6.17
CA VAL C 214 16.45 51.22 5.52
C VAL C 214 15.15 51.50 4.73
N GLU C 215 15.15 51.12 3.45
CA GLU C 215 13.91 50.99 2.67
C GLU C 215 13.45 49.52 2.67
N PRO C 216 12.40 49.19 3.47
CA PRO C 216 11.80 47.86 3.45
C PRO C 216 10.90 47.76 2.23
N ILE C 217 11.12 46.73 1.42
CA ILE C 217 10.39 46.62 0.17
C ILE C 217 9.40 45.46 0.13
N GLY C 218 9.29 44.73 1.22
CA GLY C 218 8.48 43.52 1.28
C GLY C 218 9.23 42.32 0.72
N GLU C 219 8.51 41.21 0.56
CA GLU C 219 9.05 40.05 -0.11
C GLU C 219 9.00 40.26 -1.61
N VAL C 220 10.04 39.77 -2.32
CA VAL C 220 10.17 39.97 -3.78
C VAL C 220 10.53 38.74 -4.57
N GLY C 221 10.31 38.83 -5.87
CA GLY C 221 10.66 37.76 -6.79
C GLY C 221 10.56 38.18 -8.23
N GLY C 222 10.69 37.20 -9.11
CA GLY C 222 10.70 37.42 -10.56
C GLY C 222 11.71 38.46 -11.04
N GLU C 223 11.28 39.24 -12.04
CA GLU C 223 12.16 40.23 -12.64
C GLU C 223 12.77 41.23 -11.67
N ARG C 224 11.99 41.70 -10.68
CA ARG C 224 12.51 42.66 -9.67
C ARG C 224 13.59 42.07 -8.70
N ARG C 225 13.42 40.81 -8.27
CA ARG C 225 14.46 40.11 -7.49
C ARG C 225 15.79 40.16 -8.26
N LEU C 226 15.75 39.69 -9.50
CA LEU C 226 16.93 39.69 -10.41
C LEU C 226 17.62 41.06 -10.50
N ASP C 227 16.83 42.09 -10.77
CA ASP C 227 17.28 43.47 -10.92
C ASP C 227 17.83 44.07 -9.64
N LEU C 228 17.30 43.67 -8.47
CA LEU C 228 17.87 44.07 -7.18
C LEU C 228 19.21 43.40 -6.90
N LEU C 229 19.28 42.09 -7.11
CA LEU C 229 20.55 41.38 -7.01
C LEU C 229 21.64 41.99 -7.91
N ALA C 230 21.31 42.31 -9.16
CA ALA C 230 22.30 42.78 -10.14
C ALA C 230 22.74 44.22 -9.94
N SER C 231 21.82 45.06 -9.47
CA SER C 231 22.05 46.49 -9.47
C SER C 231 22.62 46.98 -8.15
N ALA C 232 22.57 46.12 -7.14
CA ALA C 232 23.04 46.44 -5.82
C ALA C 232 24.53 46.80 -5.84
N HIS C 233 24.95 47.70 -4.96
CA HIS C 233 26.38 47.93 -4.78
C HIS C 233 26.99 46.65 -4.19
N ALA C 234 26.38 46.14 -3.12
CA ALA C 234 26.85 44.96 -2.41
C ALA C 234 25.68 44.27 -1.72
N VAL C 235 25.81 42.96 -1.50
CA VAL C 235 24.80 42.24 -0.75
C VAL C 235 25.32 41.90 0.63
N LEU C 236 24.42 42.00 1.61
CA LEU C 236 24.81 41.83 2.98
C LEU C 236 24.23 40.54 3.50
N ALA C 237 25.14 39.62 3.82
CA ALA C 237 24.84 38.33 4.36
C ALA C 237 25.32 38.27 5.80
N MET C 238 24.62 38.95 6.73
CA MET C 238 25.05 39.04 8.14
C MET C 238 24.45 38.07 9.15
N SER C 239 24.43 36.78 8.80
CA SER C 239 23.95 35.72 9.72
C SER C 239 24.69 35.81 11.04
N GLN C 240 23.98 35.59 12.15
CA GLN C 240 24.48 35.93 13.50
C GLN C 240 24.42 34.68 14.30
N ALA C 241 25.37 34.50 15.23
CA ALA C 241 25.45 33.25 15.98
C ALA C 241 24.56 33.32 17.22
N VAL C 242 23.27 33.47 16.96
CA VAL C 242 22.24 33.56 17.99
C VAL C 242 21.49 32.24 18.18
N THR C 243 20.87 32.11 19.33
CA THR C 243 20.06 30.95 19.67
C THR C 243 18.58 31.09 19.21
N GLY C 244 17.87 29.97 19.11
CA GLY C 244 16.50 29.98 18.62
C GLY C 244 15.74 28.68 18.53
N PRO C 245 14.46 28.76 18.06
CA PRO C 245 13.50 27.72 17.74
C PRO C 245 14.10 26.36 17.31
N TRP C 246 15.04 26.37 16.35
CA TRP C 246 15.77 25.15 15.95
C TRP C 246 16.29 24.38 17.18
N GLY C 247 16.80 25.08 18.20
CA GLY C 247 17.64 24.42 19.21
C GLY C 247 19.13 24.58 18.89
N GLY C 248 19.86 25.21 19.79
CA GLY C 248 21.30 25.44 19.60
C GLY C 248 21.61 26.77 18.95
N ILE C 249 22.83 26.90 18.48
CA ILE C 249 23.28 28.13 17.89
C ILE C 249 23.07 28.07 16.40
N TRP C 250 22.66 29.21 15.85
CA TRP C 250 22.45 29.36 14.45
C TRP C 250 23.78 29.18 13.71
N CYS C 251 23.79 28.33 12.70
CA CYS C 251 25.02 28.10 11.92
C CYS C 251 24.62 28.02 10.48
N GLU C 252 24.83 29.12 9.75
CA GLU C 252 24.26 29.28 8.41
C GLU C 252 24.72 28.17 7.45
N PRO C 253 23.79 27.29 7.04
CA PRO C 253 24.11 26.07 6.25
C PRO C 253 24.88 26.27 4.94
N GLY C 254 24.31 27.06 4.03
CA GLY C 254 24.88 27.25 2.71
C GLY C 254 24.68 28.62 2.13
N ALA C 255 23.73 29.38 2.67
CA ALA C 255 23.63 30.81 2.41
C ALA C 255 23.41 31.02 0.94
N THR C 256 22.19 30.78 0.50
CA THR C 256 22.03 30.70 -0.92
C THR C 256 22.23 32.08 -1.55
N VAL C 257 22.11 33.14 -0.77
CA VAL C 257 22.04 34.43 -1.38
C VAL C 257 23.38 34.87 -2.00
N VAL C 258 24.47 34.29 -1.51
CA VAL C 258 25.80 34.69 -1.89
C VAL C 258 26.11 34.34 -3.36
N SER C 259 25.62 33.21 -3.82
CA SER C 259 25.94 32.78 -5.17
C SER C 259 25.05 33.52 -6.15
N GLU C 260 23.82 33.75 -5.73
CA GLU C 260 22.91 34.66 -6.43
C GLU C 260 23.51 36.04 -6.62
N ALA C 261 24.00 36.63 -5.52
CA ALA C 261 24.61 37.94 -5.54
C ALA C 261 25.78 37.96 -6.50
N ALA C 262 26.70 37.01 -6.33
CA ALA C 262 27.95 37.04 -7.06
C ALA C 262 27.79 36.72 -8.52
N VAL C 263 26.96 35.74 -8.85
CA VAL C 263 26.73 35.45 -10.25
C VAL C 263 26.01 36.63 -10.91
N SER C 264 25.34 37.48 -10.13
CA SER C 264 24.69 38.68 -10.69
C SER C 264 25.63 39.85 -10.73
N GLY C 265 26.92 39.55 -10.48
CA GLY C 265 27.99 40.55 -10.55
C GLY C 265 27.89 41.49 -9.36
N THR C 266 27.77 40.90 -8.18
CA THR C 266 27.57 41.67 -6.96
C THR C 266 28.40 41.07 -5.81
N PRO C 267 29.24 41.91 -5.20
CA PRO C 267 30.09 41.42 -4.12
C PRO C 267 29.29 41.29 -2.83
N VAL C 268 29.86 40.56 -1.88
CA VAL C 268 29.17 40.26 -0.63
C VAL C 268 29.99 40.69 0.60
N VAL C 269 29.34 41.49 1.47
CA VAL C 269 29.84 41.64 2.81
C VAL C 269 28.99 40.71 3.67
N GLY C 270 29.65 39.81 4.40
CA GLY C 270 28.97 38.92 5.31
C GLY C 270 29.72 38.81 6.61
N THR C 271 29.20 38.00 7.53
CA THR C 271 29.87 37.69 8.80
C THR C 271 30.59 36.38 8.53
N GLY C 272 31.12 35.75 9.57
CA GLY C 272 31.80 34.47 9.40
C GLY C 272 30.89 33.32 9.81
N ASN C 273 29.63 33.64 10.10
CA ASN C 273 28.68 32.63 10.61
C ASN C 273 28.49 31.45 9.67
N GLY C 274 28.62 30.26 10.25
CA GLY C 274 28.56 28.99 9.52
C GLY C 274 29.31 29.05 8.21
N CYS C 275 28.61 28.79 7.11
CA CYS C 275 29.28 28.62 5.82
C CYS C 275 29.86 29.94 5.27
N LEU C 276 29.36 31.08 5.76
CA LEU C 276 29.85 32.38 5.27
C LEU C 276 31.38 32.53 5.33
N ALA C 277 32.01 31.83 6.27
CA ALA C 277 33.44 31.97 6.47
C ALA C 277 34.21 31.32 5.31
N GLU C 278 33.55 30.35 4.67
CA GLU C 278 34.09 29.56 3.59
C GLU C 278 33.81 30.10 2.20
N ILE C 279 32.80 30.95 2.04
CA ILE C 279 32.36 31.35 0.69
C ILE C 279 32.37 32.86 0.45
N VAL C 280 32.13 33.63 1.50
CA VAL C 280 32.13 35.07 1.35
C VAL C 280 33.48 35.65 0.90
N PRO C 281 34.61 35.24 1.53
CA PRO C 281 35.86 35.81 1.11
C PRO C 281 36.16 35.65 -0.36
N SER C 282 35.55 34.63 -0.99
CA SER C 282 35.75 34.40 -2.41
C SER C 282 35.14 35.54 -3.22
N VAL C 283 34.18 36.25 -2.61
CA VAL C 283 33.32 37.16 -3.33
C VAL C 283 33.09 38.44 -2.52
N GLY C 284 33.99 38.75 -1.58
CA GLY C 284 33.81 39.90 -0.72
C GLY C 284 34.58 39.88 0.59
N GLU C 285 34.02 40.46 1.65
CA GLU C 285 34.74 40.57 2.94
C GLU C 285 33.96 40.01 4.13
N VAL C 286 34.66 39.29 5.02
CA VAL C 286 34.08 38.85 6.26
C VAL C 286 34.30 39.90 7.36
N VAL C 287 33.28 40.02 8.21
CA VAL C 287 33.21 41.08 9.18
C VAL C 287 32.67 40.46 10.44
N GLY C 288 32.87 41.16 11.54
CA GLY C 288 32.44 40.69 12.82
C GLY C 288 30.95 40.73 12.96
N TYR C 289 30.50 39.99 13.94
CA TYR C 289 29.17 40.05 14.45
C TYR C 289 28.93 41.34 15.19
N GLY C 290 27.65 41.67 15.37
CA GLY C 290 27.30 42.87 16.13
C GLY C 290 27.02 44.01 15.18
N THR C 291 26.79 45.19 15.75
CA THR C 291 26.34 46.39 15.04
C THR C 291 27.31 47.59 15.24
N ASP C 292 28.42 47.37 15.93
CA ASP C 292 29.35 48.47 16.10
C ASP C 292 30.26 48.51 14.90
N PHE C 293 29.89 49.26 13.88
CA PHE C 293 30.76 49.38 12.72
C PHE C 293 31.38 50.78 12.65
N ALA C 294 32.70 50.86 12.73
CA ALA C 294 33.39 52.12 12.59
C ALA C 294 33.23 52.59 11.17
N PRO C 295 32.56 53.74 10.98
CA PRO C 295 32.27 54.37 9.69
C PRO C 295 33.37 54.23 8.62
N ASP C 296 34.54 54.79 8.87
CA ASP C 296 35.65 54.72 7.93
C ASP C 296 36.03 53.28 7.57
N GLU C 297 36.31 52.43 8.56
CA GLU C 297 36.59 51.00 8.35
C GLU C 297 35.45 50.27 7.59
N ALA C 298 34.20 50.69 7.81
CA ALA C 298 33.09 50.10 7.05
C ALA C 298 33.11 50.62 5.61
N ARG C 299 33.41 51.90 5.45
CA ARG C 299 33.55 52.51 4.11
C ARG C 299 34.75 51.92 3.36
N ARG C 300 35.80 51.61 4.10
CA ARG C 300 36.90 50.89 3.51
C ARG C 300 36.49 49.57 2.90
N THR C 301 35.93 48.69 3.73
CA THR C 301 35.43 47.36 3.33
C THR C 301 34.68 47.39 1.99
N LEU C 302 33.68 48.26 1.97
CA LEU C 302 32.83 48.54 0.84
C LEU C 302 33.56 48.94 -0.44
N ALA C 303 34.58 49.77 -0.31
CA ALA C 303 35.29 50.21 -1.48
C ALA C 303 36.40 49.24 -1.89
N GLY C 304 36.83 48.37 -0.97
CA GLY C 304 37.84 47.35 -1.28
C GLY C 304 37.29 46.09 -1.95
N LEU C 305 35.97 45.92 -2.01
CA LEU C 305 35.31 44.72 -2.56
C LEU C 305 35.56 44.52 -4.06
N PRO C 306 35.56 43.25 -4.52
CA PRO C 306 35.80 42.95 -5.93
C PRO C 306 34.69 43.48 -6.81
N ALA C 307 35.02 43.57 -8.10
CA ALA C 307 34.16 44.03 -9.17
C ALA C 307 33.27 42.89 -9.70
N SER C 308 32.24 43.27 -10.44
CA SER C 308 31.28 42.34 -10.98
C SER C 308 31.89 41.16 -11.74
N ASP C 309 32.85 41.46 -12.62
CA ASP C 309 33.58 40.44 -13.36
C ASP C 309 34.27 39.42 -12.45
N GLU C 310 34.87 39.89 -11.34
CA GLU C 310 35.65 39.06 -10.42
C GLU C 310 34.72 38.10 -9.63
N VAL C 311 33.68 38.65 -9.03
CA VAL C 311 32.69 37.85 -8.28
C VAL C 311 31.87 36.88 -9.15
N ARG C 312 31.59 37.27 -10.40
CA ARG C 312 30.88 36.38 -11.32
C ARG C 312 31.78 35.24 -11.80
N ARG C 313 33.04 35.54 -12.02
CA ARG C 313 34.03 34.51 -12.34
C ARG C 313 34.15 33.54 -11.17
N ALA C 314 34.32 34.07 -9.97
CA ALA C 314 34.29 33.28 -8.73
C ALA C 314 33.06 32.41 -8.63
N ALA C 315 31.88 33.01 -8.81
CA ALA C 315 30.63 32.26 -8.70
C ALA C 315 30.64 30.97 -9.56
N VAL C 316 30.97 31.11 -10.84
CA VAL C 316 30.91 30.03 -11.78
C VAL C 316 32.02 29.01 -11.53
N ARG C 317 33.21 29.46 -11.15
CA ARG C 317 34.31 28.53 -10.83
C ARG C 317 34.00 27.58 -9.70
N LEU C 318 33.44 28.15 -8.65
CA LEU C 318 33.27 27.50 -7.34
C LEU C 318 31.93 26.80 -7.20
N TRP C 319 30.89 27.44 -7.72
CA TRP C 319 29.52 26.98 -7.51
C TRP C 319 28.71 26.84 -8.78
N GLY C 320 29.38 26.71 -9.92
CA GLY C 320 28.67 26.60 -11.19
C GLY C 320 27.77 25.38 -11.25
N HIS C 321 26.55 25.61 -11.70
CA HIS C 321 25.55 24.53 -11.70
C HIS C 321 25.99 23.20 -12.32
N VAL C 322 26.79 23.24 -13.41
CA VAL C 322 27.21 22.01 -14.12
C VAL C 322 28.27 21.29 -13.31
N THR C 323 29.21 22.04 -12.77
CA THR C 323 30.28 21.47 -11.96
C THR C 323 29.77 21.01 -10.60
N ILE C 324 28.79 21.70 -10.05
CA ILE C 324 28.18 21.18 -8.85
C ILE C 324 27.32 19.92 -9.18
N ALA C 325 26.58 19.96 -10.28
CA ALA C 325 25.75 18.83 -10.71
C ALA C 325 26.60 17.63 -10.95
N GLU C 326 27.74 17.81 -11.61
CA GLU C 326 28.70 16.74 -11.84
C GLU C 326 29.30 16.18 -10.52
N ARG C 327 29.47 17.01 -9.50
CA ARG C 327 30.01 16.50 -8.22
C ARG C 327 28.98 15.57 -7.54
N TYR C 328 27.74 15.98 -7.61
CA TYR C 328 26.63 15.18 -7.14
C TYR C 328 26.46 13.86 -7.87
N VAL C 329 26.60 13.89 -9.19
CA VAL C 329 26.46 12.70 -9.99
C VAL C 329 27.53 11.65 -9.65
N GLU C 330 28.70 12.13 -9.26
CA GLU C 330 29.83 11.27 -8.89
C GLU C 330 29.47 10.59 -7.60
N GLN C 331 28.77 11.33 -6.76
CA GLN C 331 28.33 10.79 -5.50
C GLN C 331 27.16 9.84 -5.71
N TYR C 332 26.27 10.15 -6.67
CA TYR C 332 25.17 9.24 -7.06
C TYR C 332 25.70 7.84 -7.43
N ARG C 333 26.81 7.80 -8.16
CA ARG C 333 27.36 6.58 -8.73
C ARG C 333 28.28 5.86 -7.77
N ARG C 334 28.81 6.59 -6.80
CA ARG C 334 29.52 5.97 -5.68
C ARG C 334 28.51 5.12 -4.90
N LEU C 335 27.33 5.69 -4.67
CA LEU C 335 26.24 5.01 -3.96
C LEU C 335 25.76 3.77 -4.72
N LEU C 336 25.73 3.91 -6.04
CA LEU C 336 25.24 2.85 -6.87
C LEU C 336 26.23 1.69 -6.86
N ALA C 337 27.52 2.02 -6.76
CA ALA C 337 28.57 1.02 -6.72
C ALA C 337 28.68 0.37 -5.33
N GLY C 338 27.68 0.64 -4.48
CA GLY C 338 27.59 0.09 -3.13
C GLY C 338 28.27 0.89 -2.04
N ALA C 339 28.64 2.14 -2.34
CA ALA C 339 29.36 2.97 -1.37
C ALA C 339 28.41 3.47 -0.33
N THR C 340 28.91 3.82 0.86
CA THR C 340 28.09 4.48 1.89
C THR C 340 28.87 5.45 2.80
N TRP C 341 28.17 6.22 3.63
CA TRP C 341 28.84 7.15 4.57
C TRP C 341 27.95 7.72 5.69
N LYS C 342 28.63 7.91 6.82
CA LYS C 342 28.19 8.60 8.03
C LYS C 342 26.72 8.44 8.48
N PRO D 3 22.49 15.61 48.78
CA PRO D 3 21.81 16.53 47.86
C PRO D 3 22.71 16.87 46.70
N LEU D 4 22.10 16.99 45.53
CA LEU D 4 22.88 17.35 44.33
C LEU D 4 22.85 18.84 44.12
N LYS D 5 23.90 19.35 43.49
CA LYS D 5 23.86 20.66 42.83
C LYS D 5 23.62 20.45 41.33
N VAL D 6 22.60 21.14 40.82
CA VAL D 6 22.16 20.95 39.47
C VAL D 6 22.11 22.28 38.76
N ALA D 7 22.92 22.36 37.70
CA ALA D 7 22.90 23.44 36.74
C ALA D 7 21.99 22.93 35.63
N LEU D 8 20.91 23.71 35.48
CA LEU D 8 19.82 23.56 34.56
C LEU D 8 20.03 24.62 33.53
N VAL D 9 20.36 24.17 32.33
CA VAL D 9 20.56 25.08 31.25
C VAL D 9 19.26 25.27 30.46
N ASN D 10 18.67 26.44 30.67
CA ASN D 10 17.57 26.91 29.87
C ASN D 10 18.05 27.37 28.44
N ILE D 11 17.14 27.31 27.48
CA ILE D 11 17.36 27.94 26.17
C ILE D 11 17.42 29.46 26.30
N PRO D 12 18.61 30.04 26.07
CA PRO D 12 18.86 31.47 26.14
C PRO D 12 18.14 32.20 25.01
N LEU D 13 17.20 33.09 25.30
CA LEU D 13 16.46 33.75 24.20
C LEU D 13 16.20 35.18 24.56
N ARG D 14 16.44 36.09 23.63
CA ARG D 14 16.18 37.50 23.88
C ARG D 14 14.68 37.71 23.73
N VAL D 15 14.12 38.60 24.54
CA VAL D 15 12.74 39.03 24.40
C VAL D 15 12.68 39.68 23.03
N PRO D 16 11.79 39.22 22.13
CA PRO D 16 11.66 39.85 20.82
C PRO D 16 11.81 41.38 20.80
N GLY D 17 12.85 41.87 20.10
CA GLY D 17 13.03 43.29 19.84
C GLY D 17 13.69 44.02 21.00
N SER D 18 14.32 43.23 21.87
CA SER D 18 14.92 43.71 23.10
C SER D 18 16.20 42.95 23.33
N ASP D 19 17.10 43.56 24.12
CA ASP D 19 18.32 42.92 24.56
C ASP D 19 18.10 42.08 25.81
N ALA D 20 16.98 42.31 26.48
CA ALA D 20 16.58 41.51 27.64
C ALA D 20 16.35 40.03 27.26
N TRP D 21 16.53 39.16 28.25
CA TRP D 21 16.31 37.74 28.08
C TRP D 21 14.95 37.34 28.64
N ILE D 22 14.34 36.35 27.97
CA ILE D 22 13.17 35.68 28.45
C ILE D 22 13.55 34.82 29.67
N SER D 23 12.70 34.92 30.66
CA SER D 23 12.95 34.41 31.95
C SER D 23 12.38 32.97 32.16
N VAL D 24 12.50 32.50 33.39
CA VAL D 24 12.00 31.21 33.78
C VAL D 24 11.36 31.43 35.15
N PRO D 25 10.04 31.32 35.22
CA PRO D 25 9.11 31.05 34.11
C PRO D 25 8.99 32.20 33.08
N PRO D 26 8.54 31.89 31.84
CA PRO D 26 8.42 32.96 30.84
C PRO D 26 7.24 33.83 31.15
N GLN D 27 7.33 35.12 30.86
CA GLN D 27 6.16 35.94 31.08
C GLN D 27 5.10 35.79 29.98
N GLY D 28 5.51 35.25 28.84
CA GLY D 28 4.55 34.97 27.79
C GLY D 28 4.87 33.60 27.24
N TYR D 29 4.60 33.42 25.94
CA TYR D 29 4.99 32.23 25.15
C TYR D 29 6.33 31.63 25.54
N GLY D 30 6.40 30.30 25.61
CA GLY D 30 7.67 29.66 25.80
C GLY D 30 7.54 28.41 26.65
N GLY D 31 7.72 27.25 26.01
CA GLY D 31 7.37 25.98 26.61
C GLY D 31 8.54 25.33 27.30
N ILE D 32 9.75 25.61 26.83
CA ILE D 32 10.92 25.03 27.42
C ILE D 32 11.12 25.67 28.76
N GLN D 33 10.75 26.94 28.85
CA GLN D 33 11.07 27.73 30.02
C GLN D 33 10.17 27.36 31.19
N TRP D 34 8.97 26.87 30.84
CA TRP D 34 8.06 26.23 31.76
C TRP D 34 8.47 24.76 32.09
N VAL D 35 8.98 24.01 31.12
CA VAL D 35 9.51 22.71 31.48
C VAL D 35 10.47 23.02 32.61
N VAL D 36 11.47 23.87 32.32
CA VAL D 36 12.53 24.26 33.28
C VAL D 36 12.02 24.69 34.66
N ALA D 37 11.12 25.69 34.70
CA ALA D 37 10.47 26.19 35.94
C ALA D 37 9.80 25.11 36.79
N ASN D 38 8.96 24.31 36.15
CA ASN D 38 8.27 23.16 36.73
C ASN D 38 9.23 22.11 37.26
N LEU D 39 10.28 21.83 36.49
CA LEU D 39 11.28 20.80 36.86
C LEU D 39 12.06 21.33 38.07
N MET D 40 12.31 22.63 38.04
CA MET D 40 13.11 23.28 39.04
C MET D 40 12.39 23.19 40.36
N ASP D 41 11.08 23.40 40.32
CA ASP D 41 10.21 23.28 41.52
C ASP D 41 10.33 21.89 42.16
N GLY D 42 10.23 20.87 41.33
CA GLY D 42 10.30 19.49 41.79
C GLY D 42 11.67 19.29 42.41
N LEU D 43 12.71 19.65 41.66
CA LEU D 43 14.08 19.53 42.11
C LEU D 43 14.34 20.25 43.43
N LEU D 44 13.86 21.49 43.55
CA LEU D 44 13.99 22.26 44.80
C LEU D 44 13.24 21.61 45.99
N GLU D 45 11.98 21.25 45.74
CA GLU D 45 11.12 20.51 46.69
C GLU D 45 11.78 19.24 47.22
N LEU D 46 12.57 18.59 46.38
CA LEU D 46 13.25 17.34 46.71
C LEU D 46 14.52 17.51 47.51
N GLY D 47 14.96 18.76 47.66
CA GLY D 47 16.04 19.13 48.61
C GLY D 47 17.35 19.37 47.90
N HIS D 48 17.28 19.58 46.58
CA HIS D 48 18.48 19.82 45.75
C HIS D 48 18.71 21.30 45.48
N GLU D 49 19.97 21.65 45.20
CA GLU D 49 20.28 23.03 44.81
C GLU D 49 20.35 23.18 43.29
N VAL D 50 19.69 24.24 42.83
CA VAL D 50 19.52 24.54 41.42
C VAL D 50 20.18 25.87 41.05
N PHE D 51 21.00 25.82 40.02
CA PHE D 51 21.66 26.97 39.47
C PHE D 51 21.09 27.05 38.06
N LEU D 52 20.32 28.10 37.79
CA LEU D 52 19.64 28.29 36.53
C LEU D 52 20.45 29.21 35.62
N LEU D 53 20.88 28.69 34.47
CA LEU D 53 21.57 29.52 33.48
C LEU D 53 20.72 29.84 32.28
N GLY D 54 21.14 30.83 31.49
CA GLY D 54 20.47 31.14 30.24
C GLY D 54 19.10 31.68 30.47
N ALA D 55 18.92 32.41 31.57
CA ALA D 55 17.62 32.94 31.99
C ALA D 55 17.71 34.01 33.06
N PRO D 56 18.69 34.93 32.98
CA PRO D 56 19.17 35.69 34.16
C PRO D 56 18.29 36.80 34.78
N GLY D 57 17.15 37.14 34.22
CA GLY D 57 16.24 38.07 34.90
C GLY D 57 15.18 37.37 35.72
N SER D 58 15.32 36.06 35.90
CA SER D 58 14.25 35.23 36.47
C SER D 58 14.02 35.53 37.95
N PRO D 59 12.83 35.20 38.47
CA PRO D 59 12.60 35.43 39.94
C PRO D 59 13.60 34.71 40.88
N GLY D 61 15.42 33.70 44.13
CA GLY D 61 14.39 34.10 45.12
C GLY D 61 13.85 32.97 46.06
N ARG D 62 13.34 31.87 45.50
CA ARG D 62 13.12 30.64 46.28
C ARG D 62 14.43 30.22 46.91
N PRO D 63 14.38 29.67 48.12
CA PRO D 63 15.57 29.03 48.72
C PRO D 63 16.19 27.90 47.91
N GLY D 64 17.51 27.94 47.80
CA GLY D 64 18.27 26.86 47.14
C GLY D 64 18.33 27.05 45.62
N LEU D 65 17.75 28.15 45.14
CA LEU D 65 17.84 28.50 43.73
C LEU D 65 18.82 29.63 43.62
N THR D 66 19.83 29.46 42.76
CA THR D 66 20.70 30.56 42.31
C THR D 66 20.48 30.81 40.81
N VAL D 67 20.11 32.04 40.48
CA VAL D 67 19.98 32.47 39.09
C VAL D 67 21.30 33.08 38.68
N VAL D 68 21.94 32.42 37.74
CA VAL D 68 23.24 32.89 37.33
C VAL D 68 23.11 33.99 36.29
N PRO D 69 23.86 35.09 36.47
CA PRO D 69 23.70 36.19 35.53
C PRO D 69 24.53 35.86 34.29
N ALA D 70 24.14 34.81 33.61
CA ALA D 70 24.78 34.37 32.38
C ALA D 70 23.66 34.08 31.43
N GLY D 71 23.69 34.73 30.29
CA GLY D 71 22.63 34.57 29.29
C GLY D 71 23.17 34.01 28.00
N GLU D 72 24.32 34.56 27.54
CA GLU D 72 24.97 34.19 26.27
C GLU D 72 25.52 32.81 26.41
N PRO D 73 25.50 32.04 25.32
CA PRO D 73 26.14 30.72 25.36
C PRO D 73 27.54 30.81 25.88
N GLU D 74 28.27 31.84 25.46
CA GLU D 74 29.66 32.05 25.89
C GLU D 74 29.80 32.34 27.40
N GLU D 75 28.94 33.24 27.92
CA GLU D 75 28.80 33.49 29.38
C GLU D 75 28.49 32.17 30.14
N ILE D 76 27.58 31.37 29.57
CA ILE D 76 27.15 30.12 30.18
C ILE D 76 28.28 29.05 30.21
N GLU D 77 28.88 28.82 29.06
CA GLU D 77 29.98 27.88 28.89
C GLU D 77 31.21 28.25 29.76
N ARG D 78 31.47 29.55 29.91
CA ARG D 78 32.52 30.12 30.79
C ARG D 78 32.27 29.80 32.28
N TRP D 79 31.03 30.04 32.70
CA TRP D 79 30.55 29.70 34.06
C TRP D 79 30.58 28.19 34.34
N LEU D 80 30.04 27.39 33.43
CA LEU D 80 30.13 25.92 33.54
C LEU D 80 31.53 25.39 33.75
N ARG D 81 32.51 25.93 33.02
CA ARG D 81 33.88 25.38 32.97
C ARG D 81 34.53 25.36 34.35
N THR D 82 34.10 26.28 35.21
CA THR D 82 34.60 26.48 36.56
C THR D 82 33.57 26.25 37.68
N ALA D 83 32.31 25.99 37.32
CA ALA D 83 31.29 25.72 38.34
C ALA D 83 31.59 24.44 39.12
N ASP D 84 31.18 24.45 40.37
CA ASP D 84 31.28 23.32 41.29
C ASP D 84 29.93 22.60 41.42
N VAL D 85 29.43 22.03 40.32
CA VAL D 85 28.22 21.22 40.41
C VAL D 85 28.45 19.74 40.11
N ASP D 86 27.43 18.96 40.44
CA ASP D 86 27.43 17.52 40.19
C ASP D 86 26.86 17.18 38.81
N VAL D 87 25.84 17.97 38.38
CA VAL D 87 25.06 17.76 37.15
C VAL D 87 24.83 19.04 36.38
N VAL D 88 25.18 19.01 35.10
CA VAL D 88 24.74 19.94 34.10
C VAL D 88 23.62 19.24 33.30
N HIS D 89 22.48 19.92 33.21
CA HIS D 89 21.27 19.38 32.65
C HIS D 89 20.84 20.37 31.60
N ASP D 90 21.15 20.02 30.34
CA ASP D 90 20.88 20.93 29.23
C ASP D 90 19.42 20.84 28.76
N HIS D 91 18.80 22.01 28.60
CA HIS D 91 17.49 22.14 27.96
C HIS D 91 17.53 23.03 26.69
N SER D 92 18.70 23.57 26.36
CA SER D 92 18.75 24.63 25.37
C SER D 92 18.77 24.13 23.91
N GLY D 93 19.15 22.86 23.75
CA GLY D 93 19.25 22.25 22.46
C GLY D 93 20.65 21.81 22.09
N GLY D 94 21.62 22.04 22.98
CA GLY D 94 23.03 21.79 22.69
C GLY D 94 23.81 23.07 22.40
N VAL D 95 23.22 24.21 22.76
CA VAL D 95 23.92 25.47 22.94
C VAL D 95 25.22 25.29 23.72
N ILE D 96 25.21 24.41 24.72
CA ILE D 96 26.45 24.03 25.44
C ILE D 96 26.65 22.51 25.38
N GLY D 97 27.67 21.96 26.05
CA GLY D 97 27.93 20.49 26.01
C GLY D 97 28.90 19.95 27.06
N PRO D 98 29.05 18.62 27.14
CA PRO D 98 29.95 17.98 28.10
C PRO D 98 31.42 18.42 28.06
N ALA D 99 31.95 18.81 26.90
CA ALA D 99 33.35 19.24 26.84
C ALA D 99 33.58 20.52 27.62
N GLY D 100 34.59 20.49 28.49
CA GLY D 100 35.01 21.67 29.24
C GLY D 100 34.58 21.61 30.70
N LEU D 101 33.60 20.75 30.98
CA LEU D 101 33.13 20.55 32.34
C LEU D 101 34.24 19.90 33.19
N PRO D 102 34.34 20.29 34.47
CA PRO D 102 35.39 19.75 35.32
C PRO D 102 35.17 18.26 35.47
N PRO D 103 36.25 17.54 35.79
CA PRO D 103 36.20 16.12 36.05
C PRO D 103 35.14 15.81 37.09
N GLY D 104 34.23 14.91 36.74
CA GLY D 104 33.20 14.49 37.64
C GLY D 104 31.88 15.23 37.59
N THR D 105 31.70 16.17 36.69
CA THR D 105 30.37 16.72 36.53
C THR D 105 29.63 15.87 35.47
N ALA D 106 28.35 15.57 35.74
CA ALA D 106 27.52 14.79 34.83
C ALA D 106 26.73 15.66 33.86
N PHE D 107 26.60 15.18 32.62
CA PHE D 107 25.84 15.88 31.58
C PHE D 107 24.56 15.12 31.13
N ILE D 108 23.42 15.77 31.32
CA ILE D 108 22.15 15.25 30.86
C ILE D 108 21.49 16.31 30.00
N SER D 109 20.75 15.88 28.98
CA SER D 109 19.88 16.81 28.26
C SER D 109 18.43 16.38 28.34
N SER D 110 17.51 17.32 28.18
CA SER D 110 16.12 16.98 27.97
C SER D 110 15.80 17.52 26.62
N HIS D 111 15.51 16.62 25.69
CA HIS D 111 15.34 17.04 24.30
C HIS D 111 13.96 17.58 23.99
N HIS D 112 13.93 18.85 23.64
CA HIS D 112 12.68 19.56 23.45
C HIS D 112 12.39 19.84 22.01
N PHE D 113 13.09 19.15 21.11
CA PHE D 113 13.05 19.52 19.69
C PHE D 113 12.67 18.34 18.82
N THR D 114 12.22 18.62 17.59
CA THR D 114 11.87 17.51 16.67
C THR D 114 13.07 16.96 15.88
N THR D 115 14.26 17.47 16.13
CA THR D 115 15.46 17.14 15.29
C THR D 115 16.49 16.42 16.11
N ARG D 116 17.44 15.72 15.50
CA ARG D 116 18.38 14.97 16.31
C ARG D 116 19.22 15.92 17.21
N PRO D 117 19.49 15.48 18.46
CA PRO D 117 20.21 16.36 19.38
C PRO D 117 21.69 16.51 19.07
N VAL D 118 22.19 17.72 19.29
CA VAL D 118 23.63 17.98 19.26
C VAL D 118 24.37 16.96 20.16
N ASN D 119 23.79 16.66 21.32
CA ASN D 119 24.43 15.79 22.29
C ASN D 119 23.57 14.58 22.65
N PRO D 120 23.59 13.55 21.78
CA PRO D 120 22.78 12.36 22.04
C PRO D 120 23.13 11.58 23.32
N VAL D 121 24.39 11.57 23.72
CA VAL D 121 24.80 10.83 24.91
C VAL D 121 24.28 11.51 26.17
N GLY D 122 23.50 10.79 26.96
CA GLY D 122 22.89 11.33 28.16
C GLY D 122 21.69 12.20 27.82
N CYS D 123 21.13 11.98 26.63
CA CYS D 123 19.92 12.67 26.21
C CYS D 123 18.65 11.95 26.65
N THR D 124 17.67 12.74 27.08
CA THR D 124 16.36 12.22 27.41
C THR D 124 15.35 12.87 26.45
N TYR D 125 14.20 12.20 26.26
CA TYR D 125 13.11 12.55 25.31
C TYR D 125 11.76 12.62 26.03
N SER D 126 10.93 13.62 25.74
CA SER D 126 9.65 13.75 26.44
C SER D 126 8.58 12.75 25.97
N SER D 127 8.89 12.05 24.88
CA SER D 127 7.98 11.07 24.31
C SER D 127 8.71 9.92 23.57
N ARG D 128 8.12 8.74 23.60
CA ARG D 128 8.56 7.68 22.74
C ARG D 128 8.60 8.10 21.29
N ALA D 129 7.72 9.02 20.88
CA ALA D 129 7.67 9.35 19.43
C ALA D 129 8.88 10.20 18.96
N GLN D 130 9.24 11.14 19.82
CA GLN D 130 10.43 11.95 19.68
C GLN D 130 11.66 11.09 19.68
N ARG D 131 11.82 10.30 20.75
CA ARG D 131 12.96 9.41 20.85
C ARG D 131 13.15 8.62 19.54
N ALA D 132 12.06 8.10 19.00
CA ALA D 132 12.07 7.33 17.76
C ALA D 132 12.42 8.18 16.54
N HIS D 133 11.88 9.40 16.49
CA HIS D 133 12.13 10.24 15.33
C HIS D 133 13.51 10.93 15.33
N CYS D 134 14.07 11.22 16.51
CA CYS D 134 15.47 11.68 16.63
C CYS D 134 16.49 10.53 16.55
N GLY D 135 16.02 9.29 16.50
CA GLY D 135 16.94 8.17 16.38
C GLY D 135 17.58 7.87 17.72
N GLY D 136 16.87 8.19 18.79
CA GLY D 136 17.30 7.87 20.16
C GLY D 136 17.37 6.37 20.34
N GLY D 137 18.36 5.90 21.10
CA GLY D 137 18.45 4.46 21.41
C GLY D 137 17.34 3.99 22.35
N ASP D 138 17.20 2.66 22.43
CA ASP D 138 16.11 2.06 23.18
C ASP D 138 16.36 2.18 24.67
N ASP D 139 17.55 2.70 25.04
CA ASP D 139 17.93 2.93 26.44
C ASP D 139 17.92 4.42 26.81
N ALA D 140 17.72 5.28 25.82
CA ALA D 140 17.49 6.69 26.10
C ALA D 140 16.19 6.84 26.92
N PRO D 141 16.30 7.32 28.19
CA PRO D 141 15.14 7.52 29.07
C PRO D 141 14.09 8.41 28.44
N VAL D 142 12.82 8.13 28.76
CA VAL D 142 11.69 8.90 28.21
C VAL D 142 10.91 9.50 29.36
N ILE D 143 11.21 10.75 29.65
CA ILE D 143 10.53 11.44 30.71
C ILE D 143 9.61 12.56 30.18
N PRO D 144 8.29 12.45 30.47
CA PRO D 144 7.26 13.42 30.05
C PRO D 144 7.58 14.78 30.55
N ILE D 145 6.94 15.80 29.99
CA ILE D 145 7.00 17.15 30.55
C ILE D 145 6.51 17.13 32.00
N PRO D 146 7.20 17.81 32.93
CA PRO D 146 6.68 17.88 34.31
C PRO D 146 5.71 19.04 34.51
N VAL D 147 4.73 18.89 35.40
CA VAL D 147 3.93 20.04 35.78
C VAL D 147 3.75 20.13 37.28
N ASP D 148 3.79 21.35 37.79
CA ASP D 148 3.65 21.61 39.22
C ASP D 148 2.30 22.26 39.47
N PRO D 149 1.40 21.58 40.21
CA PRO D 149 0.05 22.14 40.33
C PRO D 149 0.01 23.53 40.95
N ALA D 150 1.04 23.82 41.77
CA ALA D 150 1.20 25.10 42.48
C ALA D 150 1.32 26.28 41.54
N ARG D 151 1.84 26.03 40.34
CA ARG D 151 1.92 27.05 39.28
C ARG D 151 0.63 27.36 38.53
N TYR D 152 -0.39 26.54 38.69
CA TYR D 152 -1.61 26.68 37.92
C TYR D 152 -2.82 26.74 38.85
N ARG D 153 -4.00 26.99 38.28
CA ARG D 153 -5.23 27.03 39.08
C ARG D 153 -5.48 25.65 39.66
N SER D 154 -6.03 25.65 40.88
CA SER D 154 -6.41 24.45 41.64
C SER D 154 -7.91 24.25 41.63
N ALA D 155 -8.35 23.13 42.18
CA ALA D 155 -9.78 22.92 42.41
C ALA D 155 -10.34 23.92 43.43
N ALA D 156 -9.54 24.29 44.44
CA ALA D 156 -9.99 25.25 45.45
C ALA D 156 -10.15 26.69 44.96
N ASP D 157 -9.53 27.02 43.83
CA ASP D 157 -9.69 28.34 43.20
C ASP D 157 -11.09 28.55 42.61
N GLN D 158 -11.82 27.46 42.43
CA GLN D 158 -13.17 27.47 41.86
C GLN D 158 -13.35 28.41 40.65
N VAL D 159 -12.41 28.39 39.69
CA VAL D 159 -12.57 29.16 38.45
C VAL D 159 -13.85 28.66 37.75
N ALA D 160 -14.74 29.60 37.46
CA ALA D 160 -16.01 29.30 36.79
C ALA D 160 -15.73 28.94 35.35
N LYS D 161 -16.19 27.75 34.99
CA LYS D 161 -16.08 27.23 33.62
C LYS D 161 -16.94 28.01 32.65
N GLU D 162 -16.37 28.23 31.49
CA GLU D 162 -17.14 28.90 30.45
C GLU D 162 -17.26 28.02 29.24
N ASP D 163 -17.92 28.54 28.20
CA ASP D 163 -18.32 27.77 27.02
C ASP D 163 -17.22 27.48 25.99
N PHE D 164 -16.10 28.19 26.07
CA PHE D 164 -15.17 28.25 24.93
C PHE D 164 -14.16 27.11 24.82
N LEU D 165 -13.59 26.94 23.64
CA LEU D 165 -12.44 26.08 23.51
C LEU D 165 -11.26 27.03 23.46
N LEU D 166 -10.10 26.52 23.80
CA LEU D 166 -8.94 27.39 23.90
C LEU D 166 -7.79 26.83 23.10
N PHE D 167 -7.15 27.70 22.32
CA PHE D 167 -5.90 27.33 21.66
C PHE D 167 -4.82 28.08 22.42
N MET D 168 -3.79 27.33 22.84
CA MET D 168 -2.61 27.91 23.49
C MET D 168 -1.31 27.70 22.72
N GLY D 169 -0.92 28.65 21.90
CA GLY D 169 0.40 28.49 21.33
C GLY D 169 0.70 29.37 20.15
N ARG D 170 1.78 29.01 19.45
CA ARG D 170 2.14 29.70 18.21
C ARG D 170 1.10 29.39 17.12
N VAL D 171 0.39 30.43 16.70
CA VAL D 171 -0.48 30.34 15.55
C VAL D 171 0.35 30.04 14.29
N SER D 172 0.79 28.77 14.20
CA SER D 172 1.55 28.28 13.05
C SER D 172 0.93 26.99 12.57
N PRO D 173 1.05 26.72 11.25
CA PRO D 173 0.60 25.51 10.59
C PRO D 173 0.79 24.24 11.40
N HIS D 174 2.01 23.93 11.80
CA HIS D 174 2.30 22.67 12.51
C HIS D 174 1.58 22.56 13.84
N LYS D 175 1.12 23.68 14.39
CA LYS D 175 0.37 23.63 15.65
C LYS D 175 -1.13 23.37 15.52
N GLY D 176 -1.70 23.48 14.32
CA GLY D 176 -3.13 23.23 14.16
C GLY D 176 -4.14 24.32 14.53
N ALA D 177 -3.71 25.56 14.76
CA ALA D 177 -4.68 26.66 15.02
C ALA D 177 -5.92 26.64 14.12
N LEU D 178 -5.73 26.68 12.81
CA LEU D 178 -6.81 26.45 11.84
C LEU D 178 -7.70 25.23 12.13
N GLU D 179 -7.06 24.07 12.40
CA GLU D 179 -7.71 22.80 12.63
C GLU D 179 -8.44 22.77 13.96
N ALA D 180 -7.90 23.50 14.93
CA ALA D 180 -8.61 23.86 16.15
C ALA D 180 -9.83 24.74 15.84
N ALA D 181 -9.67 25.69 14.92
CA ALA D 181 -10.76 26.57 14.53
C ALA D 181 -11.90 25.79 13.87
N ALA D 182 -11.55 24.77 13.08
CA ALA D 182 -12.51 23.96 12.40
C ALA D 182 -13.25 23.05 13.34
N PHE D 183 -12.54 22.51 14.35
CA PHE D 183 -13.11 21.62 15.32
C PHE D 183 -14.05 22.36 16.25
N ALA D 184 -13.61 23.52 16.76
CA ALA D 184 -14.50 24.44 17.46
C ALA D 184 -15.78 24.66 16.67
N HIS D 185 -15.67 25.22 15.48
CA HIS D 185 -16.80 25.49 14.60
C HIS D 185 -17.78 24.32 14.51
N ALA D 186 -17.21 23.10 14.44
CA ALA D 186 -17.98 21.86 14.35
C ALA D 186 -18.82 21.61 15.61
N CYS D 187 -18.24 21.91 16.77
CA CYS D 187 -18.91 21.79 18.06
C CYS D 187 -19.92 22.91 18.33
N GLY D 188 -19.98 23.91 17.44
CA GLY D 188 -20.84 25.09 17.63
C GLY D 188 -20.25 26.05 18.65
N ARG D 189 -18.98 25.90 18.96
CA ARG D 189 -18.38 26.67 20.04
C ARG D 189 -17.46 27.77 19.54
N ARG D 190 -17.21 28.78 20.36
CA ARG D 190 -16.16 29.76 20.07
C ARG D 190 -14.79 29.15 20.34
N LEU D 191 -13.80 29.63 19.61
CA LEU D 191 -12.41 29.28 19.90
C LEU D 191 -11.62 30.48 20.37
N VAL D 192 -11.06 30.39 21.56
CA VAL D 192 -10.18 31.46 22.04
C VAL D 192 -8.82 31.17 21.42
N LEU D 193 -8.25 32.19 20.79
CA LEU D 193 -7.02 31.94 20.06
C LEU D 193 -5.91 32.76 20.70
N ALA D 194 -5.24 32.12 21.65
CA ALA D 194 -4.20 32.74 22.46
C ALA D 194 -2.82 32.39 21.94
N GLY D 195 -2.04 33.41 21.64
CA GLY D 195 -0.68 33.15 21.27
C GLY D 195 -0.19 34.08 20.20
N PRO D 196 1.15 34.15 20.04
CA PRO D 196 1.80 34.95 19.04
C PRO D 196 1.40 34.45 17.66
N ALA D 197 1.03 35.40 16.79
CA ALA D 197 0.77 35.11 15.39
C ALA D 197 1.79 35.88 14.59
N TRP D 198 2.88 35.21 14.23
CA TRP D 198 3.88 35.85 13.38
C TRP D 198 3.62 35.60 11.90
N GLU D 199 2.78 34.61 11.61
CA GLU D 199 2.48 34.20 10.23
C GLU D 199 1.14 34.83 9.70
N PRO D 200 1.25 35.95 8.97
CA PRO D 200 0.06 36.76 8.69
C PRO D 200 -0.96 36.13 7.71
N GLU D 201 -0.47 35.51 6.64
CA GLU D 201 -1.33 34.94 5.60
C GLU D 201 -2.15 33.79 6.20
N TYR D 202 -1.52 33.09 7.14
CA TYR D 202 -2.11 31.94 7.83
C TYR D 202 -3.15 32.39 8.82
N PHE D 203 -2.84 33.48 9.51
CA PHE D 203 -3.74 34.04 10.48
C PHE D 203 -5.00 34.53 9.75
N ASP D 204 -4.80 35.04 8.54
CA ASP D 204 -5.92 35.46 7.68
C ASP D 204 -6.75 34.28 7.16
N GLU D 205 -6.09 33.23 6.72
CA GLU D 205 -6.77 32.00 6.29
C GLU D 205 -7.82 31.61 7.34
N ILE D 206 -7.36 31.43 8.59
CA ILE D 206 -8.17 31.14 9.76
C ILE D 206 -9.34 32.10 9.95
N THR D 207 -9.10 33.40 9.98
CA THR D 207 -10.24 34.31 10.19
C THR D 207 -11.10 34.47 8.95
N ARG D 208 -10.56 34.14 7.79
CA ARG D 208 -11.38 34.03 6.57
C ARG D 208 -12.29 32.81 6.67
N ARG D 209 -11.74 31.65 7.06
CA ARG D 209 -12.50 30.39 7.02
C ARG D 209 -13.34 30.13 8.27
N TYR D 210 -12.97 30.78 9.38
CA TYR D 210 -13.59 30.51 10.67
C TYR D 210 -13.76 31.76 11.51
N GLY D 211 -14.08 32.87 10.87
CA GLY D 211 -14.08 34.20 11.49
C GLY D 211 -14.96 34.33 12.71
N SER D 212 -16.24 34.01 12.53
CA SER D 212 -17.23 34.01 13.60
C SER D 212 -16.81 33.18 14.82
N THR D 213 -16.33 31.97 14.57
CA THR D 213 -15.84 31.05 15.59
C THR D 213 -14.70 31.59 16.45
N VAL D 214 -13.72 32.28 15.82
CA VAL D 214 -12.44 32.51 16.53
C VAL D 214 -12.28 33.91 17.10
N GLU D 215 -11.86 33.96 18.37
CA GLU D 215 -11.55 35.19 19.08
C GLU D 215 -10.04 35.19 19.30
N PRO D 216 -9.28 35.92 18.46
CA PRO D 216 -7.82 35.92 18.61
C PRO D 216 -7.39 36.94 19.64
N ILE D 217 -6.53 36.56 20.58
CA ILE D 217 -6.19 37.49 21.66
C ILE D 217 -4.70 37.81 21.80
N GLY D 218 -3.87 37.20 20.95
CA GLY D 218 -2.46 37.43 21.03
C GLY D 218 -1.83 36.77 22.23
N GLU D 219 -0.52 37.03 22.44
CA GLU D 219 0.27 36.33 23.45
C GLU D 219 -0.33 36.62 24.80
N VAL D 220 -0.62 35.58 25.56
CA VAL D 220 -1.10 35.75 26.95
C VAL D 220 -0.06 35.27 27.93
N GLY D 221 -0.15 35.75 29.15
CA GLY D 221 0.70 35.33 30.26
C GLY D 221 0.06 35.75 31.60
N GLY D 222 0.68 35.38 32.71
CA GLY D 222 0.23 35.89 34.00
C GLY D 222 -1.11 35.29 34.38
N GLU D 223 -1.92 36.04 35.09
CA GLU D 223 -3.20 35.56 35.63
C GLU D 223 -4.22 35.30 34.54
N ARG D 224 -4.12 36.06 33.44
CA ARG D 224 -4.95 35.79 32.23
C ARG D 224 -4.60 34.39 31.71
N ARG D 225 -3.36 34.14 31.36
CA ARG D 225 -3.02 32.79 30.96
C ARG D 225 -3.57 31.64 31.89
N LEU D 226 -3.64 31.90 33.20
CA LEU D 226 -4.01 30.86 34.15
C LEU D 226 -5.49 30.66 34.17
N ASP D 227 -6.23 31.77 34.09
CA ASP D 227 -7.67 31.76 34.09
C ASP D 227 -8.21 31.24 32.76
N LEU D 228 -7.42 31.37 31.71
CA LEU D 228 -7.85 30.93 30.44
C LEU D 228 -7.71 29.45 30.42
N LEU D 229 -6.61 28.93 30.96
CA LEU D 229 -6.44 27.47 31.02
C LEU D 229 -7.53 26.87 31.90
N ALA D 230 -7.87 27.49 33.01
CA ALA D 230 -8.84 26.84 33.90
C ALA D 230 -10.32 27.10 33.62
N SER D 231 -10.66 28.14 32.84
CA SER D 231 -12.07 28.44 32.66
C SER D 231 -12.56 27.84 31.35
N ALA D 232 -11.61 27.36 30.55
CA ALA D 232 -11.93 26.87 29.22
C ALA D 232 -12.60 25.52 29.32
N HIS D 233 -13.61 25.31 28.46
CA HIS D 233 -14.27 24.00 28.37
C HIS D 233 -13.30 22.89 27.88
N ALA D 234 -12.45 23.20 26.91
CA ALA D 234 -11.38 22.30 26.47
C ALA D 234 -10.22 23.04 25.79
N VAL D 235 -9.05 22.43 25.85
CA VAL D 235 -7.86 22.92 25.20
C VAL D 235 -7.60 22.04 24.01
N LEU D 236 -7.33 22.68 22.87
CA LEU D 236 -7.16 21.94 21.62
C LEU D 236 -5.71 21.91 21.20
N ALA D 237 -5.13 20.72 21.18
CA ALA D 237 -3.73 20.53 20.86
C ALA D 237 -3.64 19.83 19.52
N MET D 238 -3.88 20.58 18.45
CA MET D 238 -4.18 19.98 17.13
C MET D 238 -3.00 19.94 16.19
N SER D 239 -1.87 19.51 16.72
CA SER D 239 -0.65 19.51 15.96
C SER D 239 -0.75 18.65 14.70
N GLN D 240 -0.19 19.13 13.58
CA GLN D 240 -0.34 18.45 12.28
C GLN D 240 0.99 17.89 11.78
N ALA D 241 0.91 16.81 11.01
CA ALA D 241 2.08 16.21 10.43
C ALA D 241 2.36 16.86 9.06
N VAL D 242 2.81 18.12 9.15
CA VAL D 242 3.18 18.98 8.03
C VAL D 242 4.70 19.20 8.06
N THR D 243 5.28 19.49 6.90
CA THR D 243 6.70 19.82 6.78
C THR D 243 7.09 20.83 7.86
N GLY D 244 7.81 20.37 8.89
CA GLY D 244 8.22 21.16 10.07
C GLY D 244 8.98 22.44 9.76
N PRO D 245 9.16 23.32 10.77
CA PRO D 245 9.92 24.55 10.45
C PRO D 245 11.40 24.36 10.01
N TRP D 246 12.07 23.31 10.52
CA TRP D 246 13.37 22.87 9.94
C TRP D 246 13.32 21.53 9.20
N GLY D 248 11.96 17.81 8.12
CA GLY D 248 10.93 17.28 9.07
C GLY D 248 9.65 17.43 8.27
N ILE D 249 8.75 16.45 8.22
CA ILE D 249 7.68 16.23 9.21
C ILE D 249 7.68 16.70 10.70
N TRP D 250 6.72 17.58 11.00
CA TRP D 250 6.40 17.93 12.37
C TRP D 250 5.98 16.71 13.19
N CYS D 251 6.74 16.47 14.25
CA CYS D 251 6.47 15.41 15.20
C CYS D 251 6.61 15.97 16.61
N GLU D 252 5.48 16.43 17.16
CA GLU D 252 5.41 17.08 18.46
C GLU D 252 6.20 16.36 19.59
N PRO D 253 7.36 16.93 20.04
CA PRO D 253 8.20 16.40 21.14
C PRO D 253 7.49 16.04 22.49
N GLY D 254 6.90 17.04 23.17
CA GLY D 254 6.33 16.85 24.50
C GLY D 254 5.05 17.61 24.77
N ALA D 255 4.72 18.59 23.92
CA ALA D 255 3.43 19.34 23.96
C ALA D 255 3.15 19.88 25.34
N THR D 256 3.74 21.01 25.70
CA THR D 256 3.65 21.50 27.11
C THR D 256 2.22 21.83 27.53
N VAL D 257 1.41 22.38 26.64
CA VAL D 257 0.06 22.78 27.01
C VAL D 257 -0.88 21.65 27.51
N VAL D 258 -0.54 20.38 27.22
CA VAL D 258 -1.39 19.26 27.65
C VAL D 258 -1.42 19.14 29.18
N SER D 259 -0.30 19.35 29.85
CA SER D 259 -0.31 19.20 31.33
C SER D 259 -0.82 20.49 31.96
N GLU D 260 -0.57 21.61 31.27
CA GLU D 260 -1.10 22.89 31.73
C GLU D 260 -2.62 22.93 31.69
N ALA D 261 -3.19 22.44 30.59
CA ALA D 261 -4.64 22.26 30.45
C ALA D 261 -5.14 21.37 31.57
N ALA D 262 -4.57 20.18 31.68
CA ALA D 262 -5.10 19.18 32.59
C ALA D 262 -4.86 19.49 34.08
N VAL D 263 -3.71 20.03 34.45
CA VAL D 263 -3.50 20.35 35.85
C VAL D 263 -4.42 21.53 36.19
N SER D 264 -4.79 22.28 35.18
CA SER D 264 -5.75 23.35 35.42
C SER D 264 -7.16 22.81 35.48
N GLY D 265 -7.30 21.49 35.28
CA GLY D 265 -8.61 20.86 35.32
C GLY D 265 -9.42 21.12 34.05
N THR D 266 -8.70 21.11 32.94
CA THR D 266 -9.30 21.31 31.62
C THR D 266 -8.75 20.17 30.76
N PRO D 267 -9.67 19.36 30.17
CA PRO D 267 -9.33 18.21 29.32
C PRO D 267 -8.98 18.66 27.90
N VAL D 268 -8.30 17.78 27.16
CA VAL D 268 -7.68 18.13 25.89
C VAL D 268 -8.25 17.31 24.73
N VAL D 269 -8.70 18.02 23.71
CA VAL D 269 -8.83 17.43 22.40
C VAL D 269 -7.57 17.84 21.61
N GLY D 270 -6.88 16.82 21.07
CA GLY D 270 -5.73 16.96 20.22
C GLY D 270 -5.69 15.83 19.21
N THR D 271 -4.60 15.76 18.43
CA THR D 271 -4.40 14.73 17.39
C THR D 271 -3.45 13.62 17.88
N GLY D 272 -3.06 12.69 17.03
CA GLY D 272 -2.07 11.70 17.44
C GLY D 272 -0.65 12.04 17.06
N ASN D 273 -0.37 13.31 16.80
CA ASN D 273 0.92 13.75 16.30
C ASN D 273 1.95 13.67 17.41
N GLY D 274 3.07 12.98 17.14
CA GLY D 274 4.15 12.83 18.07
C GLY D 274 3.77 12.44 19.49
N CYS D 275 4.10 13.31 20.43
CA CYS D 275 3.82 13.01 21.84
C CYS D 275 2.32 12.99 22.20
N LEU D 276 1.49 13.40 21.25
CA LEU D 276 0.05 13.44 21.48
C LEU D 276 -0.64 12.07 21.54
N ALA D 277 -0.15 11.12 20.77
CA ALA D 277 -0.67 9.76 20.82
C ALA D 277 -0.56 9.21 22.24
N GLU D 278 0.43 9.70 22.99
CA GLU D 278 0.82 9.08 24.23
C GLU D 278 0.24 9.75 25.49
N ILE D 279 -0.20 11.01 25.36
CA ILE D 279 -0.55 11.79 26.56
C ILE D 279 -1.97 12.37 26.55
N VAL D 280 -2.47 12.70 25.35
CA VAL D 280 -3.83 13.26 25.23
C VAL D 280 -4.92 12.27 25.70
N PRO D 281 -4.82 10.96 25.33
CA PRO D 281 -5.75 9.98 25.80
C PRO D 281 -5.98 9.96 27.34
N SER D 282 -4.95 10.27 28.13
CA SER D 282 -5.08 10.29 29.59
C SER D 282 -5.94 11.44 30.11
N VAL D 283 -6.08 12.47 29.27
CA VAL D 283 -6.74 13.71 29.66
C VAL D 283 -7.72 14.17 28.57
N GLY D 284 -8.19 13.23 27.75
CA GLY D 284 -9.00 13.60 26.59
C GLY D 284 -9.10 12.54 25.50
N GLU D 285 -9.26 13.01 24.26
CA GLU D 285 -9.48 12.10 23.13
C GLU D 285 -8.69 12.64 22.01
N VAL D 286 -8.07 11.72 21.29
CA VAL D 286 -7.27 11.99 20.10
C VAL D 286 -8.20 11.96 18.89
N VAL D 287 -8.05 12.93 18.00
CA VAL D 287 -8.83 13.00 16.78
C VAL D 287 -7.97 12.97 15.50
N GLY D 288 -8.62 12.93 14.36
CA GLY D 288 -7.93 12.87 13.08
C GLY D 288 -7.22 14.15 12.74
N TYR D 289 -6.37 14.09 11.73
CA TYR D 289 -5.71 15.27 11.20
C TYR D 289 -6.71 15.99 10.28
N GLY D 290 -6.47 17.24 9.93
CA GLY D 290 -7.34 17.98 8.99
C GLY D 290 -8.48 18.79 9.62
N THR D 291 -9.26 19.49 8.79
CA THR D 291 -10.34 20.37 9.26
C THR D 291 -11.76 19.83 8.99
N ASP D 292 -11.87 18.56 8.59
CA ASP D 292 -13.18 18.11 8.14
C ASP D 292 -13.89 17.24 9.19
N PHE D 293 -14.38 17.90 10.22
CA PHE D 293 -14.99 17.22 11.40
C PHE D 293 -16.50 17.38 11.30
N ALA D 294 -17.19 16.24 11.41
CA ALA D 294 -18.63 16.22 11.42
C ALA D 294 -19.15 16.65 12.80
N PRO D 295 -20.01 17.70 12.84
CA PRO D 295 -20.58 18.30 14.07
C PRO D 295 -20.94 17.30 15.19
N ASP D 296 -21.83 16.36 14.89
CA ASP D 296 -22.31 15.35 15.84
C ASP D 296 -21.21 14.52 16.45
N GLU D 297 -20.28 14.07 15.61
CA GLU D 297 -19.14 13.23 15.97
C GLU D 297 -18.19 14.00 16.86
N ALA D 298 -18.20 15.33 16.71
CA ALA D 298 -17.25 16.22 17.42
C ALA D 298 -17.75 16.52 18.82
N ARG D 299 -19.00 17.00 18.88
CA ARG D 299 -19.78 17.14 20.10
C ARG D 299 -19.78 15.90 20.98
N ARG D 300 -19.86 14.74 20.34
CA ARG D 300 -19.79 13.46 21.03
C ARG D 300 -18.43 13.35 21.72
N THR D 301 -17.37 13.63 20.97
CA THR D 301 -16.00 13.67 21.49
C THR D 301 -15.95 14.58 22.71
N LEU D 302 -16.39 15.81 22.48
CA LEU D 302 -16.47 16.88 23.45
C LEU D 302 -17.18 16.35 24.65
N ALA D 303 -18.32 15.75 24.41
CA ALA D 303 -19.21 15.29 25.45
C ALA D 303 -18.58 14.22 26.35
N GLY D 304 -17.78 13.32 25.76
CA GLY D 304 -17.16 12.23 26.51
C GLY D 304 -15.84 12.59 27.16
N LEU D 305 -15.51 13.89 27.20
CA LEU D 305 -14.23 14.27 27.81
C LEU D 305 -14.26 14.07 29.34
N PRO D 306 -13.17 13.55 29.90
CA PRO D 306 -13.08 13.47 31.35
C PRO D 306 -13.32 14.82 31.98
N ALA D 307 -13.86 14.82 33.20
CA ALA D 307 -14.10 16.04 34.00
C ALA D 307 -12.87 16.60 34.68
N SER D 308 -13.00 17.86 35.09
CA SER D 308 -11.94 18.63 35.75
C SER D 308 -11.15 17.82 36.76
N ASP D 309 -11.83 17.21 37.71
CA ASP D 309 -11.16 16.36 38.72
C ASP D 309 -10.34 15.17 38.15
N GLU D 310 -10.87 14.42 37.18
CA GLU D 310 -10.12 13.24 36.65
C GLU D 310 -8.80 13.58 35.92
N VAL D 311 -8.78 14.70 35.21
CA VAL D 311 -7.58 15.12 34.45
C VAL D 311 -6.57 15.80 35.38
N ARG D 312 -7.07 16.49 36.40
CA ARG D 312 -6.17 17.04 37.39
C ARG D 312 -5.39 15.89 38.02
N ARG D 313 -6.12 14.96 38.61
CA ARG D 313 -5.61 13.65 39.03
C ARG D 313 -4.62 13.05 38.03
N ALA D 314 -5.06 12.88 36.78
CA ALA D 314 -4.25 12.29 35.70
C ALA D 314 -2.95 13.01 35.56
N ALA D 315 -3.05 14.34 35.41
CA ALA D 315 -1.89 15.24 35.38
C ALA D 315 -0.86 14.98 36.46
N VAL D 316 -1.27 14.94 37.72
CA VAL D 316 -0.28 14.86 38.78
C VAL D 316 0.36 13.47 38.77
N ARG D 317 -0.47 12.44 38.67
CA ARG D 317 -0.03 11.04 38.65
C ARG D 317 1.01 10.74 37.58
N LEU D 318 0.83 11.37 36.43
CA LEU D 318 1.60 11.06 35.24
C LEU D 318 2.78 11.99 35.08
N TRP D 319 2.49 13.28 35.19
CA TRP D 319 3.46 14.29 34.93
C TRP D 319 3.71 15.22 36.09
N GLY D 320 3.40 14.84 37.33
CA GLY D 320 3.67 15.71 38.50
C GLY D 320 5.14 16.07 38.70
N HIS D 321 5.41 17.31 39.12
CA HIS D 321 6.81 17.83 39.21
C HIS D 321 7.79 17.02 40.12
N VAL D 322 7.34 16.63 41.30
CA VAL D 322 8.16 15.86 42.22
C VAL D 322 8.47 14.50 41.59
N THR D 323 7.42 13.83 41.12
CA THR D 323 7.53 12.54 40.49
C THR D 323 8.50 12.59 39.32
N ILE D 324 8.26 13.57 38.43
CA ILE D 324 9.10 13.73 37.27
C ILE D 324 10.51 14.22 37.62
N ALA D 325 10.61 15.08 38.64
CA ALA D 325 11.93 15.60 38.98
C ALA D 325 12.74 14.46 39.57
N GLU D 326 12.05 13.54 40.23
CA GLU D 326 12.62 12.38 40.90
C GLU D 326 13.12 11.33 39.89
N ARG D 327 12.51 11.26 38.73
CA ARG D 327 12.90 10.34 37.66
C ARG D 327 14.16 10.87 37.01
N TYR D 328 14.20 12.19 36.91
CA TYR D 328 15.40 12.91 36.51
C TYR D 328 16.51 12.64 37.47
N VAL D 329 16.35 12.95 38.76
CA VAL D 329 17.47 12.64 39.69
C VAL D 329 17.97 11.18 39.69
N GLU D 330 17.08 10.21 39.57
CA GLU D 330 17.52 8.85 39.37
C GLU D 330 18.52 8.71 38.21
N GLN D 331 18.29 9.47 37.14
CA GLN D 331 19.16 9.44 35.95
C GLN D 331 20.51 10.12 36.20
N TYR D 332 20.46 11.37 36.69
CA TYR D 332 21.60 12.06 37.30
C TYR D 332 22.55 11.10 38.02
N ARG D 333 22.03 10.43 39.02
CA ARG D 333 22.81 9.51 39.85
C ARG D 333 23.37 8.29 39.10
N ARG D 334 22.61 7.80 38.12
CA ARG D 334 23.08 6.77 37.18
C ARG D 334 24.27 7.29 36.37
N LEU D 335 24.18 8.54 35.92
CA LEU D 335 25.26 9.16 35.12
C LEU D 335 26.48 9.45 36.00
N LEU D 336 26.25 9.89 37.23
CA LEU D 336 27.29 10.06 38.22
C LEU D 336 28.03 8.75 38.59
N ALA D 337 27.37 7.60 38.48
CA ALA D 337 28.03 6.27 38.63
C ALA D 337 28.59 5.77 37.31
N GLY D 338 28.63 6.63 36.31
CA GLY D 338 29.30 6.29 35.07
C GLY D 338 28.49 5.44 34.12
N ALA D 339 27.17 5.60 34.16
CA ALA D 339 26.31 5.02 33.15
C ALA D 339 26.28 5.90 31.89
N THR D 340 25.97 5.31 30.73
CA THR D 340 25.90 6.04 29.47
C THR D 340 24.97 5.33 28.47
N TRP D 341 24.50 6.11 27.48
CA TRP D 341 23.44 5.79 26.53
C TRP D 341 23.41 7.09 25.72
N LYS D 342 22.95 7.15 24.48
CA LYS D 342 22.93 6.08 23.47
C LYS D 342 23.70 6.62 22.22
N1 UDP E . 2.79 -24.57 -6.05
C2 UDP E . 3.45 -25.15 -4.94
N3 UDP E . 4.02 -26.37 -5.09
C4 UDP E . 3.96 -27.02 -6.24
C5 UDP E . 3.33 -26.49 -7.35
C6 UDP E . 2.74 -25.23 -7.22
O2 UDP E . 3.50 -24.54 -3.85
O4 UDP E . 4.50 -28.11 -6.36
C1' UDP E . 2.15 -23.25 -5.92
C2' UDP E . 2.82 -22.08 -6.64
O2' UDP E . 3.91 -21.46 -5.98
C3' UDP E . 1.70 -21.07 -6.71
C4' UDP E . 0.49 -21.98 -6.97
O4' UDP E . 0.88 -23.31 -6.56
O3' UDP E . 1.61 -20.38 -5.47
C5' UDP E . 0.24 -22.03 -8.45
O5' UDP E . -0.74 -21.05 -8.72
PA UDP E . -0.88 -20.36 -10.16
O1A UDP E . -1.83 -19.13 -10.11
O2A UDP E . 0.46 -19.99 -10.82
O3A UDP E . -1.56 -21.50 -11.07
PB UDP E . -3.08 -22.00 -10.79
O1B UDP E . -4.06 -21.30 -11.75
O2B UDP E . -3.47 -21.63 -9.23
O3B UDP E . -3.11 -23.52 -10.91
C1 GOL F . -5.53 -15.28 -8.97
O1 GOL F . -5.35 -14.10 -9.78
C2 GOL F . -4.41 -16.36 -8.95
O2 GOL F . -3.95 -16.58 -7.63
C3 GOL F . -4.86 -17.72 -9.55
O3 GOL F . -4.54 -18.80 -8.68
N1 UDP G . -19.36 -41.49 -17.78
C2 UDP G . -18.77 -42.48 -18.63
N3 UDP G . -17.86 -43.33 -18.12
C4 UDP G . -17.54 -43.28 -16.83
C5 UDP G . -18.10 -42.31 -15.98
C6 UDP G . -19.03 -41.40 -16.47
O2 UDP G . -19.09 -42.56 -19.84
O4 UDP G . -16.71 -44.09 -16.39
C1' UDP G . -20.31 -40.54 -18.35
C2' UDP G . -21.71 -40.68 -17.78
O2' UDP G . -22.41 -41.74 -18.45
C3' UDP G . -22.31 -39.31 -18.07
C4' UDP G . -21.13 -38.35 -17.93
O4' UDP G . -19.94 -39.18 -18.03
O3' UDP G . -22.70 -39.31 -19.45
C5' UDP G . -21.15 -37.69 -16.56
O5' UDP G . -21.51 -36.32 -16.75
PA UDP G . -22.40 -35.68 -15.61
O1A UDP G . -22.98 -34.36 -16.09
O2A UDP G . -23.46 -36.55 -14.91
O3A UDP G . -21.29 -35.47 -14.49
PB UDP G . -20.27 -34.24 -14.70
O1B UDP G . -21.00 -32.93 -14.35
O2B UDP G . -19.86 -34.32 -16.30
O3B UDP G . -19.08 -34.42 -13.78
C1 GOL H . -25.23 -29.88 -17.40
O1 GOL H . -26.38 -29.48 -18.20
C2 GOL H . -24.74 -31.34 -17.57
O2 GOL H . -24.52 -31.57 -18.94
C3 GOL H . -23.43 -31.60 -16.81
O3 GOL H . -22.32 -31.81 -17.70
N1 UDP I . 14.43 35.58 -1.47
C2 UDP I . 13.43 35.94 -2.44
N3 UDP I . 12.65 36.98 -2.22
C4 UDP I . 12.76 37.71 -1.10
C5 UDP I . 13.71 37.40 -0.14
C6 UDP I . 14.53 36.29 -0.34
O2 UDP I . 13.27 35.29 -3.51
O4 UDP I . 11.99 38.67 -0.98
C1' UDP I . 15.25 34.37 -1.72
C2' UDP I . 16.75 34.55 -1.87
O2' UDP I . 17.16 34.85 -3.19
C3' UDP I . 17.27 33.15 -1.51
C4' UDP I . 16.36 32.74 -0.39
O4' UDP I . 15.16 33.49 -0.58
O3' UDP I . 17.09 32.28 -2.64
C5' UDP I . 17.00 33.06 0.95
O5' UDP I . 17.70 31.86 1.21
PA UDP I . 19.01 31.74 2.13
O1A UDP I . 19.59 30.31 2.10
O2A UDP I . 20.08 32.79 1.84
O3A UDP I . 18.43 32.12 3.58
PB UDP I . 17.49 31.07 4.36
O1B UDP I . 18.32 30.56 5.58
O2B UDP I . 16.96 29.88 3.36
O3B UDP I . 16.26 31.91 4.74
C1 GOL J . 20.96 25.76 2.88
O1 GOL J . 21.94 24.89 2.30
C2 GOL J . 20.13 26.66 1.93
O2 GOL J . 19.38 25.89 1.00
C3 GOL J . 19.12 27.55 2.69
O3 GOL J . 18.04 26.88 3.33
N1 UDP K . 1.92 30.17 25.86
C2 UDP K . 1.76 31.33 26.63
N3 UDP K . 1.07 32.37 26.12
C4 UDP K . 0.50 32.31 24.91
C5 UDP K . 0.64 31.17 24.13
C6 UDP K . 1.37 30.10 24.64
O2 UDP K . 2.26 31.39 27.78
O4 UDP K . -0.15 33.29 24.48
C1' UDP K . 2.71 29.05 26.41
C2' UDP K . 1.87 27.86 26.83
O2' UDP K . 1.24 27.98 28.13
C3' UDP K . 2.88 26.74 26.73
C4' UDP K . 3.84 27.15 25.63
O4' UDP K . 3.63 28.54 25.43
O3' UDP K . 3.61 26.61 27.95
C5' UDP K . 3.55 26.41 24.31
O5' UDP K . 4.57 25.44 24.03
PA UDP K . 4.17 23.92 23.63
O1A UDP K . 5.18 22.86 24.11
O2A UDP K . 2.74 23.53 24.06
O3A UDP K . 4.11 24.07 22.04
PB UDP K . 5.26 24.78 21.20
O1B UDP K . 5.75 23.73 20.20
O2B UDP K . 6.40 25.25 22.29
O3B UDP K . 4.69 26.01 20.49
C1 GOL L . 8.65 19.80 24.46
O1 GOL L . 9.39 19.10 25.49
C2 GOL L . 8.06 21.19 24.80
O2 GOL L . 8.70 21.87 25.88
C3 GOL L . 8.02 22.11 23.57
O3 GOL L . 8.46 23.43 23.90
#